data_2FY1
#
_entry.id   2FY1
#
loop_
_entity.id
_entity.type
_entity.pdbx_description
1 polymer 'S1A stem-loop RNA'
2 polymer 'RNA-binding motif protein, Y chromosome, family 1 member A1'
#
loop_
_entity_poly.entity_id
_entity_poly.type
_entity_poly.pdbx_seq_one_letter_code
_entity_poly.pdbx_strand_id
1 'polyribonucleotide' GGACUGUCCACAAGACAGUCC B
2 'polypeptide(L)'
;MVEADHPGKLFIGGLNRETNEKMLKAVFGKHGPISEVLLIKDRTSKSRGFAFITFENPADAKNAAKDMNGKSLHGKAIKV
EQAKKPSFQSGGRRRPPASSRNRSPSGSLEHHHHHH
;
A
#
# COMPACT_ATOMS: atom_id res chain seq x y z
N MET B 1 18.04 -7.58 -4.58
CA MET B 1 17.76 -6.93 -3.28
C MET B 1 16.70 -7.73 -2.52
N VAL B 2 16.96 -8.02 -1.24
CA VAL B 2 16.08 -8.80 -0.33
C VAL B 2 16.09 -8.24 1.11
N GLU B 3 16.66 -7.05 1.32
CA GLU B 3 16.94 -6.44 2.63
C GLU B 3 15.69 -6.10 3.47
N ALA B 4 14.49 -6.16 2.87
CA ALA B 4 13.18 -6.07 3.52
C ALA B 4 12.21 -7.18 3.03
N ASP B 5 12.74 -8.23 2.40
CA ASP B 5 11.92 -9.20 1.62
C ASP B 5 11.47 -8.58 0.27
N HIS B 6 10.84 -9.37 -0.60
CA HIS B 6 10.53 -9.02 -1.98
C HIS B 6 9.04 -9.15 -2.43
N PRO B 7 8.00 -9.10 -1.56
CA PRO B 7 6.61 -9.28 -1.98
C PRO B 7 6.05 -8.11 -2.82
N GLY B 8 6.71 -6.94 -2.83
CA GLY B 8 6.21 -5.73 -3.49
C GLY B 8 4.85 -5.29 -2.96
N LYS B 9 4.69 -5.31 -1.63
CA LYS B 9 3.38 -5.17 -0.98
C LYS B 9 3.60 -4.07 0.06
N LEU B 10 2.74 -3.06 -0.01
CA LEU B 10 3.06 -1.78 0.56
C LEU B 10 1.87 -1.21 1.37
N PHE B 11 2.13 -0.62 2.54
CA PHE B 11 1.15 -0.19 3.55
C PHE B 11 0.98 1.33 3.50
N ILE B 12 -0.27 1.78 3.36
CA ILE B 12 -0.60 3.18 3.47
C ILE B 12 -1.47 3.27 4.70
N GLY B 13 -1.02 4.16 5.57
CA GLY B 13 -1.67 4.46 6.81
C GLY B 13 -2.36 5.79 6.70
N GLY B 14 -3.65 5.68 6.99
CA GLY B 14 -4.53 6.83 7.07
C GLY B 14 -5.92 6.39 6.87
N LEU B 15 -6.39 6.68 5.67
CA LEU B 15 -7.74 6.31 5.24
C LEU B 15 -8.92 6.85 6.00
N ASN B 16 -8.74 6.99 7.30
CA ASN B 16 -9.51 7.69 8.27
C ASN B 16 -11.04 7.48 8.22
N ARG B 17 -11.47 6.36 7.62
CA ARG B 17 -12.86 6.08 7.23
C ARG B 17 -13.46 7.25 6.42
N GLU B 18 -12.61 7.87 5.61
CA GLU B 18 -12.80 9.13 4.90
C GLU B 18 -12.44 8.98 3.42
N THR B 19 -11.21 8.50 3.11
CA THR B 19 -10.77 8.29 1.71
C THR B 19 -10.76 6.80 1.28
N ASN B 20 -10.46 6.47 0.02
CA ASN B 20 -10.80 5.14 -0.55
C ASN B 20 -9.84 4.55 -1.61
N GLU B 21 -10.27 3.41 -2.20
CA GLU B 21 -9.56 2.79 -3.37
C GLU B 21 -9.07 3.79 -4.43
N LYS B 22 -9.84 4.87 -4.59
CA LYS B 22 -9.45 6.02 -5.40
C LYS B 22 -8.10 6.58 -4.96
N MET B 23 -7.99 7.05 -3.71
CA MET B 23 -6.72 7.45 -3.19
C MET B 23 -5.67 6.34 -3.27
N LEU B 24 -6.05 5.08 -3.05
CA LEU B 24 -5.08 3.99 -3.08
C LEU B 24 -4.33 3.97 -4.43
N LYS B 25 -5.03 3.76 -5.55
CA LYS B 25 -4.40 3.89 -6.87
C LYS B 25 -3.75 5.24 -7.10
N ALA B 26 -4.32 6.33 -6.59
CA ALA B 26 -3.69 7.63 -6.62
C ALA B 26 -2.26 7.62 -6.00
N VAL B 27 -2.28 7.56 -4.66
CA VAL B 27 -1.06 7.64 -3.84
C VAL B 27 -0.01 6.66 -4.28
N PHE B 28 -0.34 5.38 -4.22
CA PHE B 28 0.55 4.36 -4.69
C PHE B 28 0.94 4.46 -6.16
N GLY B 29 -0.06 4.54 -7.03
CA GLY B 29 0.20 4.72 -8.45
C GLY B 29 1.03 5.93 -8.82
N LYS B 30 1.21 6.89 -7.90
CA LYS B 30 2.03 8.08 -8.17
C LYS B 30 3.39 7.71 -8.82
N HIS B 31 3.97 6.62 -8.34
CA HIS B 31 5.23 6.09 -8.88
C HIS B 31 5.26 4.57 -9.19
N GLY B 32 4.12 3.88 -9.43
CA GLY B 32 4.14 2.50 -9.90
C GLY B 32 2.83 2.02 -10.56
N PRO B 33 2.80 0.76 -11.04
CA PRO B 33 1.69 0.15 -11.75
C PRO B 33 0.49 -0.26 -10.87
N ILE B 34 0.71 -1.24 -9.98
CA ILE B 34 -0.32 -1.71 -9.02
C ILE B 34 -1.16 -2.84 -9.61
N SER B 35 -0.92 -4.08 -9.16
CA SER B 35 -1.60 -5.30 -9.59
C SER B 35 -2.67 -5.73 -8.57
N GLU B 36 -2.61 -5.21 -7.32
CA GLU B 36 -3.65 -5.51 -6.32
C GLU B 36 -3.92 -4.33 -5.40
N VAL B 37 -5.18 -4.18 -4.96
CA VAL B 37 -5.67 -3.04 -4.17
C VAL B 37 -6.53 -3.56 -3.01
N LEU B 38 -6.13 -3.22 -1.78
CA LEU B 38 -6.71 -3.71 -0.53
C LEU B 38 -6.93 -2.58 0.47
N LEU B 39 -8.08 -2.56 1.12
CA LEU B 39 -8.37 -1.72 2.25
C LEU B 39 -8.92 -2.63 3.36
N ILE B 40 -8.42 -2.43 4.58
CA ILE B 40 -8.57 -3.40 5.65
C ILE B 40 -9.63 -2.90 6.62
N LYS B 41 -10.49 -3.89 6.97
CA LYS B 41 -11.74 -3.69 7.71
C LYS B 41 -11.92 -4.83 8.75
N ASP B 42 -13.16 -5.28 8.98
CA ASP B 42 -13.62 -6.16 10.08
C ASP B 42 -15.07 -6.58 9.79
N ARG B 43 -15.55 -7.81 10.10
CA ARG B 43 -16.88 -8.36 9.70
C ARG B 43 -17.23 -8.28 8.22
N THR B 44 -16.32 -7.84 7.35
CA THR B 44 -16.71 -7.45 5.96
C THR B 44 -17.60 -6.18 5.96
N SER B 45 -17.58 -5.53 7.14
CA SER B 45 -18.04 -4.13 7.33
C SER B 45 -18.53 -3.68 8.74
N LYS B 46 -17.96 -4.27 9.82
CA LYS B 46 -17.96 -3.60 11.16
C LYS B 46 -17.34 -2.16 10.93
N SER B 47 -16.32 -2.09 10.04
CA SER B 47 -15.92 -0.83 9.36
C SER B 47 -14.87 0.13 9.92
N ARG B 48 -13.60 -0.09 9.53
CA ARG B 48 -12.47 0.85 9.60
C ARG B 48 -11.81 0.89 8.21
N GLY B 49 -10.71 1.61 8.07
CA GLY B 49 -9.88 1.66 6.85
C GLY B 49 -8.35 1.62 7.05
N PHE B 50 -7.63 0.59 6.60
CA PHE B 50 -6.14 0.66 6.43
C PHE B 50 -5.63 0.03 5.13
N ALA B 51 -4.71 0.61 4.36
CA ALA B 51 -4.47 0.19 2.98
C ALA B 51 -3.22 -0.62 2.71
N PHE B 52 -3.44 -1.67 1.92
CA PHE B 52 -2.41 -2.48 1.35
C PHE B 52 -2.47 -2.46 -0.18
N ILE B 53 -1.35 -2.31 -0.88
CA ILE B 53 -1.32 -2.38 -2.35
C ILE B 53 -0.14 -3.26 -2.80
N THR B 54 -0.39 -4.15 -3.76
CA THR B 54 0.68 -4.96 -4.37
C THR B 54 0.99 -4.41 -5.75
N PHE B 55 2.29 -4.27 -6.00
CA PHE B 55 2.92 -3.71 -7.19
C PHE B 55 3.50 -4.84 -8.05
N GLU B 56 3.27 -4.76 -9.37
CA GLU B 56 3.92 -5.67 -10.35
C GLU B 56 5.44 -5.90 -10.11
N ASN B 57 6.16 -4.94 -9.52
CA ASN B 57 7.54 -5.17 -9.05
C ASN B 57 7.76 -4.49 -7.67
N PRO B 58 8.64 -5.05 -6.82
CA PRO B 58 9.03 -4.47 -5.52
C PRO B 58 9.74 -3.13 -5.68
N ALA B 59 10.47 -2.99 -6.80
CA ALA B 59 11.01 -1.71 -7.24
C ALA B 59 9.99 -0.59 -7.11
N ASP B 60 8.89 -0.78 -7.84
CA ASP B 60 7.81 0.16 -7.87
C ASP B 60 7.17 0.48 -6.51
N ALA B 61 7.06 -0.54 -5.64
CA ALA B 61 6.68 -0.31 -4.25
C ALA B 61 7.61 0.69 -3.55
N LYS B 62 8.91 0.42 -3.66
CA LYS B 62 9.97 1.32 -3.14
C LYS B 62 9.87 2.73 -3.72
N ASN B 63 9.66 2.79 -5.02
CA ASN B 63 9.43 4.04 -5.73
C ASN B 63 8.26 4.85 -5.17
N ALA B 64 7.05 4.28 -5.17
CA ALA B 64 5.89 4.90 -4.56
C ALA B 64 6.11 5.24 -3.06
N ALA B 65 6.81 4.40 -2.30
CA ALA B 65 7.27 4.76 -0.97
C ALA B 65 8.12 6.06 -0.96
N LYS B 66 9.26 6.04 -1.65
CA LYS B 66 10.27 7.11 -1.69
C LYS B 66 9.66 8.44 -2.11
N ASP B 67 8.77 8.35 -3.11
CA ASP B 67 7.89 9.45 -3.48
C ASP B 67 7.04 10.01 -2.32
N MET B 68 6.18 9.10 -1.85
CA MET B 68 5.06 9.46 -0.95
C MET B 68 5.49 9.76 0.49
N ASN B 69 5.63 8.71 1.32
CA ASN B 69 6.34 8.80 2.62
C ASN B 69 6.19 10.08 3.48
N GLY B 70 4.95 10.53 3.68
CA GLY B 70 4.62 11.72 4.46
C GLY B 70 4.17 12.93 3.66
N LYS B 71 3.49 12.66 2.54
CA LYS B 71 2.77 13.69 1.82
C LYS B 71 1.36 13.72 2.41
N SER B 72 0.45 14.53 1.88
CA SER B 72 -0.84 14.77 2.54
C SER B 72 -1.89 15.10 1.51
N LEU B 73 -2.99 14.34 1.59
CA LEU B 73 -3.96 14.32 0.47
C LEU B 73 -5.42 13.91 0.74
N HIS B 74 -5.80 13.61 1.98
CA HIS B 74 -7.22 13.43 2.37
C HIS B 74 -7.63 14.34 3.54
N GLY B 75 -7.07 15.56 3.59
CA GLY B 75 -7.18 16.41 4.79
C GLY B 75 -6.33 15.89 5.96
N LYS B 76 -5.39 14.99 5.63
CA LYS B 76 -4.48 14.39 6.60
C LYS B 76 -3.27 13.96 5.78
N ALA B 77 -2.20 13.69 6.50
CA ALA B 77 -1.05 13.04 5.92
C ALA B 77 -1.28 11.53 5.77
N ILE B 78 -0.55 11.01 4.80
CA ILE B 78 -0.41 9.56 4.61
C ILE B 78 0.97 9.12 5.08
N LYS B 79 0.97 7.97 5.74
CA LYS B 79 2.22 7.29 6.09
C LYS B 79 2.39 6.10 5.15
N VAL B 80 3.60 5.94 4.62
CA VAL B 80 3.92 4.89 3.64
C VAL B 80 5.09 4.03 4.11
N GLU B 81 4.83 2.74 4.33
CA GLU B 81 5.76 1.74 4.85
C GLU B 81 5.68 0.43 4.06
N GLN B 82 6.75 -0.39 4.04
CA GLN B 82 6.73 -1.66 3.30
C GLN B 82 6.04 -2.70 4.21
N ALA B 83 5.01 -3.37 3.68
CA ALA B 83 4.09 -4.18 4.48
C ALA B 83 4.72 -5.47 5.04
N LYS B 84 4.28 -5.83 6.25
CA LYS B 84 4.82 -6.99 6.98
C LYS B 84 3.71 -7.88 7.52
N LYS B 85 3.99 -9.18 7.66
CA LYS B 85 2.96 -10.18 8.00
C LYS B 85 2.15 -9.79 9.25
N PRO B 86 0.84 -10.12 9.30
CA PRO B 86 -0.07 -9.66 10.35
C PRO B 86 0.18 -10.34 11.72
N SER B 87 0.99 -11.41 11.76
CA SER B 87 1.35 -12.19 12.96
C SER B 87 2.83 -12.61 12.89
N PHE B 88 3.42 -12.95 14.04
CA PHE B 88 4.81 -13.43 14.16
C PHE B 88 5.05 -14.77 13.43
N GLN B 89 6.31 -15.03 13.05
CA GLN B 89 6.77 -16.32 12.51
C GLN B 89 8.24 -16.63 12.85
N SER B 90 9.14 -15.64 12.79
CA SER B 90 10.57 -15.81 13.08
C SER B 90 11.27 -14.51 13.54
N GLY B 91 11.02 -13.38 12.85
CA GLY B 91 11.46 -12.03 13.27
C GLY B 91 12.02 -11.21 12.12
N GLY B 92 11.37 -10.11 11.74
CA GLY B 92 11.73 -9.25 10.60
C GLY B 92 11.43 -9.84 9.21
N ARG B 93 11.45 -11.18 9.08
CA ARG B 93 11.09 -11.94 7.88
C ARG B 93 10.39 -13.26 8.25
N ARG B 94 9.54 -13.75 7.35
CA ARG B 94 8.89 -15.08 7.32
C ARG B 94 9.87 -16.26 7.41
N ARG B 95 10.98 -16.19 6.65
CA ARG B 95 11.99 -17.25 6.39
C ARG B 95 11.49 -18.71 6.55
N PRO B 96 10.51 -19.18 5.75
CA PRO B 96 9.91 -20.51 5.89
C PRO B 96 10.92 -21.68 5.87
N PRO B 97 10.63 -22.79 6.58
CA PRO B 97 11.48 -23.99 6.60
C PRO B 97 11.42 -24.78 5.27
N ALA B 98 12.40 -25.65 5.05
CA ALA B 98 12.45 -26.57 3.90
C ALA B 98 11.31 -27.62 3.94
N SER B 99 10.79 -27.99 2.77
CA SER B 99 9.74 -29.01 2.57
C SER B 99 9.72 -29.55 1.14
N SER B 100 8.97 -30.64 0.89
CA SER B 100 8.72 -31.18 -0.46
C SER B 100 7.43 -32.00 -0.54
N ARG B 101 7.28 -33.04 0.30
CA ARG B 101 6.16 -34.01 0.28
C ARG B 101 5.80 -34.54 1.67
N ASN B 102 5.95 -33.72 2.71
CA ASN B 102 5.48 -34.03 4.09
C ASN B 102 3.97 -34.39 4.12
N ARG B 103 3.50 -35.06 5.17
CA ARG B 103 2.11 -35.54 5.33
C ARG B 103 1.08 -34.40 5.17
N SER B 104 0.06 -34.62 4.34
CA SER B 104 -1.08 -33.71 4.14
C SER B 104 -1.90 -33.51 5.44
N PRO B 105 -2.56 -32.35 5.64
CA PRO B 105 -3.29 -31.99 6.87
C PRO B 105 -4.68 -32.69 6.99
N SER B 106 -4.74 -34.00 6.71
CA SER B 106 -5.96 -34.83 6.75
C SER B 106 -5.64 -36.27 7.13
N GLY B 107 -6.63 -37.01 7.64
CA GLY B 107 -6.51 -38.41 8.08
C GLY B 107 -7.80 -38.95 8.73
N SER B 108 -7.77 -40.24 9.09
CA SER B 108 -8.87 -40.97 9.75
C SER B 108 -9.32 -40.34 11.08
N MET B 1 17.95 -10.62 -7.29
CA MET B 1 18.40 -9.57 -6.33
C MET B 1 17.41 -8.40 -6.31
N VAL B 2 17.14 -7.84 -5.12
CA VAL B 2 16.32 -6.62 -4.93
C VAL B 2 16.80 -5.82 -3.71
N GLU B 3 16.53 -4.51 -3.68
CA GLU B 3 16.88 -3.58 -2.59
C GLU B 3 15.81 -3.53 -1.47
N ALA B 4 15.12 -4.64 -1.24
CA ALA B 4 14.02 -4.83 -0.28
C ALA B 4 13.91 -6.32 0.15
N ASP B 5 12.84 -6.68 0.87
CA ASP B 5 12.55 -8.09 1.20
C ASP B 5 11.75 -8.84 0.09
N HIS B 6 11.72 -8.28 -1.13
CA HIS B 6 10.85 -8.68 -2.25
C HIS B 6 9.32 -8.76 -1.94
N PRO B 7 8.72 -7.86 -1.13
CA PRO B 7 7.31 -8.01 -0.73
C PRO B 7 6.31 -7.71 -1.86
N GLY B 8 6.62 -6.75 -2.75
CA GLY B 8 5.69 -6.22 -3.77
C GLY B 8 4.42 -5.57 -3.21
N LYS B 9 4.33 -5.41 -1.88
CA LYS B 9 3.07 -5.03 -1.21
C LYS B 9 3.32 -3.91 -0.19
N LEU B 10 2.43 -2.91 -0.20
CA LEU B 10 2.65 -1.66 0.55
C LEU B 10 1.48 -1.33 1.49
N PHE B 11 1.77 -0.79 2.67
CA PHE B 11 0.80 -0.29 3.65
C PHE B 11 0.80 1.24 3.61
N ILE B 12 -0.40 1.82 3.37
CA ILE B 12 -0.60 3.25 3.51
C ILE B 12 -1.49 3.39 4.72
N GLY B 13 -1.02 4.29 5.57
CA GLY B 13 -1.64 4.60 6.82
C GLY B 13 -2.21 5.99 6.76
N GLY B 14 -3.51 5.97 7.01
CA GLY B 14 -4.30 7.18 7.14
C GLY B 14 -5.73 6.85 7.00
N LEU B 15 -6.23 7.10 5.80
CA LEU B 15 -7.60 6.74 5.42
C LEU B 15 -8.74 7.36 6.18
N ASN B 16 -8.53 7.64 7.44
CA ASN B 16 -9.29 8.47 8.33
C ASN B 16 -10.82 8.31 8.27
N ARG B 17 -11.29 7.12 7.83
CA ARG B 17 -12.69 6.84 7.49
C ARG B 17 -13.25 7.92 6.53
N GLU B 18 -12.39 8.37 5.61
CA GLU B 18 -12.53 9.54 4.76
C GLU B 18 -12.14 9.24 3.30
N THR B 19 -10.94 8.68 3.04
CA THR B 19 -10.51 8.37 1.65
C THR B 19 -10.33 6.87 1.34
N ASN B 20 -10.10 6.52 0.05
CA ASN B 20 -10.23 5.11 -0.41
C ASN B 20 -9.48 4.86 -1.74
N GLU B 21 -9.83 3.83 -2.54
CA GLU B 21 -9.04 3.44 -3.73
C GLU B 21 -8.70 4.56 -4.77
N LYS B 22 -9.44 5.65 -4.58
CA LYS B 22 -9.10 6.89 -5.29
C LYS B 22 -7.68 7.28 -4.96
N MET B 23 -7.53 7.47 -3.63
CA MET B 23 -6.25 7.72 -3.05
C MET B 23 -5.32 6.59 -3.45
N LEU B 24 -5.83 5.35 -3.48
CA LEU B 24 -4.95 4.21 -3.71
C LEU B 24 -4.15 4.33 -5.01
N LYS B 25 -4.83 4.16 -6.15
CA LYS B 25 -4.16 4.29 -7.44
C LYS B 25 -3.49 5.64 -7.58
N ALA B 26 -4.06 6.68 -6.98
CA ALA B 26 -3.38 7.96 -6.87
C ALA B 26 -1.97 7.85 -6.23
N VAL B 27 -1.99 7.75 -4.90
CA VAL B 27 -0.79 7.84 -4.06
C VAL B 27 0.29 6.90 -4.53
N PHE B 28 -0.12 5.65 -4.63
CA PHE B 28 0.74 4.58 -5.04
C PHE B 28 1.12 4.62 -6.50
N GLY B 29 0.12 4.70 -7.38
CA GLY B 29 0.39 4.84 -8.79
C GLY B 29 1.25 6.02 -9.19
N LYS B 30 1.46 7.01 -8.30
CA LYS B 30 2.30 8.18 -8.61
C LYS B 30 3.65 7.78 -9.24
N HIS B 31 4.22 6.74 -8.67
CA HIS B 31 5.50 6.17 -9.14
C HIS B 31 5.51 4.64 -9.41
N GLY B 32 4.37 3.94 -9.61
CA GLY B 32 4.39 2.56 -10.06
C GLY B 32 3.10 2.10 -10.76
N PRO B 33 3.08 0.84 -11.24
CA PRO B 33 1.99 0.24 -12.01
C PRO B 33 0.74 -0.10 -11.18
N ILE B 34 0.87 -1.11 -10.30
CA ILE B 34 -0.22 -1.53 -9.41
C ILE B 34 -1.10 -2.61 -10.06
N SER B 35 -0.93 -3.86 -9.63
CA SER B 35 -1.65 -5.03 -10.10
C SER B 35 -2.71 -5.53 -9.09
N GLU B 36 -2.76 -4.98 -7.88
CA GLU B 36 -3.89 -5.24 -6.97
C GLU B 36 -4.05 -4.18 -5.88
N VAL B 37 -5.27 -4.03 -5.37
CA VAL B 37 -5.65 -3.00 -4.38
C VAL B 37 -6.50 -3.58 -3.26
N LEU B 38 -6.15 -3.19 -2.04
CA LEU B 38 -6.63 -3.67 -0.76
C LEU B 38 -6.92 -2.48 0.18
N LEU B 39 -8.05 -2.55 0.87
CA LEU B 39 -8.44 -1.63 1.95
C LEU B 39 -9.00 -2.46 3.12
N ILE B 40 -8.59 -2.14 4.35
CA ILE B 40 -8.82 -3.02 5.48
C ILE B 40 -9.94 -2.48 6.35
N LYS B 41 -10.81 -3.45 6.70
CA LYS B 41 -12.03 -3.24 7.49
C LYS B 41 -12.10 -4.31 8.62
N ASP B 42 -13.29 -4.85 8.90
CA ASP B 42 -13.67 -5.71 10.06
C ASP B 42 -15.10 -6.23 9.77
N ARG B 43 -15.51 -7.48 10.09
CA ARG B 43 -16.75 -8.21 9.67
C ARG B 43 -17.04 -8.28 8.17
N THR B 44 -16.26 -7.57 7.36
CA THR B 44 -16.63 -7.22 5.96
C THR B 44 -17.41 -5.88 5.92
N SER B 45 -17.60 -5.26 7.12
CA SER B 45 -18.04 -3.86 7.27
C SER B 45 -18.53 -3.42 8.70
N LYS B 46 -17.95 -3.93 9.80
CA LYS B 46 -18.01 -3.23 11.13
C LYS B 46 -17.48 -1.76 10.84
N SER B 47 -16.46 -1.64 9.96
CA SER B 47 -16.14 -0.38 9.25
C SER B 47 -15.08 0.60 9.77
N ARG B 48 -13.82 0.40 9.32
CA ARG B 48 -12.69 1.35 9.37
C ARG B 48 -12.04 1.41 7.97
N GLY B 49 -10.90 2.06 7.85
CA GLY B 49 -10.07 2.05 6.64
C GLY B 49 -8.55 1.96 6.84
N PHE B 50 -7.87 0.92 6.34
CA PHE B 50 -6.37 0.97 6.16
C PHE B 50 -5.86 0.41 4.83
N ALA B 51 -4.90 1.00 4.13
CA ALA B 51 -4.68 0.65 2.72
C ALA B 51 -3.48 -0.23 2.45
N PHE B 52 -3.69 -1.24 1.60
CA PHE B 52 -2.66 -2.12 1.12
C PHE B 52 -2.58 -2.09 -0.42
N ILE B 53 -1.41 -2.02 -1.09
CA ILE B 53 -1.38 -2.09 -2.57
C ILE B 53 -0.29 -3.02 -3.10
N THR B 54 -0.62 -3.83 -4.10
CA THR B 54 0.30 -4.79 -4.74
C THR B 54 0.73 -4.26 -6.09
N PHE B 55 2.06 -4.18 -6.29
CA PHE B 55 2.76 -3.70 -7.46
C PHE B 55 3.35 -4.85 -8.28
N GLU B 56 3.20 -4.78 -9.61
CA GLU B 56 3.91 -5.69 -10.54
C GLU B 56 5.40 -5.95 -10.22
N ASN B 57 6.14 -4.99 -9.64
CA ASN B 57 7.50 -5.25 -9.11
C ASN B 57 7.72 -4.62 -7.72
N PRO B 58 8.60 -5.23 -6.88
CA PRO B 58 9.01 -4.69 -5.57
C PRO B 58 9.76 -3.37 -5.73
N ALA B 59 10.52 -3.24 -6.82
CA ALA B 59 11.10 -1.97 -7.23
C ALA B 59 10.10 -0.83 -7.19
N ASP B 60 9.06 -1.00 -8.01
CA ASP B 60 8.03 0.00 -8.16
C ASP B 60 7.26 0.31 -6.87
N ALA B 61 7.07 -0.73 -6.04
CA ALA B 61 6.58 -0.55 -4.68
C ALA B 61 7.45 0.45 -3.89
N LYS B 62 8.74 0.15 -3.83
CA LYS B 62 9.77 0.99 -3.19
C LYS B 62 9.79 2.42 -3.74
N ASN B 63 9.70 2.51 -5.06
CA ASN B 63 9.60 3.79 -5.75
C ASN B 63 8.44 4.65 -5.25
N ALA B 64 7.22 4.12 -5.35
CA ALA B 64 6.05 4.77 -4.78
C ALA B 64 6.20 5.05 -3.27
N ALA B 65 6.85 4.16 -2.50
CA ALA B 65 7.25 4.48 -1.12
C ALA B 65 8.11 5.74 -1.02
N LYS B 66 9.29 5.72 -1.62
CA LYS B 66 10.33 6.77 -1.59
C LYS B 66 9.78 8.11 -2.07
N ASP B 67 8.91 8.04 -3.06
CA ASP B 67 8.08 9.17 -3.45
C ASP B 67 7.25 9.73 -2.28
N MET B 68 6.38 8.83 -1.80
CA MET B 68 5.33 9.18 -0.84
C MET B 68 5.83 9.46 0.58
N ASN B 69 6.00 8.40 1.38
CA ASN B 69 6.75 8.46 2.64
C ASN B 69 6.61 9.72 3.53
N GLY B 70 5.36 10.14 3.76
CA GLY B 70 5.00 11.34 4.51
C GLY B 70 4.52 12.51 3.64
N LYS B 71 3.90 12.17 2.51
CA LYS B 71 3.17 13.15 1.71
C LYS B 71 1.82 13.39 2.39
N SER B 72 0.98 14.25 1.84
CA SER B 72 -0.30 14.59 2.46
C SER B 72 -1.31 15.00 1.42
N LEU B 73 -2.46 14.31 1.45
CA LEU B 73 -3.40 14.36 0.31
C LEU B 73 -4.89 14.06 0.53
N HIS B 74 -5.32 13.69 1.75
CA HIS B 74 -6.75 13.61 2.12
C HIS B 74 -7.07 14.58 3.27
N GLY B 75 -6.50 15.79 3.24
CA GLY B 75 -6.50 16.68 4.41
C GLY B 75 -5.75 16.06 5.61
N LYS B 76 -4.85 15.11 5.29
CA LYS B 76 -4.17 14.29 6.29
C LYS B 76 -2.95 13.76 5.56
N ALA B 77 -1.92 13.49 6.34
CA ALA B 77 -0.75 12.83 5.84
C ALA B 77 -0.96 11.33 5.67
N ILE B 78 -0.21 10.82 4.70
CA ILE B 78 -0.06 9.36 4.50
C ILE B 78 1.30 8.91 5.01
N LYS B 79 1.27 7.80 5.72
CA LYS B 79 2.50 7.11 6.10
C LYS B 79 2.62 5.87 5.21
N VAL B 80 3.81 5.65 4.67
CA VAL B 80 4.07 4.59 3.68
C VAL B 80 5.16 3.62 4.15
N GLU B 81 4.78 2.35 4.18
CA GLU B 81 5.51 1.22 4.76
C GLU B 81 5.49 0.01 3.81
N GLN B 82 6.55 -0.80 3.75
CA GLN B 82 6.52 -2.04 2.98
C GLN B 82 5.96 -3.13 3.88
N ALA B 83 4.91 -3.79 3.38
CA ALA B 83 4.07 -4.70 4.16
C ALA B 83 4.81 -5.97 4.64
N LYS B 84 4.28 -6.59 5.71
CA LYS B 84 5.00 -7.67 6.40
C LYS B 84 4.14 -8.91 6.72
N LYS B 85 3.18 -8.76 7.64
CA LYS B 85 2.20 -9.83 7.99
C LYS B 85 1.11 -9.28 8.91
N PRO B 86 -0.08 -9.89 8.96
CA PRO B 86 -1.09 -9.56 9.96
C PRO B 86 -0.85 -10.33 11.27
N SER B 87 -1.15 -9.68 12.40
CA SER B 87 -0.81 -10.15 13.75
C SER B 87 -1.62 -11.36 14.25
N PHE B 88 -2.73 -11.70 13.58
CA PHE B 88 -3.72 -12.67 14.05
C PHE B 88 -4.16 -13.72 12.99
N GLN B 89 -3.65 -13.63 11.75
CA GLN B 89 -4.10 -14.39 10.58
C GLN B 89 -2.95 -14.72 9.61
N SER B 90 -3.28 -15.38 8.48
CA SER B 90 -2.35 -15.75 7.41
C SER B 90 -2.87 -15.42 5.98
N GLY B 91 -3.96 -14.65 5.86
CA GLY B 91 -4.62 -14.36 4.57
C GLY B 91 -5.87 -13.47 4.65
N GLY B 92 -5.82 -12.38 5.44
CA GLY B 92 -6.98 -11.52 5.76
C GLY B 92 -7.46 -10.57 4.65
N ARG B 93 -7.31 -10.92 3.36
CA ARG B 93 -7.63 -10.07 2.20
C ARG B 93 -9.05 -9.48 2.23
N ARG B 94 -9.15 -8.17 2.00
CA ARG B 94 -10.38 -7.35 1.91
C ARG B 94 -10.34 -6.47 0.64
N ARG B 95 -11.48 -5.86 0.25
CA ARG B 95 -11.56 -4.86 -0.84
C ARG B 95 -12.68 -3.83 -0.61
N PRO B 96 -12.55 -2.58 -1.13
CA PRO B 96 -13.59 -1.55 -1.03
C PRO B 96 -14.65 -1.65 -2.15
N PRO B 97 -15.78 -0.93 -2.03
CA PRO B 97 -16.73 -0.75 -3.14
C PRO B 97 -16.16 0.21 -4.20
N ALA B 98 -16.81 0.31 -5.37
CA ALA B 98 -16.43 1.21 -6.45
C ALA B 98 -17.65 1.77 -7.20
N SER B 99 -17.57 3.05 -7.61
CA SER B 99 -18.60 3.77 -8.37
C SER B 99 -18.01 5.03 -9.02
N SER B 100 -18.73 5.60 -10.00
CA SER B 100 -18.45 6.91 -10.62
C SER B 100 -19.76 7.52 -11.14
N ARG B 101 -20.12 8.70 -10.62
CA ARG B 101 -21.41 9.38 -10.88
C ARG B 101 -21.32 10.91 -10.73
N ASN B 102 -22.36 11.62 -11.16
CA ASN B 102 -22.47 13.08 -11.11
C ASN B 102 -22.58 13.63 -9.66
N ARG B 103 -22.31 14.93 -9.47
CA ARG B 103 -22.40 15.65 -8.18
C ARG B 103 -22.81 17.11 -8.40
N SER B 104 -23.81 17.57 -7.65
CA SER B 104 -24.32 18.96 -7.70
C SER B 104 -23.27 19.97 -7.22
N PRO B 105 -23.09 21.14 -7.87
CA PRO B 105 -22.07 22.12 -7.47
C PRO B 105 -22.35 22.73 -6.09
N SER B 106 -21.28 23.22 -5.44
CA SER B 106 -21.29 23.71 -4.04
C SER B 106 -20.34 24.89 -3.84
N GLY B 107 -20.54 25.66 -2.77
CA GLY B 107 -19.70 26.80 -2.36
C GLY B 107 -20.17 27.46 -1.06
N SER B 108 -19.38 28.42 -0.57
CA SER B 108 -19.57 29.14 0.71
C SER B 108 -19.19 30.62 0.60
N MET B 1 15.13 -8.29 7.57
CA MET B 1 14.20 -7.77 6.53
C MET B 1 14.97 -6.92 5.52
N VAL B 2 14.82 -7.21 4.22
CA VAL B 2 15.43 -6.43 3.13
C VAL B 2 14.85 -5.01 3.08
N GLU B 3 15.68 -4.02 2.74
CA GLU B 3 15.32 -2.59 2.62
C GLU B 3 14.33 -2.31 1.46
N ALA B 4 13.06 -2.67 1.65
CA ALA B 4 11.95 -2.48 0.71
C ALA B 4 12.18 -3.09 -0.71
N ASP B 5 13.06 -4.09 -0.82
CA ASP B 5 13.50 -4.57 -2.14
C ASP B 5 13.42 -6.11 -2.26
N HIS B 6 12.40 -6.70 -1.61
CA HIS B 6 12.07 -8.13 -1.71
C HIS B 6 10.55 -8.38 -1.82
N PRO B 7 9.68 -8.01 -0.86
CA PRO B 7 8.23 -8.04 -1.06
C PRO B 7 7.77 -6.85 -1.93
N GLY B 8 6.65 -7.01 -2.65
CA GLY B 8 6.12 -6.04 -3.62
C GLY B 8 4.75 -5.45 -3.23
N LYS B 9 4.48 -5.41 -1.92
CA LYS B 9 3.15 -5.04 -1.40
C LYS B 9 3.32 -4.03 -0.26
N LEU B 10 2.49 -2.99 -0.28
CA LEU B 10 2.67 -1.82 0.58
C LEU B 10 1.54 -1.59 1.57
N PHE B 11 1.85 -1.08 2.76
CA PHE B 11 0.89 -0.60 3.75
C PHE B 11 0.89 0.94 3.73
N ILE B 12 -0.30 1.52 3.53
CA ILE B 12 -0.49 2.96 3.63
C ILE B 12 -1.42 3.15 4.81
N GLY B 13 -1.02 4.12 5.60
CA GLY B 13 -1.66 4.47 6.82
C GLY B 13 -2.26 5.84 6.72
N GLY B 14 -3.57 5.75 6.89
CA GLY B 14 -4.43 6.91 7.01
C GLY B 14 -5.84 6.49 6.82
N LEU B 15 -6.37 6.77 5.64
CA LEU B 15 -7.74 6.28 5.27
C LEU B 15 -8.92 6.65 6.21
N ASN B 16 -8.55 7.37 7.25
CA ASN B 16 -9.10 7.77 8.51
C ASN B 16 -10.55 8.23 8.55
N ARG B 17 -11.45 7.35 8.11
CA ARG B 17 -12.84 7.66 7.78
C ARG B 17 -12.90 8.83 6.77
N GLU B 18 -11.82 8.98 5.99
CA GLU B 18 -11.51 10.10 5.09
C GLU B 18 -11.31 9.59 3.68
N THR B 19 -10.27 8.76 3.48
CA THR B 19 -9.84 8.42 2.09
C THR B 19 -9.98 6.95 1.65
N ASN B 20 -9.83 6.68 0.33
CA ASN B 20 -10.23 5.39 -0.27
C ASN B 20 -9.44 5.03 -1.54
N GLU B 21 -9.89 4.03 -2.31
CA GLU B 21 -9.13 3.54 -3.49
C GLU B 21 -8.75 4.61 -4.55
N LYS B 22 -9.49 5.73 -4.53
CA LYS B 22 -9.05 6.95 -5.20
C LYS B 22 -7.62 7.26 -4.77
N MET B 23 -7.43 7.44 -3.46
CA MET B 23 -6.10 7.63 -2.92
C MET B 23 -5.17 6.48 -3.31
N LEU B 24 -5.73 5.27 -3.32
CA LEU B 24 -4.90 4.11 -3.55
C LEU B 24 -4.10 4.24 -4.83
N LYS B 25 -4.79 4.18 -5.98
CA LYS B 25 -4.14 4.43 -7.27
C LYS B 25 -3.42 5.76 -7.31
N ALA B 26 -3.94 6.77 -6.59
CA ALA B 26 -3.24 8.02 -6.40
C ALA B 26 -1.81 7.85 -5.83
N VAL B 27 -1.77 7.75 -4.50
CA VAL B 27 -0.53 7.76 -3.72
C VAL B 27 0.45 6.76 -4.27
N PHE B 28 -0.04 5.55 -4.44
CA PHE B 28 0.78 4.48 -4.89
C PHE B 28 1.16 4.59 -6.37
N GLY B 29 0.15 4.72 -7.23
CA GLY B 29 0.44 4.92 -8.65
C GLY B 29 1.33 6.10 -8.99
N LYS B 30 1.54 7.05 -8.06
CA LYS B 30 2.40 8.23 -8.33
C LYS B 30 3.77 7.85 -8.88
N HIS B 31 4.28 6.76 -8.33
CA HIS B 31 5.57 6.18 -8.76
C HIS B 31 5.58 4.66 -9.05
N GLY B 32 4.44 3.98 -9.32
CA GLY B 32 4.47 2.60 -9.81
C GLY B 32 3.24 2.19 -10.64
N PRO B 33 3.24 0.95 -11.15
CA PRO B 33 2.17 0.37 -11.95
C PRO B 33 0.90 0.02 -11.13
N ILE B 34 0.99 -1.02 -10.29
CA ILE B 34 -0.10 -1.42 -9.39
C ILE B 34 -1.06 -2.41 -10.07
N SER B 35 -0.97 -3.68 -9.72
CA SER B 35 -1.82 -4.75 -10.25
C SER B 35 -2.72 -5.38 -9.18
N GLU B 36 -2.69 -4.92 -7.92
CA GLU B 36 -3.73 -5.30 -6.94
C GLU B 36 -3.96 -4.24 -5.86
N VAL B 37 -5.20 -4.06 -5.41
CA VAL B 37 -5.63 -2.97 -4.52
C VAL B 37 -6.54 -3.44 -3.37
N LEU B 38 -6.19 -3.04 -2.14
CA LEU B 38 -6.80 -3.48 -0.87
C LEU B 38 -7.07 -2.33 0.12
N LEU B 39 -8.25 -2.34 0.75
CA LEU B 39 -8.61 -1.48 1.89
C LEU B 39 -9.10 -2.40 3.04
N ILE B 40 -8.65 -2.17 4.28
CA ILE B 40 -8.87 -3.12 5.37
C ILE B 40 -9.94 -2.57 6.32
N LYS B 41 -10.86 -3.50 6.67
CA LYS B 41 -12.03 -3.21 7.52
C LYS B 41 -12.09 -4.24 8.68
N ASP B 42 -13.28 -4.78 9.00
CA ASP B 42 -13.65 -5.61 10.17
C ASP B 42 -15.07 -6.15 9.88
N ARG B 43 -15.43 -7.41 10.16
CA ARG B 43 -16.67 -8.18 9.78
C ARG B 43 -17.00 -8.23 8.28
N THR B 44 -16.28 -7.49 7.45
CA THR B 44 -16.74 -7.16 6.06
C THR B 44 -17.55 -5.84 6.07
N SER B 45 -17.70 -5.24 7.28
CA SER B 45 -18.19 -3.85 7.47
C SER B 45 -18.66 -3.43 8.89
N LYS B 46 -18.06 -3.95 9.99
CA LYS B 46 -18.07 -3.25 11.31
C LYS B 46 -17.51 -1.79 11.02
N SER B 47 -16.53 -1.71 10.09
CA SER B 47 -16.21 -0.45 9.36
C SER B 47 -15.16 0.56 9.86
N ARG B 48 -13.91 0.36 9.42
CA ARG B 48 -12.80 1.32 9.42
C ARG B 48 -11.93 1.06 8.18
N GLY B 49 -10.84 1.79 8.04
CA GLY B 49 -10.00 1.84 6.81
C GLY B 49 -8.48 1.78 7.01
N PHE B 50 -7.80 0.80 6.40
CA PHE B 50 -6.32 0.84 6.19
C PHE B 50 -5.83 0.28 4.84
N ALA B 51 -4.83 0.83 4.17
CA ALA B 51 -4.57 0.52 2.75
C ALA B 51 -3.41 -0.40 2.48
N PHE B 52 -3.66 -1.35 1.58
CA PHE B 52 -2.67 -2.26 1.07
C PHE B 52 -2.59 -2.19 -0.47
N ILE B 53 -1.42 -2.05 -1.11
CA ILE B 53 -1.38 -2.11 -2.59
C ILE B 53 -0.24 -2.98 -3.13
N THR B 54 -0.53 -3.82 -4.11
CA THR B 54 0.42 -4.75 -4.75
C THR B 54 0.85 -4.25 -6.11
N PHE B 55 2.17 -4.14 -6.29
CA PHE B 55 2.89 -3.64 -7.44
C PHE B 55 3.51 -4.79 -8.24
N GLU B 56 3.38 -4.74 -9.56
CA GLU B 56 4.10 -5.66 -10.47
C GLU B 56 5.61 -5.88 -10.16
N ASN B 57 6.32 -4.94 -9.51
CA ASN B 57 7.68 -5.20 -8.98
C ASN B 57 7.91 -4.55 -7.60
N PRO B 58 8.80 -5.11 -6.77
CA PRO B 58 9.22 -4.55 -5.46
C PRO B 58 9.91 -3.19 -5.62
N ALA B 59 10.65 -3.04 -6.71
CA ALA B 59 11.19 -1.76 -7.13
C ALA B 59 10.16 -0.64 -7.09
N ASP B 60 9.15 -0.80 -7.93
CA ASP B 60 8.10 0.17 -8.07
C ASP B 60 7.32 0.46 -6.77
N ALA B 61 7.13 -0.60 -5.98
CA ALA B 61 6.60 -0.46 -4.63
C ALA B 61 7.43 0.51 -3.78
N LYS B 62 8.72 0.25 -3.72
CA LYS B 62 9.73 1.11 -3.04
C LYS B 62 9.71 2.54 -3.55
N ASN B 63 9.66 2.67 -4.88
CA ASN B 63 9.57 3.95 -5.54
C ASN B 63 8.38 4.77 -5.05
N ALA B 64 7.17 4.21 -5.17
CA ALA B 64 5.98 4.83 -4.61
C ALA B 64 6.11 5.11 -3.10
N ALA B 65 6.73 4.22 -2.33
CA ALA B 65 7.09 4.50 -0.94
C ALA B 65 7.96 5.77 -0.78
N LYS B 66 9.21 5.74 -1.27
CA LYS B 66 10.22 6.80 -1.13
C LYS B 66 9.72 8.14 -1.64
N ASP B 67 8.92 8.10 -2.70
CA ASP B 67 8.13 9.25 -3.13
C ASP B 67 7.23 9.81 -2.01
N MET B 68 6.32 8.92 -1.62
CA MET B 68 5.19 9.30 -0.74
C MET B 68 5.59 9.58 0.70
N ASN B 69 5.66 8.50 1.50
CA ASN B 69 6.32 8.52 2.81
C ASN B 69 6.19 9.78 3.70
N GLY B 70 4.98 10.31 3.81
CA GLY B 70 4.65 11.51 4.58
C GLY B 70 4.29 12.75 3.76
N LYS B 71 3.67 12.52 2.60
CA LYS B 71 3.02 13.58 1.86
C LYS B 71 1.55 13.63 2.31
N SER B 72 0.69 14.39 1.66
CA SER B 72 -0.65 14.67 2.19
C SER B 72 -1.65 15.03 1.09
N LEU B 73 -2.74 14.27 1.09
CA LEU B 73 -3.72 14.27 0.02
C LEU B 73 -5.16 13.91 0.46
N HIS B 74 -5.40 13.85 1.78
CA HIS B 74 -6.73 13.74 2.39
C HIS B 74 -6.89 14.62 3.66
N GLY B 75 -6.21 15.78 3.69
CA GLY B 75 -6.32 16.74 4.81
C GLY B 75 -5.75 16.27 6.16
N LYS B 76 -4.82 15.29 6.13
CA LYS B 76 -4.37 14.56 7.35
C LYS B 76 -2.96 13.93 7.24
N ALA B 77 -2.52 13.69 5.99
CA ALA B 77 -1.18 13.13 5.72
C ALA B 77 -1.14 11.59 5.80
N ILE B 78 -0.18 11.01 5.05
CA ILE B 78 -0.12 9.55 4.87
C ILE B 78 1.23 8.93 5.14
N LYS B 79 1.22 7.81 5.85
CA LYS B 79 2.43 7.05 6.14
C LYS B 79 2.52 5.78 5.30
N VAL B 80 3.71 5.53 4.73
CA VAL B 80 3.99 4.35 3.89
C VAL B 80 5.01 3.42 4.54
N GLU B 81 4.75 2.12 4.52
CA GLU B 81 5.68 1.05 4.86
C GLU B 81 5.62 -0.12 3.86
N GLN B 82 6.72 -0.85 3.65
CA GLN B 82 6.67 -2.07 2.84
C GLN B 82 6.07 -3.16 3.75
N ALA B 83 5.00 -3.82 3.29
CA ALA B 83 4.16 -4.66 4.13
C ALA B 83 4.84 -5.90 4.77
N LYS B 84 4.32 -6.23 5.95
CA LYS B 84 4.64 -7.50 6.63
C LYS B 84 3.45 -8.45 6.56
N LYS B 85 3.68 -9.75 6.82
CA LYS B 85 2.59 -10.72 7.04
C LYS B 85 1.69 -10.29 8.24
N PRO B 86 0.35 -10.48 8.17
CA PRO B 86 -0.58 -9.91 9.15
C PRO B 86 -0.42 -10.55 10.55
N SER B 87 -0.15 -9.71 11.56
CA SER B 87 0.16 -10.09 12.94
C SER B 87 1.15 -11.26 13.11
N PHE B 88 2.09 -11.41 12.18
CA PHE B 88 3.07 -12.51 12.15
C PHE B 88 4.16 -12.43 13.25
N GLN B 89 4.23 -11.32 14.00
CA GLN B 89 5.18 -11.10 15.10
C GLN B 89 4.52 -10.40 16.29
N SER B 90 5.04 -10.66 17.50
CA SER B 90 4.47 -10.21 18.79
C SER B 90 4.90 -8.79 19.19
N GLY B 91 4.17 -8.22 20.17
CA GLY B 91 4.44 -6.91 20.78
C GLY B 91 3.25 -5.94 20.66
N GLY B 92 3.17 -4.94 21.54
CA GLY B 92 2.24 -3.80 21.49
C GLY B 92 0.76 -4.07 21.78
N ARG B 93 0.20 -5.21 21.36
CA ARG B 93 -1.26 -5.52 21.39
C ARG B 93 -1.65 -6.97 21.71
N ARG B 94 -0.70 -7.93 21.71
CA ARG B 94 -0.98 -9.37 21.88
C ARG B 94 -1.41 -9.72 23.31
N ARG B 95 -2.36 -10.64 23.47
CA ARG B 95 -2.70 -11.25 24.77
C ARG B 95 -1.54 -12.13 25.29
N PRO B 96 -1.39 -12.35 26.60
CA PRO B 96 -0.35 -13.25 27.14
C PRO B 96 -0.35 -14.67 26.55
N PRO B 97 -1.45 -15.44 26.50
CA PRO B 97 -1.47 -16.78 25.89
C PRO B 97 -1.47 -16.72 24.35
N ALA B 98 -0.32 -16.96 23.72
CA ALA B 98 -0.11 -16.95 22.27
C ALA B 98 -0.77 -18.12 21.49
N SER B 99 -1.53 -19.00 22.16
CA SER B 99 -2.15 -20.20 21.58
C SER B 99 -3.53 -20.51 22.21
N SER B 100 -4.15 -21.62 21.82
CA SER B 100 -5.48 -22.08 22.24
C SER B 100 -5.61 -23.61 22.14
N ARG B 101 -6.57 -24.22 22.85
CA ARG B 101 -6.92 -25.65 22.69
C ARG B 101 -7.37 -26.01 21.26
N ASN B 102 -7.74 -25.02 20.44
CA ASN B 102 -8.04 -25.18 19.01
C ASN B 102 -6.83 -25.71 18.20
N ARG B 103 -5.61 -25.64 18.76
CA ARG B 103 -4.38 -26.28 18.23
C ARG B 103 -4.50 -27.80 18.10
N SER B 104 -5.38 -28.43 18.87
CA SER B 104 -5.51 -29.90 18.99
C SER B 104 -6.94 -30.35 18.68
N PRO B 105 -7.18 -31.15 17.63
CA PRO B 105 -8.51 -31.65 17.30
C PRO B 105 -9.00 -32.72 18.30
N SER B 106 -10.33 -32.86 18.41
CA SER B 106 -10.98 -33.80 19.34
C SER B 106 -10.93 -35.28 18.91
N GLY B 107 -10.41 -35.56 17.70
CA GLY B 107 -10.27 -36.89 17.13
C GLY B 107 -9.59 -36.89 15.74
N SER B 108 -9.48 -38.07 15.12
CA SER B 108 -8.92 -38.28 13.77
C SER B 108 -9.56 -37.42 12.68
N MET B 1 15.35 -7.15 -4.93
CA MET B 1 15.38 -6.84 -3.47
C MET B 1 13.96 -6.66 -2.94
N VAL B 2 13.55 -7.42 -1.92
CA VAL B 2 12.20 -7.36 -1.33
C VAL B 2 12.20 -7.84 0.14
N GLU B 3 11.22 -7.39 0.92
CA GLU B 3 10.91 -7.89 2.28
C GLU B 3 9.43 -8.26 2.47
N ALA B 4 8.52 -7.73 1.64
CA ALA B 4 7.08 -7.93 1.76
C ALA B 4 6.61 -9.40 1.73
N ASP B 5 7.07 -10.17 0.73
CA ASP B 5 6.72 -11.60 0.59
C ASP B 5 7.52 -12.21 -0.59
N HIS B 6 7.32 -11.62 -1.77
CA HIS B 6 8.06 -11.83 -3.03
C HIS B 6 7.74 -10.69 -4.02
N PRO B 7 6.45 -10.35 -4.31
CA PRO B 7 6.10 -9.11 -4.99
C PRO B 7 6.20 -7.94 -3.98
N GLY B 8 6.09 -6.71 -4.47
CA GLY B 8 6.12 -5.51 -3.61
C GLY B 8 4.75 -5.20 -3.03
N LYS B 9 4.59 -5.25 -1.70
CA LYS B 9 3.32 -4.92 -1.03
C LYS B 9 3.51 -3.81 -0.01
N LEU B 10 2.59 -2.85 -0.03
CA LEU B 10 2.76 -1.57 0.68
C LEU B 10 1.63 -1.30 1.66
N PHE B 11 1.95 -0.74 2.82
CA PHE B 11 1.01 -0.25 3.83
C PHE B 11 0.99 1.28 3.74
N ILE B 12 -0.23 1.83 3.54
CA ILE B 12 -0.44 3.26 3.64
C ILE B 12 -1.24 3.41 4.90
N GLY B 13 -0.68 4.27 5.73
CA GLY B 13 -1.24 4.63 6.98
C GLY B 13 -1.83 6.01 6.88
N GLY B 14 -3.14 6.00 7.14
CA GLY B 14 -3.91 7.21 7.27
C GLY B 14 -5.35 6.94 7.14
N LEU B 15 -5.81 7.19 5.93
CA LEU B 15 -7.19 6.92 5.54
C LEU B 15 -8.28 7.67 6.24
N ASN B 16 -8.05 8.03 7.49
CA ASN B 16 -8.79 8.93 8.32
C ASN B 16 -10.31 8.69 8.33
N ARG B 17 -10.74 7.49 7.91
CA ARG B 17 -12.12 7.13 7.56
C ARG B 17 -12.77 8.19 6.63
N GLU B 18 -11.91 8.78 5.80
CA GLU B 18 -12.11 9.89 4.90
C GLU B 18 -11.84 9.47 3.45
N THR B 19 -10.66 8.91 3.15
CA THR B 19 -10.29 8.51 1.77
C THR B 19 -10.31 7.00 1.49
N ASN B 20 -10.13 6.61 0.21
CA ASN B 20 -10.42 5.24 -0.25
C ASN B 20 -9.61 4.83 -1.49
N GLU B 21 -10.00 3.76 -2.19
CA GLU B 21 -9.22 3.21 -3.31
C GLU B 21 -8.85 4.18 -4.45
N LYS B 22 -9.62 5.26 -4.52
CA LYS B 22 -9.24 6.45 -5.29
C LYS B 22 -7.83 6.92 -4.87
N MET B 23 -7.66 7.19 -3.56
CA MET B 23 -6.33 7.41 -3.02
C MET B 23 -5.40 6.25 -3.33
N LEU B 24 -5.92 5.04 -3.28
CA LEU B 24 -5.07 3.87 -3.43
C LEU B 24 -4.26 3.93 -4.72
N LYS B 25 -4.93 3.77 -5.86
CA LYS B 25 -4.28 3.95 -7.15
C LYS B 25 -3.61 5.31 -7.29
N ALA B 26 -4.15 6.35 -6.66
CA ALA B 26 -3.48 7.63 -6.57
C ALA B 26 -2.05 7.52 -5.99
N VAL B 27 -2.04 7.49 -4.65
CA VAL B 27 -0.81 7.60 -3.86
C VAL B 27 0.21 6.56 -4.26
N PHE B 28 -0.24 5.33 -4.35
CA PHE B 28 0.63 4.26 -4.77
C PHE B 28 1.02 4.31 -6.25
N GLY B 29 0.04 4.53 -7.15
CA GLY B 29 0.39 4.76 -8.57
C GLY B 29 1.35 5.90 -8.83
N LYS B 30 1.57 6.77 -7.84
CA LYS B 30 2.56 7.88 -7.96
C LYS B 30 3.94 7.51 -8.52
N HIS B 31 4.30 6.24 -8.47
CA HIS B 31 5.50 5.77 -9.17
C HIS B 31 5.46 4.33 -9.73
N GLY B 32 4.31 3.61 -9.78
CA GLY B 32 4.30 2.21 -10.17
C GLY B 32 2.98 1.72 -10.77
N PRO B 33 2.95 0.42 -11.14
CA PRO B 33 1.83 -0.23 -11.83
C PRO B 33 0.61 -0.48 -10.93
N ILE B 34 0.70 -1.47 -10.04
CA ILE B 34 -0.35 -1.78 -9.06
C ILE B 34 -1.39 -2.75 -9.64
N SER B 35 -1.34 -4.02 -9.23
CA SER B 35 -2.31 -5.05 -9.63
C SER B 35 -2.95 -5.75 -8.43
N GLU B 36 -2.84 -5.20 -7.22
CA GLU B 36 -3.66 -5.65 -6.08
C GLU B 36 -3.98 -4.46 -5.16
N VAL B 37 -5.24 -4.31 -4.74
CA VAL B 37 -5.72 -3.12 -4.01
C VAL B 37 -6.61 -3.52 -2.82
N LEU B 38 -6.23 -3.04 -1.63
CA LEU B 38 -6.79 -3.43 -0.35
C LEU B 38 -7.10 -2.25 0.58
N LEU B 39 -8.27 -2.31 1.22
CA LEU B 39 -8.68 -1.41 2.31
C LEU B 39 -9.02 -2.31 3.51
N ILE B 40 -8.56 -1.95 4.73
CA ILE B 40 -8.68 -2.85 5.88
C ILE B 40 -9.79 -2.35 6.80
N LYS B 41 -10.63 -3.34 7.16
CA LYS B 41 -11.92 -3.12 7.88
C LYS B 41 -12.11 -4.23 8.96
N ASP B 42 -13.33 -4.73 9.18
CA ASP B 42 -13.79 -5.61 10.29
C ASP B 42 -15.23 -6.10 9.94
N ARG B 43 -15.63 -7.38 10.13
CA ARG B 43 -16.87 -8.05 9.61
C ARG B 43 -17.19 -7.91 8.12
N THR B 44 -16.29 -7.21 7.39
CA THR B 44 -16.56 -6.72 6.02
C THR B 44 -17.15 -5.31 6.12
N SER B 45 -17.78 -4.95 7.25
CA SER B 45 -18.09 -3.54 7.56
C SER B 45 -18.51 -3.08 9.00
N LYS B 46 -18.03 -3.69 10.10
CA LYS B 46 -18.05 -3.04 11.45
C LYS B 46 -17.44 -1.59 11.26
N SER B 47 -16.43 -1.48 10.37
CA SER B 47 -16.03 -0.20 9.73
C SER B 47 -14.90 0.68 10.28
N ARG B 48 -13.67 0.43 9.80
CA ARG B 48 -12.47 1.28 9.85
C ARG B 48 -11.78 1.23 8.48
N GLY B 49 -10.71 1.99 8.34
CA GLY B 49 -9.90 2.13 7.10
C GLY B 49 -8.37 2.09 7.24
N PHE B 50 -7.69 1.05 6.73
CA PHE B 50 -6.20 1.09 6.50
C PHE B 50 -5.74 0.51 5.16
N ALA B 51 -4.74 1.07 4.47
CA ALA B 51 -4.51 0.73 3.07
C ALA B 51 -3.35 -0.18 2.79
N PHE B 52 -3.60 -1.15 1.93
CA PHE B 52 -2.59 -2.07 1.44
C PHE B 52 -2.58 -2.12 -0.10
N ILE B 53 -1.43 -2.03 -0.80
CA ILE B 53 -1.42 -2.21 -2.27
C ILE B 53 -0.27 -3.11 -2.73
N THR B 54 -0.51 -4.05 -3.66
CA THR B 54 0.57 -4.84 -4.29
C THR B 54 0.83 -4.36 -5.72
N PHE B 55 2.13 -4.20 -5.97
CA PHE B 55 2.79 -3.77 -7.20
C PHE B 55 3.41 -4.99 -7.87
N GLU B 56 3.14 -5.14 -9.17
CA GLU B 56 3.76 -6.19 -9.98
C GLU B 56 5.30 -6.28 -9.92
N ASN B 57 6.03 -5.23 -9.48
CA ASN B 57 7.45 -5.35 -9.12
C ASN B 57 7.74 -4.70 -7.74
N PRO B 58 8.66 -5.28 -6.95
CA PRO B 58 9.11 -4.75 -5.65
C PRO B 58 9.83 -3.41 -5.81
N ALA B 59 10.59 -3.31 -6.91
CA ALA B 59 11.15 -2.04 -7.36
C ALA B 59 10.15 -0.89 -7.26
N ASP B 60 9.09 -1.04 -8.03
CA ASP B 60 8.07 -0.03 -8.15
C ASP B 60 7.34 0.29 -6.85
N ALA B 61 7.13 -0.73 -6.03
CA ALA B 61 6.61 -0.55 -4.67
C ALA B 61 7.47 0.43 -3.87
N LYS B 62 8.75 0.10 -3.78
CA LYS B 62 9.76 0.94 -3.09
C LYS B 62 9.81 2.35 -3.66
N ASN B 63 9.79 2.42 -4.97
CA ASN B 63 9.75 3.68 -5.70
C ASN B 63 8.59 4.58 -5.27
N ALA B 64 7.36 4.06 -5.39
CA ALA B 64 6.18 4.75 -4.88
C ALA B 64 6.29 5.10 -3.39
N ALA B 65 6.88 4.21 -2.57
CA ALA B 65 7.23 4.55 -1.19
C ALA B 65 8.12 5.79 -1.08
N LYS B 66 9.32 5.74 -1.66
CA LYS B 66 10.37 6.77 -1.65
C LYS B 66 9.87 8.11 -2.17
N ASP B 67 9.04 8.04 -3.21
CA ASP B 67 8.26 9.18 -3.67
C ASP B 67 7.40 9.80 -2.56
N MET B 68 6.50 8.94 -2.08
CA MET B 68 5.42 9.35 -1.15
C MET B 68 5.85 9.72 0.27
N ASN B 69 6.03 8.69 1.10
CA ASN B 69 6.73 8.80 2.40
C ASN B 69 6.35 9.86 3.47
N GLY B 70 5.36 10.70 3.22
CA GLY B 70 4.95 11.80 4.09
C GLY B 70 4.38 13.01 3.36
N LYS B 71 3.56 12.73 2.36
CA LYS B 71 2.78 13.78 1.69
C LYS B 71 1.41 13.85 2.39
N SER B 72 0.47 14.62 1.85
CA SER B 72 -0.85 14.76 2.45
C SER B 72 -1.86 15.16 1.40
N LEU B 73 -2.88 14.30 1.28
CA LEU B 73 -3.83 14.34 0.18
C LEU B 73 -5.28 13.93 0.57
N HIS B 74 -5.54 13.79 1.87
CA HIS B 74 -6.89 13.59 2.43
C HIS B 74 -7.13 14.34 3.77
N GLY B 75 -6.43 15.46 4.00
CA GLY B 75 -6.68 16.29 5.18
C GLY B 75 -6.03 15.80 6.49
N LYS B 76 -4.96 15.01 6.40
CA LYS B 76 -4.21 14.54 7.60
C LYS B 76 -2.75 14.28 7.27
N ALA B 77 -2.56 13.30 6.35
CA ALA B 77 -1.24 12.89 5.84
C ALA B 77 -1.17 11.36 5.65
N ILE B 78 -0.17 10.95 4.87
CA ILE B 78 0.07 9.53 4.58
C ILE B 78 1.46 9.12 5.04
N LYS B 79 1.51 7.96 5.67
CA LYS B 79 2.78 7.28 5.94
C LYS B 79 2.85 6.07 5.01
N VAL B 80 4.01 5.86 4.38
CA VAL B 80 4.21 4.76 3.42
C VAL B 80 5.33 3.83 3.84
N GLU B 81 4.99 2.55 3.99
CA GLU B 81 5.83 1.49 4.55
C GLU B 81 5.75 0.21 3.69
N GLN B 82 6.86 -0.50 3.45
CA GLN B 82 6.78 -1.79 2.75
C GLN B 82 6.30 -2.82 3.79
N ALA B 83 5.15 -3.43 3.49
CA ALA B 83 4.37 -4.25 4.41
C ALA B 83 5.09 -5.49 4.97
N LYS B 84 4.52 -5.99 6.07
CA LYS B 84 4.87 -7.32 6.59
C LYS B 84 3.58 -8.06 6.89
N LYS B 85 3.59 -9.37 6.67
CA LYS B 85 2.34 -10.17 6.68
C LYS B 85 1.61 -10.12 8.04
N PRO B 86 0.26 -10.17 8.06
CA PRO B 86 -0.52 -9.93 9.29
C PRO B 86 -0.35 -11.05 10.32
N SER B 87 -0.24 -12.29 9.83
CA SER B 87 -0.09 -13.55 10.56
C SER B 87 0.90 -14.50 9.84
N PHE B 88 1.90 -13.92 9.17
CA PHE B 88 2.98 -14.56 8.40
C PHE B 88 2.60 -15.43 7.17
N GLN B 89 1.33 -15.78 7.00
CA GLN B 89 0.85 -16.71 5.94
C GLN B 89 -0.27 -16.11 5.05
N SER B 90 -0.77 -14.90 5.38
CA SER B 90 -1.87 -14.15 4.73
C SER B 90 -2.97 -15.03 4.07
N GLY B 91 -2.96 -15.18 2.74
CA GLY B 91 -3.85 -16.09 2.00
C GLY B 91 -3.80 -15.91 0.47
N GLY B 92 -3.76 -14.66 -0.01
CA GLY B 92 -3.71 -14.32 -1.43
C GLY B 92 -4.22 -12.91 -1.76
N ARG B 93 -4.33 -12.62 -3.07
CA ARG B 93 -4.93 -11.39 -3.62
C ARG B 93 -6.43 -11.24 -3.26
N ARG B 94 -7.06 -10.14 -3.68
CA ARG B 94 -8.47 -9.79 -3.37
C ARG B 94 -9.20 -9.22 -4.60
N ARG B 95 -10.52 -9.08 -4.50
CA ARG B 95 -11.43 -8.65 -5.59
C ARG B 95 -12.53 -7.64 -5.20
N PRO B 96 -12.26 -6.59 -4.40
CA PRO B 96 -13.23 -5.52 -4.12
C PRO B 96 -13.58 -4.71 -5.39
N PRO B 97 -14.66 -3.91 -5.39
CA PRO B 97 -14.96 -2.98 -6.48
C PRO B 97 -13.88 -1.88 -6.60
N ALA B 98 -13.75 -1.32 -7.80
CA ALA B 98 -12.70 -0.36 -8.17
C ALA B 98 -13.21 0.72 -9.15
N SER B 99 -12.46 1.80 -9.30
CA SER B 99 -12.80 2.95 -10.17
C SER B 99 -11.56 3.70 -10.68
N SER B 100 -11.71 4.41 -11.81
CA SER B 100 -10.64 5.20 -12.47
C SER B 100 -11.11 6.56 -13.01
N ARG B 101 -12.32 6.63 -13.57
CA ARG B 101 -12.97 7.86 -14.10
C ARG B 101 -14.44 8.03 -13.63
N ASN B 102 -14.91 7.13 -12.77
CA ASN B 102 -16.24 7.13 -12.16
C ASN B 102 -16.45 8.37 -11.26
N ARG B 103 -17.61 9.02 -11.37
CA ARG B 103 -18.02 10.21 -10.60
C ARG B 103 -19.55 10.36 -10.54
N SER B 104 -20.03 11.23 -9.64
CA SER B 104 -21.46 11.53 -9.41
C SER B 104 -21.70 13.02 -9.07
N PRO B 105 -21.31 13.95 -9.97
CA PRO B 105 -21.41 15.40 -9.75
C PRO B 105 -22.86 15.92 -9.68
N SER B 106 -23.02 17.16 -9.20
CA SER B 106 -24.30 17.87 -9.09
C SER B 106 -24.11 19.39 -9.29
N GLY B 107 -25.21 20.11 -9.55
CA GLY B 107 -25.22 21.54 -9.87
C GLY B 107 -26.61 22.08 -10.21
N SER B 108 -26.67 23.34 -10.66
CA SER B 108 -27.88 24.10 -11.04
C SER B 108 -27.64 25.09 -12.20
N MET B 1 18.64 -8.47 -7.39
CA MET B 1 18.91 -7.49 -6.32
C MET B 1 17.66 -6.63 -6.03
N VAL B 2 17.44 -6.27 -4.77
CA VAL B 2 16.27 -5.49 -4.29
C VAL B 2 16.67 -4.58 -3.11
N GLU B 3 16.03 -3.42 -2.96
CA GLU B 3 16.39 -2.40 -1.96
C GLU B 3 15.94 -2.72 -0.51
N ALA B 4 15.21 -3.82 -0.32
CA ALA B 4 14.77 -4.32 1.00
C ALA B 4 14.87 -5.86 1.07
N ASP B 5 13.75 -6.58 0.98
CA ASP B 5 13.76 -8.05 0.87
C ASP B 5 12.79 -8.55 -0.21
N HIS B 6 11.56 -8.01 -0.22
CA HIS B 6 10.57 -8.12 -1.30
C HIS B 6 9.41 -7.12 -1.03
N PRO B 7 9.60 -5.82 -1.31
CA PRO B 7 8.67 -4.76 -0.92
C PRO B 7 7.36 -4.69 -1.75
N GLY B 8 7.10 -5.65 -2.66
CA GLY B 8 6.02 -5.65 -3.66
C GLY B 8 4.59 -5.32 -3.20
N LYS B 9 4.28 -5.45 -1.90
CA LYS B 9 2.98 -5.04 -1.35
C LYS B 9 3.16 -3.97 -0.26
N LEU B 10 2.32 -2.95 -0.33
CA LEU B 10 2.51 -1.70 0.44
C LEU B 10 1.37 -1.40 1.40
N PHE B 11 1.69 -0.87 2.57
CA PHE B 11 0.75 -0.37 3.58
C PHE B 11 0.75 1.19 3.55
N ILE B 12 -0.44 1.75 3.34
CA ILE B 12 -0.66 3.18 3.50
C ILE B 12 -1.50 3.31 4.75
N GLY B 13 -1.03 4.21 5.59
CA GLY B 13 -1.61 4.50 6.86
C GLY B 13 -2.24 5.87 6.83
N GLY B 14 -3.52 5.82 7.18
CA GLY B 14 -4.33 7.01 7.36
C GLY B 14 -5.76 6.68 7.25
N LEU B 15 -6.29 6.93 6.07
CA LEU B 15 -7.66 6.57 5.73
C LEU B 15 -8.78 7.21 6.50
N ASN B 16 -8.54 7.50 7.76
CA ASN B 16 -9.26 8.35 8.64
C ASN B 16 -10.81 8.22 8.61
N ARG B 17 -11.31 7.04 8.22
CA ARG B 17 -12.72 6.78 7.88
C ARG B 17 -13.27 7.87 6.91
N GLU B 18 -12.40 8.34 6.01
CA GLU B 18 -12.54 9.50 5.15
C GLU B 18 -12.19 9.20 3.70
N THR B 19 -10.99 8.66 3.41
CA THR B 19 -10.56 8.38 2.03
C THR B 19 -10.44 6.88 1.69
N ASN B 20 -10.23 6.53 0.41
CA ASN B 20 -10.43 5.14 -0.06
C ASN B 20 -9.68 4.85 -1.39
N GLU B 21 -10.07 3.84 -2.18
CA GLU B 21 -9.32 3.45 -3.41
C GLU B 21 -8.99 4.57 -4.44
N LYS B 22 -9.70 5.66 -4.19
CA LYS B 22 -9.40 6.90 -4.91
C LYS B 22 -7.96 7.30 -4.62
N MET B 23 -7.75 7.45 -3.30
CA MET B 23 -6.43 7.64 -2.76
C MET B 23 -5.56 6.49 -3.21
N LEU B 24 -6.09 5.27 -3.24
CA LEU B 24 -5.22 4.12 -3.51
C LEU B 24 -4.46 4.27 -4.83
N LYS B 25 -5.17 4.12 -5.94
CA LYS B 25 -4.55 4.27 -7.25
C LYS B 25 -3.87 5.61 -7.40
N ALA B 26 -4.41 6.65 -6.79
CA ALA B 26 -3.72 7.92 -6.69
C ALA B 26 -2.30 7.81 -6.08
N VAL B 27 -2.30 7.74 -4.75
CA VAL B 27 -1.07 7.82 -3.93
C VAL B 27 -0.02 6.87 -4.43
N PHE B 28 -0.43 5.62 -4.51
CA PHE B 28 0.43 4.55 -4.93
C PHE B 28 0.80 4.61 -6.40
N GLY B 29 -0.20 4.71 -7.28
CA GLY B 29 0.08 4.84 -8.71
C GLY B 29 0.97 6.00 -9.09
N LYS B 30 1.17 7.00 -8.20
CA LYS B 30 1.98 8.18 -8.54
C LYS B 30 3.33 7.84 -9.15
N HIS B 31 3.93 6.80 -8.58
CA HIS B 31 5.21 6.26 -9.05
C HIS B 31 5.22 4.73 -9.36
N GLY B 32 4.10 4.04 -9.67
CA GLY B 32 4.19 2.69 -10.20
C GLY B 32 2.91 2.05 -10.75
N PRO B 33 3.04 0.89 -11.42
CA PRO B 33 1.98 0.00 -11.85
C PRO B 33 1.39 -0.85 -10.71
N ILE B 34 0.07 -0.72 -10.51
CA ILE B 34 -0.65 -1.40 -9.42
C ILE B 34 -1.45 -2.60 -9.94
N SER B 35 -1.08 -3.81 -9.53
CA SER B 35 -1.70 -5.08 -9.89
C SER B 35 -2.81 -5.49 -8.92
N GLU B 36 -2.83 -4.93 -7.69
CA GLU B 36 -3.82 -5.35 -6.67
C GLU B 36 -4.14 -4.23 -5.68
N VAL B 37 -5.41 -4.11 -5.24
CA VAL B 37 -5.89 -3.03 -4.35
C VAL B 37 -6.79 -3.53 -3.20
N LEU B 38 -6.42 -3.15 -1.98
CA LEU B 38 -6.93 -3.61 -0.70
C LEU B 38 -7.19 -2.46 0.31
N LEU B 39 -8.31 -2.51 1.02
CA LEU B 39 -8.59 -1.67 2.19
C LEU B 39 -8.94 -2.64 3.35
N ILE B 40 -8.39 -2.42 4.55
CA ILE B 40 -8.47 -3.41 5.63
C ILE B 40 -9.51 -2.95 6.66
N LYS B 41 -10.32 -3.96 7.04
CA LYS B 41 -11.52 -3.77 7.88
C LYS B 41 -11.59 -4.85 9.01
N ASP B 42 -12.79 -5.38 9.27
CA ASP B 42 -13.21 -6.22 10.41
C ASP B 42 -14.62 -6.74 10.09
N ARG B 43 -15.05 -7.96 10.49
CA ARG B 43 -16.29 -8.69 10.06
C ARG B 43 -16.42 -8.92 8.54
N THR B 44 -15.58 -8.25 7.74
CA THR B 44 -15.85 -8.05 6.29
C THR B 44 -16.67 -6.75 6.09
N SER B 45 -16.99 -6.06 7.22
CA SER B 45 -17.50 -4.67 7.25
C SER B 45 -18.10 -4.13 8.60
N LYS B 46 -17.61 -4.61 9.77
CA LYS B 46 -17.74 -3.84 11.05
C LYS B 46 -17.22 -2.38 10.74
N SER B 47 -16.09 -2.32 9.99
CA SER B 47 -15.69 -1.12 9.23
C SER B 47 -14.81 0.00 9.80
N ARG B 48 -13.49 -0.17 9.60
CA ARG B 48 -12.44 0.85 9.68
C ARG B 48 -11.79 0.95 8.29
N GLY B 49 -10.69 1.66 8.19
CA GLY B 49 -9.89 1.74 6.96
C GLY B 49 -8.37 1.68 7.13
N PHE B 50 -7.68 0.66 6.60
CA PHE B 50 -6.21 0.74 6.36
C PHE B 50 -5.75 0.21 4.99
N ALA B 51 -4.86 0.87 4.25
CA ALA B 51 -4.74 0.62 2.81
C ALA B 51 -3.54 -0.21 2.37
N PHE B 52 -3.80 -1.15 1.47
CA PHE B 52 -2.86 -2.15 1.02
C PHE B 52 -2.79 -2.23 -0.52
N ILE B 53 -1.62 -2.10 -1.17
CA ILE B 53 -1.57 -2.20 -2.66
C ILE B 53 -0.41 -3.09 -3.13
N THR B 54 -0.63 -3.98 -4.10
CA THR B 54 0.45 -4.78 -4.72
C THR B 54 0.76 -4.22 -6.10
N PHE B 55 2.07 -4.09 -6.37
CA PHE B 55 2.64 -3.55 -7.60
C PHE B 55 3.21 -4.65 -8.50
N GLU B 56 2.93 -4.55 -9.80
CA GLU B 56 3.52 -5.46 -10.80
C GLU B 56 5.04 -5.75 -10.64
N ASN B 57 5.84 -4.80 -10.07
CA ASN B 57 7.22 -5.09 -9.65
C ASN B 57 7.51 -4.54 -8.23
N PRO B 58 8.44 -5.16 -7.48
CA PRO B 58 8.89 -4.69 -6.15
C PRO B 58 9.59 -3.34 -6.24
N ALA B 59 10.37 -3.16 -7.32
CA ALA B 59 10.90 -1.86 -7.70
C ALA B 59 9.88 -0.73 -7.54
N ASP B 60 8.82 -0.89 -8.31
CA ASP B 60 7.75 0.07 -8.36
C ASP B 60 7.01 0.32 -7.04
N ALA B 61 6.87 -0.73 -6.23
CA ALA B 61 6.40 -0.57 -4.85
C ALA B 61 7.27 0.42 -4.08
N LYS B 62 8.55 0.10 -4.04
CA LYS B 62 9.63 0.89 -3.42
C LYS B 62 9.68 2.33 -3.96
N ASN B 63 9.50 2.45 -5.27
CA ASN B 63 9.35 3.74 -5.93
C ASN B 63 8.23 4.59 -5.35
N ALA B 64 6.99 4.10 -5.43
CA ALA B 64 5.84 4.77 -4.83
C ALA B 64 6.03 5.04 -3.33
N ALA B 65 6.67 4.12 -2.59
CA ALA B 65 7.10 4.40 -1.21
C ALA B 65 8.01 5.63 -1.08
N LYS B 66 9.15 5.59 -1.76
CA LYS B 66 10.22 6.60 -1.77
C LYS B 66 9.68 7.97 -2.16
N ASP B 67 8.82 7.97 -3.18
CA ASP B 67 8.04 9.14 -3.55
C ASP B 67 7.20 9.72 -2.41
N MET B 68 6.30 8.85 -1.96
CA MET B 68 5.20 9.25 -1.05
C MET B 68 5.61 9.61 0.37
N ASN B 69 5.72 8.57 1.22
CA ASN B 69 6.34 8.69 2.56
C ASN B 69 5.84 9.77 3.57
N GLY B 70 4.85 10.56 3.19
CA GLY B 70 4.35 11.76 3.88
C GLY B 70 3.86 12.88 2.94
N LYS B 71 3.45 12.54 1.72
CA LYS B 71 3.00 13.53 0.72
C LYS B 71 1.88 14.45 1.22
N SER B 72 0.84 13.82 1.80
CA SER B 72 -0.26 14.53 2.46
C SER B 72 -1.33 14.92 1.47
N LEU B 73 -2.45 14.22 1.59
CA LEU B 73 -3.47 14.28 0.52
C LEU B 73 -4.95 14.04 0.87
N HIS B 74 -5.30 13.63 2.10
CA HIS B 74 -6.71 13.57 2.55
C HIS B 74 -6.95 14.52 3.75
N GLY B 75 -6.51 15.78 3.61
CA GLY B 75 -6.45 16.72 4.74
C GLY B 75 -5.56 16.23 5.88
N LYS B 76 -4.68 15.26 5.57
CA LYS B 76 -3.85 14.58 6.56
C LYS B 76 -2.74 13.95 5.75
N ALA B 77 -1.66 13.68 6.46
CA ALA B 77 -0.56 12.94 5.92
C ALA B 77 -0.89 11.43 5.78
N ILE B 78 -0.19 10.87 4.82
CA ILE B 78 -0.14 9.42 4.63
C ILE B 78 1.21 8.91 5.11
N LYS B 79 1.17 7.75 5.75
CA LYS B 79 2.39 7.03 6.11
C LYS B 79 2.51 5.88 5.13
N VAL B 80 3.66 5.78 4.47
CA VAL B 80 3.93 4.76 3.45
C VAL B 80 5.05 3.83 3.89
N GLU B 81 4.70 2.56 3.97
CA GLU B 81 5.48 1.44 4.47
C GLU B 81 5.32 0.26 3.50
N GLN B 82 6.31 -0.62 3.41
CA GLN B 82 6.18 -1.86 2.64
C GLN B 82 5.90 -3.00 3.61
N ALA B 83 4.91 -3.80 3.24
CA ALA B 83 4.28 -4.78 4.12
C ALA B 83 5.22 -5.84 4.73
N LYS B 84 4.79 -6.39 5.89
CA LYS B 84 5.65 -7.29 6.69
C LYS B 84 4.92 -8.55 7.17
N LYS B 85 3.96 -8.41 8.09
CA LYS B 85 3.17 -9.55 8.60
C LYS B 85 1.90 -9.08 9.33
N PRO B 86 0.81 -9.87 9.34
CA PRO B 86 -0.38 -9.62 10.15
C PRO B 86 -0.41 -10.40 11.48
N SER B 87 -1.28 -9.95 12.40
CA SER B 87 -1.58 -10.64 13.66
C SER B 87 -2.55 -11.83 13.54
N PHE B 88 -3.12 -12.07 12.35
CA PHE B 88 -4.08 -13.15 12.07
C PHE B 88 -3.93 -13.70 10.63
N GLN B 89 -4.47 -14.90 10.37
CA GLN B 89 -4.40 -15.60 9.08
C GLN B 89 -5.05 -14.80 7.92
N SER B 90 -4.63 -15.10 6.69
CA SER B 90 -5.14 -14.48 5.45
C SER B 90 -5.08 -15.45 4.25
N GLY B 91 -5.72 -15.08 3.14
CA GLY B 91 -5.83 -15.86 1.90
C GLY B 91 -6.13 -15.02 0.65
N GLY B 92 -5.72 -13.74 0.64
CA GLY B 92 -5.90 -12.82 -0.49
C GLY B 92 -5.16 -13.23 -1.77
N ARG B 93 -5.56 -12.66 -2.90
CA ARG B 93 -5.13 -13.04 -4.27
C ARG B 93 -4.90 -11.79 -5.13
N ARG B 94 -4.15 -11.93 -6.23
CA ARG B 94 -3.71 -10.83 -7.12
C ARG B 94 -4.80 -10.32 -8.09
N ARG B 95 -6.00 -10.06 -7.55
CA ARG B 95 -7.13 -9.39 -8.23
C ARG B 95 -8.06 -8.73 -7.18
N PRO B 96 -8.38 -7.42 -7.29
CA PRO B 96 -9.28 -6.73 -6.36
C PRO B 96 -10.64 -7.44 -6.18
N PRO B 97 -11.19 -7.49 -4.95
CA PRO B 97 -12.51 -8.10 -4.67
C PRO B 97 -13.68 -7.21 -5.11
N ALA B 98 -14.90 -7.78 -5.13
CA ALA B 98 -16.13 -7.01 -5.30
C ALA B 98 -16.36 -6.02 -4.15
N SER B 99 -17.07 -4.91 -4.41
CA SER B 99 -17.39 -3.87 -3.42
C SER B 99 -18.70 -3.13 -3.75
N SER B 100 -19.25 -2.43 -2.75
CA SER B 100 -20.57 -1.76 -2.71
C SER B 100 -21.77 -2.59 -3.22
N ARG B 101 -22.97 -1.99 -3.25
CA ARG B 101 -24.26 -2.59 -3.67
C ARG B 101 -24.61 -3.94 -2.98
N ASN B 102 -24.01 -4.22 -1.83
CA ASN B 102 -24.09 -5.50 -1.09
C ASN B 102 -25.54 -5.93 -0.75
N ARG B 103 -26.44 -4.93 -0.59
CA ARG B 103 -27.91 -5.05 -0.52
C ARG B 103 -28.55 -3.88 -1.27
N SER B 104 -29.80 -4.03 -1.69
CA SER B 104 -30.53 -3.04 -2.49
C SER B 104 -30.67 -1.69 -1.76
N PRO B 105 -30.22 -0.56 -2.35
CA PRO B 105 -30.25 0.75 -1.70
C PRO B 105 -31.69 1.31 -1.62
N SER B 106 -31.96 2.12 -0.60
CA SER B 106 -33.25 2.79 -0.36
C SER B 106 -33.09 4.02 0.54
N GLY B 107 -34.14 4.84 0.63
CA GLY B 107 -34.20 6.03 1.50
C GLY B 107 -35.32 7.02 1.14
N SER B 108 -35.74 7.04 -0.13
CA SER B 108 -36.81 7.89 -0.69
C SER B 108 -37.51 7.28 -1.91
N MET B 1 18.51 -14.48 -0.74
CA MET B 1 17.34 -14.19 0.15
C MET B 1 17.09 -12.69 0.22
N VAL B 2 15.84 -12.25 0.04
CA VAL B 2 15.43 -10.83 -0.14
C VAL B 2 14.14 -10.57 0.65
N GLU B 3 14.19 -10.82 1.96
CA GLU B 3 13.03 -10.89 2.89
C GLU B 3 12.07 -9.66 2.93
N ALA B 4 12.51 -8.46 2.54
CA ALA B 4 11.68 -7.24 2.51
C ALA B 4 12.08 -6.23 1.42
N ASP B 5 12.55 -6.72 0.27
CA ASP B 5 12.92 -5.86 -0.87
C ASP B 5 12.56 -6.52 -2.22
N HIS B 6 11.53 -7.36 -2.17
CA HIS B 6 11.01 -8.26 -3.21
C HIS B 6 9.49 -8.49 -3.07
N PRO B 7 8.88 -8.57 -1.86
CA PRO B 7 7.43 -8.53 -1.74
C PRO B 7 6.92 -7.11 -2.07
N GLY B 8 6.28 -6.96 -3.24
CA GLY B 8 5.77 -5.69 -3.78
C GLY B 8 4.44 -5.24 -3.16
N LYS B 9 4.37 -5.26 -1.83
CA LYS B 9 3.10 -5.06 -1.11
C LYS B 9 3.28 -3.95 -0.07
N LEU B 10 2.31 -3.03 -0.06
CA LEU B 10 2.51 -1.73 0.58
C LEU B 10 1.35 -1.28 1.46
N PHE B 11 1.66 -0.75 2.64
CA PHE B 11 0.72 -0.25 3.65
C PHE B 11 0.72 1.29 3.64
N ILE B 12 -0.48 1.88 3.50
CA ILE B 12 -0.66 3.32 3.62
C ILE B 12 -1.50 3.50 4.87
N GLY B 13 -1.01 4.43 5.66
CA GLY B 13 -1.53 4.73 6.97
C GLY B 13 -2.16 6.10 6.98
N GLY B 14 -3.43 6.05 7.39
CA GLY B 14 -4.22 7.24 7.62
C GLY B 14 -5.68 6.95 7.58
N LEU B 15 -6.22 7.14 6.41
CA LEU B 15 -7.60 6.75 6.09
C LEU B 15 -8.77 7.31 6.86
N ASN B 16 -8.53 7.74 8.08
CA ASN B 16 -9.30 8.55 8.98
C ASN B 16 -10.83 8.38 8.94
N ARG B 17 -11.29 7.20 8.48
CA ARG B 17 -12.67 6.90 8.05
C ARG B 17 -13.19 7.97 7.06
N GLU B 18 -12.28 8.56 6.27
CA GLU B 18 -12.44 9.68 5.38
C GLU B 18 -12.12 9.29 3.92
N THR B 19 -10.92 8.76 3.60
CA THR B 19 -10.61 8.33 2.21
C THR B 19 -10.50 6.82 1.96
N ASN B 20 -10.30 6.43 0.69
CA ASN B 20 -10.47 5.02 0.26
C ASN B 20 -9.76 4.76 -1.09
N GLU B 21 -10.18 3.77 -1.89
CA GLU B 21 -9.47 3.41 -3.14
C GLU B 21 -9.16 4.56 -4.16
N LYS B 22 -9.87 5.64 -3.86
CA LYS B 22 -9.59 6.91 -4.55
C LYS B 22 -8.14 7.28 -4.33
N MET B 23 -7.89 7.42 -3.01
CA MET B 23 -6.55 7.60 -2.52
C MET B 23 -5.70 6.45 -3.00
N LEU B 24 -6.23 5.22 -3.04
CA LEU B 24 -5.38 4.08 -3.32
C LEU B 24 -4.64 4.23 -4.64
N LYS B 25 -5.39 4.09 -5.72
CA LYS B 25 -4.82 4.24 -7.06
C LYS B 25 -4.13 5.57 -7.22
N ALA B 26 -4.66 6.62 -6.59
CA ALA B 26 -3.97 7.89 -6.51
C ALA B 26 -2.53 7.76 -5.94
N VAL B 27 -2.50 7.74 -4.60
CA VAL B 27 -1.25 7.80 -3.82
C VAL B 27 -0.22 6.84 -4.32
N PHE B 28 -0.62 5.59 -4.38
CA PHE B 28 0.23 4.52 -4.82
C PHE B 28 0.57 4.59 -6.31
N GLY B 29 -0.44 4.68 -7.16
CA GLY B 29 -0.20 4.84 -8.58
C GLY B 29 0.67 6.00 -8.99
N LYS B 30 0.89 6.98 -8.11
CA LYS B 30 1.69 8.18 -8.45
C LYS B 30 3.04 7.85 -9.09
N HIS B 31 3.62 6.78 -8.55
CA HIS B 31 4.91 6.26 -9.05
C HIS B 31 4.89 4.78 -9.50
N GLY B 32 3.75 4.15 -9.83
CA GLY B 32 3.79 2.85 -10.48
C GLY B 32 2.46 2.20 -10.86
N PRO B 33 2.54 1.03 -11.52
CA PRO B 33 1.43 0.12 -11.79
C PRO B 33 1.02 -0.71 -10.56
N ILE B 34 -0.28 -0.96 -10.44
CA ILE B 34 -0.87 -1.54 -9.21
C ILE B 34 -1.84 -2.65 -9.64
N SER B 35 -1.42 -3.88 -9.39
CA SER B 35 -2.09 -5.10 -9.83
C SER B 35 -3.28 -5.42 -8.94
N GLU B 36 -3.21 -5.03 -7.64
CA GLU B 36 -4.27 -5.36 -6.68
C GLU B 36 -4.43 -4.32 -5.57
N VAL B 37 -5.64 -4.21 -5.01
CA VAL B 37 -6.03 -3.17 -4.03
C VAL B 37 -6.81 -3.74 -2.85
N LEU B 38 -6.44 -3.31 -1.65
CA LEU B 38 -6.91 -3.72 -0.34
C LEU B 38 -7.19 -2.53 0.60
N LEU B 39 -8.31 -2.55 1.30
CA LEU B 39 -8.61 -1.64 2.42
C LEU B 39 -8.95 -2.54 3.63
N ILE B 40 -8.41 -2.24 4.82
CA ILE B 40 -8.48 -3.17 5.96
C ILE B 40 -9.52 -2.68 6.94
N LYS B 41 -10.33 -3.68 7.33
CA LYS B 41 -11.53 -3.48 8.17
C LYS B 41 -11.58 -4.55 9.30
N ASP B 42 -12.77 -5.11 9.55
CA ASP B 42 -13.19 -5.97 10.67
C ASP B 42 -14.55 -6.58 10.28
N ARG B 43 -14.95 -7.81 10.63
CA ARG B 43 -16.11 -8.58 10.10
C ARG B 43 -16.10 -8.81 8.58
N THR B 44 -15.23 -8.07 7.87
CA THR B 44 -15.37 -7.88 6.40
C THR B 44 -16.23 -6.60 6.15
N SER B 45 -16.69 -5.97 7.26
CA SER B 45 -17.29 -4.61 7.25
C SER B 45 -17.95 -4.08 8.55
N LYS B 46 -17.57 -4.53 9.76
CA LYS B 46 -17.83 -3.78 11.04
C LYS B 46 -17.38 -2.30 10.81
N SER B 47 -16.24 -2.15 10.11
CA SER B 47 -15.86 -0.89 9.43
C SER B 47 -14.93 0.15 10.09
N ARG B 48 -13.62 -0.04 9.83
CA ARG B 48 -12.51 0.91 9.96
C ARG B 48 -11.83 1.00 8.58
N GLY B 49 -10.73 1.75 8.50
CA GLY B 49 -9.92 1.88 7.28
C GLY B 49 -8.40 1.85 7.42
N PHE B 50 -7.68 0.86 6.86
CA PHE B 50 -6.22 0.98 6.59
C PHE B 50 -5.78 0.46 5.21
N ALA B 51 -4.90 1.08 4.45
CA ALA B 51 -4.80 0.81 3.01
C ALA B 51 -3.61 -0.05 2.60
N PHE B 52 -3.85 -1.03 1.74
CA PHE B 52 -2.90 -2.03 1.31
C PHE B 52 -2.90 -2.14 -0.23
N ILE B 53 -1.74 -2.06 -0.92
CA ILE B 53 -1.72 -2.18 -2.39
C ILE B 53 -0.60 -3.09 -2.89
N THR B 54 -0.89 -3.97 -3.84
CA THR B 54 0.10 -4.85 -4.48
C THR B 54 0.41 -4.37 -5.89
N PHE B 55 1.70 -4.29 -6.22
CA PHE B 55 2.25 -3.67 -7.42
C PHE B 55 2.70 -4.72 -8.45
N GLU B 56 2.37 -4.46 -9.72
CA GLU B 56 2.82 -5.33 -10.85
C GLU B 56 4.29 -5.78 -10.75
N ASN B 57 5.19 -4.87 -10.35
CA ASN B 57 6.56 -5.26 -9.96
C ASN B 57 6.91 -4.59 -8.60
N PRO B 58 7.74 -5.24 -7.77
CA PRO B 58 8.13 -4.72 -6.46
C PRO B 58 8.91 -3.40 -6.54
N ALA B 59 9.71 -3.28 -7.59
CA ALA B 59 10.33 -2.01 -7.97
C ALA B 59 9.39 -0.82 -7.81
N ASP B 60 8.29 -0.93 -8.53
CA ASP B 60 7.27 0.09 -8.54
C ASP B 60 6.65 0.40 -7.17
N ALA B 61 6.46 -0.62 -6.34
CA ALA B 61 6.11 -0.41 -4.94
C ALA B 61 7.13 0.49 -4.22
N LYS B 62 8.40 0.13 -4.37
CA LYS B 62 9.54 0.87 -3.80
C LYS B 62 9.54 2.33 -4.25
N ASN B 63 9.32 2.50 -5.53
CA ASN B 63 9.12 3.82 -6.14
C ASN B 63 7.99 4.63 -5.50
N ALA B 64 6.75 4.12 -5.50
CA ALA B 64 5.64 4.78 -4.83
C ALA B 64 5.93 5.07 -3.34
N ALA B 65 6.60 4.16 -2.64
CA ALA B 65 7.13 4.45 -1.31
C ALA B 65 8.05 5.68 -1.26
N LYS B 66 9.14 5.65 -2.04
CA LYS B 66 10.20 6.67 -2.13
C LYS B 66 9.63 8.04 -2.47
N ASP B 67 8.72 8.04 -3.43
CA ASP B 67 7.90 9.21 -3.75
C ASP B 67 7.12 9.79 -2.57
N MET B 68 6.26 8.93 -2.05
CA MET B 68 5.18 9.35 -1.12
C MET B 68 5.61 9.65 0.33
N ASN B 69 5.72 8.60 1.14
CA ASN B 69 6.40 8.65 2.46
C ASN B 69 6.06 9.70 3.54
N GLY B 70 5.11 10.60 3.28
CA GLY B 70 4.73 11.73 4.13
C GLY B 70 4.16 12.92 3.35
N LYS B 71 3.47 12.60 2.26
CA LYS B 71 2.69 13.58 1.53
C LYS B 71 1.32 13.69 2.24
N SER B 72 0.39 14.46 1.70
CA SER B 72 -0.89 14.69 2.35
C SER B 72 -1.93 15.12 1.33
N LEU B 73 -3.02 14.35 1.32
CA LEU B 73 -4.00 14.40 0.24
C LEU B 73 -5.45 14.06 0.62
N HIS B 74 -5.73 13.88 1.92
CA HIS B 74 -7.06 13.50 2.42
C HIS B 74 -7.50 14.27 3.69
N GLY B 75 -6.79 15.34 4.05
CA GLY B 75 -6.96 16.00 5.35
C GLY B 75 -6.22 15.27 6.48
N LYS B 76 -5.36 14.31 6.11
CA LYS B 76 -4.50 13.59 7.04
C LYS B 76 -3.42 12.95 6.19
N ALA B 77 -2.24 13.50 6.40
CA ALA B 77 -1.03 12.98 5.84
C ALA B 77 -0.88 11.45 5.93
N ILE B 78 -0.19 10.94 4.92
CA ILE B 78 -0.07 9.49 4.70
C ILE B 78 1.30 9.00 5.11
N LYS B 79 1.29 7.87 5.79
CA LYS B 79 2.53 7.14 6.10
C LYS B 79 2.61 5.93 5.19
N VAL B 80 3.74 5.76 4.50
CA VAL B 80 3.95 4.69 3.52
C VAL B 80 5.03 3.70 3.99
N GLU B 81 4.64 2.44 4.02
CA GLU B 81 5.36 1.31 4.62
C GLU B 81 5.36 0.08 3.70
N GLN B 82 6.42 -0.74 3.74
CA GLN B 82 6.54 -1.96 2.94
C GLN B 82 6.18 -3.13 3.84
N ALA B 83 5.05 -3.76 3.49
CA ALA B 83 4.36 -4.73 4.33
C ALA B 83 5.18 -5.95 4.82
N LYS B 84 4.69 -6.59 5.89
CA LYS B 84 5.41 -7.69 6.55
C LYS B 84 4.51 -8.86 6.97
N LYS B 85 3.68 -8.67 7.99
CA LYS B 85 2.80 -9.73 8.54
C LYS B 85 1.66 -9.13 9.40
N PRO B 86 0.52 -9.84 9.55
CA PRO B 86 -0.52 -9.52 10.52
C PRO B 86 -0.43 -10.35 11.82
N SER B 87 0.57 -11.23 11.92
CA SER B 87 0.94 -12.22 12.97
C SER B 87 1.44 -13.52 12.30
N PHE B 88 0.69 -14.02 11.32
CA PHE B 88 0.97 -15.22 10.52
C PHE B 88 0.42 -15.06 9.09
N GLN B 89 0.94 -15.84 8.13
CA GLN B 89 0.52 -15.81 6.73
C GLN B 89 0.48 -17.23 6.15
N SER B 90 -0.71 -17.67 5.69
CA SER B 90 -0.92 -19.02 5.13
C SER B 90 -0.13 -19.27 3.83
N GLY B 91 0.01 -18.25 2.98
CA GLY B 91 0.75 -18.30 1.72
C GLY B 91 0.62 -17.02 0.89
N GLY B 92 1.19 -17.04 -0.32
CA GLY B 92 1.11 -15.95 -1.30
C GLY B 92 1.85 -16.27 -2.61
N ARG B 93 1.64 -15.43 -3.64
CA ARG B 93 2.25 -15.56 -4.98
C ARG B 93 2.36 -14.19 -5.67
N ARG B 94 3.39 -14.02 -6.50
CA ARG B 94 3.58 -12.89 -7.44
C ARG B 94 4.29 -13.41 -8.72
N ARG B 95 3.98 -12.83 -9.88
CA ARG B 95 4.66 -13.12 -11.16
C ARG B 95 6.16 -12.74 -11.14
N PRO B 96 7.00 -13.26 -12.05
CA PRO B 96 8.37 -12.75 -12.23
C PRO B 96 8.35 -11.27 -12.66
N PRO B 97 9.40 -10.48 -12.32
CA PRO B 97 9.43 -9.01 -12.51
C PRO B 97 9.70 -8.57 -13.97
N ALA B 98 9.17 -9.31 -14.95
CA ALA B 98 9.27 -9.00 -16.38
C ALA B 98 8.67 -7.62 -16.74
N SER B 99 9.20 -7.00 -17.79
CA SER B 99 8.83 -5.65 -18.27
C SER B 99 9.13 -5.49 -19.78
N SER B 100 9.09 -4.25 -20.30
CA SER B 100 9.35 -3.90 -21.70
C SER B 100 10.21 -2.62 -21.82
N ARG B 101 10.71 -2.35 -23.03
CA ARG B 101 11.69 -1.28 -23.35
C ARG B 101 11.39 -0.59 -24.70
N ASN B 102 10.13 -0.65 -25.16
CA ASN B 102 9.66 0.03 -26.38
C ASN B 102 9.85 1.56 -26.31
N ARG B 103 10.09 2.20 -27.47
CA ARG B 103 10.38 3.64 -27.60
C ARG B 103 9.98 4.16 -29.00
N SER B 104 9.83 5.48 -29.14
CA SER B 104 9.65 6.19 -30.43
C SER B 104 10.87 6.02 -31.37
N PRO B 105 10.70 6.16 -32.70
CA PRO B 105 11.81 6.05 -33.66
C PRO B 105 12.75 7.27 -33.63
N SER B 106 13.96 7.09 -34.19
CA SER B 106 14.98 8.15 -34.39
C SER B 106 15.92 7.82 -35.56
N GLY B 107 16.80 8.75 -35.93
CA GLY B 107 17.81 8.58 -36.98
C GLY B 107 18.81 9.75 -37.05
N SER B 108 19.85 9.58 -37.89
CA SER B 108 20.96 10.54 -38.09
C SER B 108 21.60 10.43 -39.49
N MET B 1 17.74 -12.50 -5.67
CA MET B 1 16.72 -12.15 -4.63
C MET B 1 15.72 -11.13 -5.17
N VAL B 2 14.51 -11.07 -4.58
CA VAL B 2 13.37 -10.25 -5.08
C VAL B 2 12.62 -9.51 -3.95
N GLU B 3 13.18 -9.48 -2.72
CA GLU B 3 12.72 -8.78 -1.50
C GLU B 3 11.36 -9.21 -0.90
N ALA B 4 10.36 -9.52 -1.74
CA ALA B 4 8.95 -9.72 -1.37
C ALA B 4 8.32 -10.94 -2.10
N ASP B 5 9.17 -11.92 -2.50
CA ASP B 5 8.72 -13.08 -3.29
C ASP B 5 8.10 -12.79 -4.69
N HIS B 6 8.12 -11.51 -5.11
CA HIS B 6 7.67 -10.87 -6.37
C HIS B 6 6.45 -9.93 -6.19
N PRO B 7 5.38 -10.26 -5.43
CA PRO B 7 4.31 -9.32 -5.10
C PRO B 7 4.76 -8.25 -4.07
N GLY B 8 5.49 -7.23 -4.52
CA GLY B 8 5.81 -6.04 -3.73
C GLY B 8 4.54 -5.35 -3.24
N LYS B 9 4.34 -5.30 -1.91
CA LYS B 9 3.06 -4.89 -1.32
C LYS B 9 3.26 -3.81 -0.25
N LEU B 10 2.42 -2.80 -0.30
CA LEU B 10 2.62 -1.56 0.47
C LEU B 10 1.48 -1.25 1.44
N PHE B 11 1.82 -0.72 2.62
CA PHE B 11 0.87 -0.27 3.63
C PHE B 11 0.83 1.28 3.61
N ILE B 12 -0.38 1.82 3.37
CA ILE B 12 -0.64 3.24 3.52
C ILE B 12 -1.48 3.35 4.77
N GLY B 13 -1.01 4.27 5.60
CA GLY B 13 -1.59 4.57 6.88
C GLY B 13 -2.19 5.96 6.85
N GLY B 14 -3.49 5.93 7.12
CA GLY B 14 -4.28 7.12 7.29
C GLY B 14 -5.71 6.75 7.23
N LEU B 15 -6.28 6.94 6.04
CA LEU B 15 -7.65 6.51 5.76
C LEU B 15 -8.79 7.11 6.53
N ASN B 16 -8.49 7.54 7.74
CA ASN B 16 -9.16 8.39 8.68
C ASN B 16 -10.69 8.30 8.69
N ARG B 17 -11.23 7.14 8.30
CA ARG B 17 -12.62 6.92 7.94
C ARG B 17 -13.14 7.97 6.93
N GLU B 18 -12.26 8.51 6.08
CA GLU B 18 -12.42 9.64 5.21
C GLU B 18 -12.15 9.30 3.73
N THR B 19 -11.01 8.66 3.36
CA THR B 19 -10.80 8.22 1.94
C THR B 19 -10.52 6.71 1.71
N ASN B 20 -10.28 6.29 0.44
CA ASN B 20 -10.32 4.85 0.07
C ASN B 20 -9.58 4.50 -1.26
N GLU B 21 -10.02 3.48 -2.03
CA GLU B 21 -9.39 3.11 -3.34
C GLU B 21 -8.94 4.28 -4.26
N LYS B 22 -9.67 5.37 -4.07
CA LYS B 22 -9.44 6.57 -4.88
C LYS B 22 -8.03 7.03 -4.61
N MET B 23 -7.88 7.30 -3.31
CA MET B 23 -6.59 7.64 -2.77
C MET B 23 -5.60 6.53 -3.12
N LEU B 24 -5.95 5.24 -3.00
CA LEU B 24 -4.98 4.16 -3.19
C LEU B 24 -4.29 4.26 -4.55
N LYS B 25 -5.04 4.05 -5.63
CA LYS B 25 -4.48 4.16 -6.99
C LYS B 25 -3.84 5.50 -7.22
N ALA B 26 -4.40 6.58 -6.66
CA ALA B 26 -3.74 7.88 -6.66
C ALA B 26 -2.31 7.83 -6.06
N VAL B 27 -2.30 7.74 -4.73
CA VAL B 27 -1.10 7.87 -3.91
C VAL B 27 0.01 6.97 -4.37
N PHE B 28 -0.31 5.69 -4.40
CA PHE B 28 0.58 4.65 -4.86
C PHE B 28 0.92 4.73 -6.34
N GLY B 29 -0.11 4.79 -7.20
CA GLY B 29 0.10 4.94 -8.62
C GLY B 29 0.93 6.13 -9.03
N LYS B 30 1.14 7.11 -8.15
CA LYS B 30 2.01 8.27 -8.45
C LYS B 30 3.35 7.85 -9.07
N HIS B 31 3.87 6.76 -8.53
CA HIS B 31 5.15 6.19 -8.98
C HIS B 31 5.15 4.66 -9.27
N GLY B 32 4.03 3.98 -9.55
CA GLY B 32 4.06 2.61 -10.04
C GLY B 32 2.80 2.12 -10.77
N PRO B 33 2.82 0.86 -11.23
CA PRO B 33 1.74 0.22 -11.98
C PRO B 33 0.48 -0.10 -11.15
N ILE B 34 0.56 -1.11 -10.26
CA ILE B 34 -0.54 -1.44 -9.33
C ILE B 34 -1.51 -2.47 -9.94
N SER B 35 -1.44 -3.74 -9.49
CA SER B 35 -2.32 -4.82 -9.92
C SER B 35 -3.21 -5.35 -8.78
N GLU B 36 -3.02 -4.90 -7.53
CA GLU B 36 -3.87 -5.34 -6.41
C GLU B 36 -4.16 -4.19 -5.43
N VAL B 37 -5.42 -4.04 -4.99
CA VAL B 37 -5.92 -2.87 -4.23
C VAL B 37 -6.78 -3.32 -3.05
N LEU B 38 -6.38 -2.95 -1.83
CA LEU B 38 -6.88 -3.46 -0.55
C LEU B 38 -7.16 -2.36 0.49
N LEU B 39 -8.30 -2.44 1.19
CA LEU B 39 -8.66 -1.64 2.36
C LEU B 39 -8.98 -2.62 3.52
N ILE B 40 -8.49 -2.36 4.74
CA ILE B 40 -8.57 -3.35 5.84
C ILE B 40 -9.56 -2.86 6.89
N LYS B 41 -10.44 -3.81 7.30
CA LYS B 41 -11.63 -3.52 8.15
C LYS B 41 -11.77 -4.57 9.29
N ASP B 42 -13.00 -5.02 9.60
CA ASP B 42 -13.36 -6.18 10.49
C ASP B 42 -14.80 -6.63 10.10
N ARG B 43 -15.32 -7.82 10.45
CA ARG B 43 -16.64 -8.39 10.00
C ARG B 43 -16.93 -8.36 8.50
N THR B 44 -15.99 -7.93 7.65
CA THR B 44 -16.35 -7.61 6.25
C THR B 44 -17.24 -6.34 6.20
N SER B 45 -17.06 -5.59 7.31
CA SER B 45 -17.47 -4.19 7.43
C SER B 45 -18.07 -3.69 8.79
N LYS B 46 -17.61 -4.21 9.95
CA LYS B 46 -17.77 -3.50 11.26
C LYS B 46 -17.25 -2.03 11.09
N SER B 47 -16.19 -1.89 10.27
CA SER B 47 -15.74 -0.58 9.71
C SER B 47 -14.69 0.21 10.48
N ARG B 48 -13.42 -0.07 10.12
CA ARG B 48 -12.15 0.59 10.43
C ARG B 48 -11.34 0.48 9.12
N GLY B 49 -10.34 1.34 8.92
CA GLY B 49 -9.67 1.50 7.61
C GLY B 49 -8.14 1.59 7.52
N PHE B 50 -7.50 0.61 6.88
CA PHE B 50 -6.08 0.75 6.41
C PHE B 50 -5.75 0.22 5.02
N ALA B 51 -4.83 0.86 4.28
CA ALA B 51 -4.67 0.58 2.86
C ALA B 51 -3.46 -0.25 2.51
N PHE B 52 -3.69 -1.22 1.63
CA PHE B 52 -2.68 -2.12 1.12
C PHE B 52 -2.66 -2.09 -0.42
N ILE B 53 -1.52 -2.01 -1.11
CA ILE B 53 -1.51 -2.13 -2.59
C ILE B 53 -0.38 -3.05 -3.05
N THR B 54 -0.65 -3.96 -3.99
CA THR B 54 0.42 -4.76 -4.62
C THR B 54 0.70 -4.24 -6.02
N PHE B 55 2.00 -4.12 -6.27
CA PHE B 55 2.63 -3.61 -7.49
C PHE B 55 3.19 -4.80 -8.27
N GLU B 56 2.96 -4.79 -9.59
CA GLU B 56 3.58 -5.74 -10.51
C GLU B 56 5.09 -6.04 -10.27
N ASN B 57 5.89 -5.09 -9.75
CA ASN B 57 7.25 -5.39 -9.27
C ASN B 57 7.57 -4.70 -7.93
N PRO B 58 8.49 -5.26 -7.11
CA PRO B 58 8.95 -4.68 -5.84
C PRO B 58 9.68 -3.35 -6.03
N ALA B 59 10.40 -3.23 -7.15
CA ALA B 59 10.94 -1.96 -7.60
C ALA B 59 9.94 -0.81 -7.49
N ASP B 60 8.85 -0.98 -8.23
CA ASP B 60 7.81 0.01 -8.30
C ASP B 60 7.11 0.32 -6.97
N ALA B 61 6.97 -0.71 -6.12
CA ALA B 61 6.53 -0.52 -4.74
C ALA B 61 7.42 0.47 -3.99
N LYS B 62 8.72 0.17 -4.02
CA LYS B 62 9.80 1.00 -3.45
C LYS B 62 9.80 2.42 -3.99
N ASN B 63 9.61 2.54 -5.31
CA ASN B 63 9.44 3.81 -5.97
C ASN B 63 8.31 4.65 -5.38
N ALA B 64 7.07 4.14 -5.44
CA ALA B 64 5.93 4.80 -4.83
C ALA B 64 6.13 5.08 -3.33
N ALA B 65 6.79 4.16 -2.59
CA ALA B 65 7.24 4.46 -1.23
C ALA B 65 8.13 5.70 -1.15
N LYS B 66 9.29 5.67 -1.82
CA LYS B 66 10.36 6.69 -1.82
C LYS B 66 9.82 8.04 -2.24
N ASP B 67 8.93 8.01 -3.22
CA ASP B 67 8.11 9.17 -3.57
C ASP B 67 7.31 9.76 -2.40
N MET B 68 6.43 8.89 -1.91
CA MET B 68 5.37 9.28 -0.96
C MET B 68 5.81 9.52 0.50
N ASN B 69 5.89 8.43 1.28
CA ASN B 69 6.59 8.43 2.59
C ASN B 69 6.29 9.46 3.71
N GLY B 70 5.37 10.38 3.50
CA GLY B 70 4.98 11.46 4.43
C GLY B 70 4.37 12.67 3.75
N LYS B 71 3.65 12.41 2.66
CA LYS B 71 2.88 13.44 1.97
C LYS B 71 1.51 13.53 2.67
N SER B 72 0.60 14.30 2.10
CA SER B 72 -0.72 14.48 2.68
C SER B 72 -1.67 14.96 1.59
N LEU B 73 -2.84 14.33 1.57
CA LEU B 73 -3.77 14.46 0.43
C LEU B 73 -5.25 14.13 0.70
N HIS B 74 -5.63 13.80 1.94
CA HIS B 74 -7.01 13.46 2.31
C HIS B 74 -7.53 14.18 3.58
N GLY B 75 -6.79 15.17 4.09
CA GLY B 75 -7.07 15.77 5.41
C GLY B 75 -6.44 14.98 6.57
N LYS B 76 -5.51 14.08 6.23
CA LYS B 76 -4.66 13.41 7.22
C LYS B 76 -3.57 12.76 6.40
N ALA B 77 -2.38 13.28 6.65
CA ALA B 77 -1.16 12.73 6.10
C ALA B 77 -1.07 11.20 6.01
N ILE B 78 -0.31 10.78 5.00
CA ILE B 78 -0.14 9.37 4.68
C ILE B 78 1.24 8.92 5.14
N LYS B 79 1.24 7.76 5.76
CA LYS B 79 2.47 7.03 6.07
C LYS B 79 2.60 5.87 5.09
N VAL B 80 3.78 5.65 4.52
CA VAL B 80 4.01 4.60 3.49
C VAL B 80 5.16 3.67 3.86
N GLU B 81 4.86 2.36 3.97
CA GLU B 81 5.83 1.30 4.30
C GLU B 81 5.69 0.03 3.42
N GLN B 82 6.79 -0.62 3.04
CA GLN B 82 6.77 -1.92 2.34
C GLN B 82 6.35 -2.98 3.38
N ALA B 83 5.23 -3.65 3.09
CA ALA B 83 4.49 -4.51 4.01
C ALA B 83 5.21 -5.77 4.53
N LYS B 84 4.60 -6.35 5.56
CA LYS B 84 4.98 -7.66 6.10
C LYS B 84 3.71 -8.46 6.42
N LYS B 85 3.82 -9.77 6.71
CA LYS B 85 2.64 -10.59 7.09
C LYS B 85 1.91 -10.04 8.34
N PRO B 86 0.58 -10.23 8.48
CA PRO B 86 -0.15 -9.85 9.69
C PRO B 86 0.22 -10.76 10.88
N SER B 87 0.41 -12.04 10.59
CA SER B 87 0.93 -13.11 11.47
C SER B 87 1.22 -14.37 10.64
N PHE B 88 0.32 -14.67 9.69
CA PHE B 88 0.40 -15.72 8.68
C PHE B 88 -0.28 -15.24 7.37
N GLN B 89 0.00 -15.88 6.24
CA GLN B 89 -0.65 -15.60 4.95
C GLN B 89 -0.77 -16.90 4.14
N SER B 90 -1.97 -17.15 3.59
CA SER B 90 -2.29 -18.36 2.81
C SER B 90 -1.58 -18.39 1.44
N GLY B 91 -1.39 -17.23 0.82
CA GLY B 91 -0.66 -17.07 -0.46
C GLY B 91 -0.90 -15.72 -1.14
N GLY B 92 -0.21 -15.51 -2.26
CA GLY B 92 -0.37 -14.37 -3.17
C GLY B 92 0.74 -14.29 -4.23
N ARG B 93 0.45 -13.67 -5.38
CA ARG B 93 1.37 -13.51 -6.52
C ARG B 93 0.93 -12.35 -7.43
N ARG B 94 1.88 -11.52 -7.88
CA ARG B 94 1.74 -10.46 -8.90
C ARG B 94 3.06 -10.31 -9.68
N ARG B 95 2.96 -10.27 -11.01
CA ARG B 95 4.08 -10.18 -11.98
C ARG B 95 3.55 -9.67 -13.35
N PRO B 96 4.26 -8.78 -14.07
CA PRO B 96 3.76 -8.18 -15.31
C PRO B 96 3.76 -9.17 -16.51
N PRO B 97 2.97 -8.90 -17.56
CA PRO B 97 3.00 -9.63 -18.83
C PRO B 97 4.25 -9.28 -19.67
N ALA B 98 4.42 -9.95 -20.81
CA ALA B 98 5.48 -9.65 -21.80
C ALA B 98 5.35 -8.26 -22.46
N SER B 99 4.15 -7.65 -22.44
CA SER B 99 3.86 -6.32 -23.00
C SER B 99 4.67 -5.20 -22.34
N SER B 100 5.01 -4.15 -23.11
CA SER B 100 5.76 -2.96 -22.66
C SER B 100 5.45 -1.74 -23.54
N ARG B 101 6.04 -0.58 -23.19
CA ARG B 101 5.88 0.71 -23.89
C ARG B 101 7.18 1.54 -23.83
N ASN B 102 7.50 2.22 -24.92
CA ASN B 102 8.68 3.08 -25.07
C ASN B 102 8.41 4.20 -26.11
N ARG B 103 9.21 5.28 -26.07
CA ARG B 103 9.14 6.41 -27.02
C ARG B 103 10.54 7.03 -27.24
N SER B 104 10.73 7.66 -28.40
CA SER B 104 12.00 8.25 -28.85
C SER B 104 11.77 9.66 -29.45
N PRO B 105 12.78 10.55 -29.47
CA PRO B 105 12.63 11.90 -30.01
C PRO B 105 12.29 11.88 -31.51
N SER B 106 11.29 12.66 -31.91
CA SER B 106 10.73 12.69 -33.27
C SER B 106 11.74 13.15 -34.33
N GLY B 107 11.65 12.56 -35.53
CA GLY B 107 12.52 12.86 -36.68
C GLY B 107 12.35 11.86 -37.84
N SER B 108 13.08 12.08 -38.93
CA SER B 108 13.10 11.26 -40.15
C SER B 108 14.42 11.36 -40.95
N MET B 1 20.89 -6.49 -1.60
CA MET B 1 20.00 -5.42 -1.08
C MET B 1 18.61 -5.53 -1.69
N VAL B 2 17.55 -5.52 -0.88
CA VAL B 2 16.14 -5.66 -1.32
C VAL B 2 15.20 -4.54 -0.82
N GLU B 3 15.63 -3.78 0.19
CA GLU B 3 14.87 -2.81 1.00
C GLU B 3 13.73 -3.46 1.82
N ALA B 4 13.55 -3.01 3.07
CA ALA B 4 12.67 -3.62 4.07
C ALA B 4 12.74 -5.18 4.05
N ASP B 5 11.61 -5.87 3.83
CA ASP B 5 11.59 -7.34 3.73
C ASP B 5 10.77 -7.80 2.52
N HIS B 6 11.39 -7.75 1.33
CA HIS B 6 10.83 -8.10 0.01
C HIS B 6 9.59 -7.27 -0.38
N PRO B 7 9.80 -6.08 -1.01
CA PRO B 7 8.74 -5.23 -1.56
C PRO B 7 7.77 -5.93 -2.54
N GLY B 8 6.74 -5.19 -2.96
CA GLY B 8 5.66 -5.66 -3.83
C GLY B 8 4.28 -5.53 -3.17
N LYS B 9 4.27 -5.48 -1.83
CA LYS B 9 3.04 -5.33 -1.05
C LYS B 9 3.34 -4.19 -0.09
N LEU B 10 2.48 -3.19 -0.12
CA LEU B 10 2.81 -1.89 0.42
C LEU B 10 1.65 -1.31 1.26
N PHE B 11 1.94 -0.74 2.45
CA PHE B 11 0.96 -0.29 3.45
C PHE B 11 0.85 1.23 3.42
N ILE B 12 -0.39 1.71 3.27
CA ILE B 12 -0.68 3.12 3.39
C ILE B 12 -1.52 3.27 4.64
N GLY B 13 -1.02 4.15 5.47
CA GLY B 13 -1.67 4.55 6.68
C GLY B 13 -2.27 5.93 6.49
N GLY B 14 -3.58 6.01 6.71
CA GLY B 14 -4.23 7.34 6.80
C GLY B 14 -5.48 7.65 6.00
N LEU B 15 -6.09 6.58 5.54
CA LEU B 15 -7.47 6.57 5.14
C LEU B 15 -8.33 7.37 6.06
N ASN B 16 -8.03 7.18 7.35
CA ASN B 16 -8.52 7.97 8.44
C ASN B 16 -10.05 8.11 8.46
N ARG B 17 -10.72 7.14 7.81
CA ARG B 17 -12.13 7.13 7.42
C ARG B 17 -12.55 8.35 6.58
N GLU B 18 -11.59 9.18 6.14
CA GLU B 18 -11.78 10.31 5.25
C GLU B 18 -11.61 9.90 3.78
N THR B 19 -10.46 9.31 3.42
CA THR B 19 -10.16 8.97 2.00
C THR B 19 -10.24 7.47 1.63
N ASN B 20 -10.06 7.11 0.33
CA ASN B 20 -10.48 5.77 -0.18
C ASN B 20 -9.69 5.18 -1.38
N GLU B 21 -10.21 4.11 -2.02
CA GLU B 21 -9.58 3.49 -3.22
C GLU B 21 -9.07 4.49 -4.29
N LYS B 22 -9.80 5.61 -4.42
CA LYS B 22 -9.32 6.75 -5.20
C LYS B 22 -7.92 7.14 -4.79
N MET B 23 -7.75 7.57 -3.53
CA MET B 23 -6.45 7.88 -3.06
C MET B 23 -5.48 6.71 -3.22
N LEU B 24 -5.93 5.47 -3.01
CA LEU B 24 -5.02 4.32 -3.07
C LEU B 24 -4.31 4.30 -4.44
N LYS B 25 -5.05 4.15 -5.54
CA LYS B 25 -4.45 4.26 -6.87
C LYS B 25 -3.71 5.57 -7.09
N ALA B 26 -4.20 6.67 -6.53
CA ALA B 26 -3.46 7.92 -6.52
C ALA B 26 -2.03 7.78 -5.91
N VAL B 27 -2.01 7.73 -4.58
CA VAL B 27 -0.78 7.75 -3.78
C VAL B 27 0.20 6.70 -4.22
N PHE B 28 -0.24 5.45 -4.23
CA PHE B 28 0.55 4.37 -4.77
C PHE B 28 0.93 4.51 -6.24
N GLY B 29 -0.04 4.78 -7.11
CA GLY B 29 0.24 5.07 -8.51
C GLY B 29 1.23 6.19 -8.76
N LYS B 30 1.52 7.02 -7.74
CA LYS B 30 2.50 8.11 -7.87
C LYS B 30 3.85 7.73 -8.47
N HIS B 31 4.18 6.44 -8.40
CA HIS B 31 5.36 5.92 -9.08
C HIS B 31 5.25 4.47 -9.60
N GLY B 32 4.05 3.86 -9.75
CA GLY B 32 3.92 2.50 -10.20
C GLY B 32 2.55 2.12 -10.78
N PRO B 33 2.42 0.86 -11.24
CA PRO B 33 1.25 0.31 -11.94
C PRO B 33 0.06 -0.02 -11.02
N ILE B 34 0.27 -1.02 -10.13
CA ILE B 34 -0.75 -1.43 -9.15
C ILE B 34 -1.63 -2.56 -9.73
N SER B 35 -1.40 -3.80 -9.30
CA SER B 35 -2.07 -5.03 -9.72
C SER B 35 -3.11 -5.50 -8.72
N GLU B 36 -3.15 -4.94 -7.49
CA GLU B 36 -4.24 -5.21 -6.55
C GLU B 36 -4.40 -4.13 -5.48
N VAL B 37 -5.62 -3.97 -4.96
CA VAL B 37 -6.05 -2.86 -4.07
C VAL B 37 -6.86 -3.41 -2.89
N LEU B 38 -6.50 -3.02 -1.66
CA LEU B 38 -7.09 -3.50 -0.40
C LEU B 38 -7.37 -2.35 0.59
N LEU B 39 -8.56 -2.39 1.20
CA LEU B 39 -8.94 -1.58 2.34
C LEU B 39 -9.23 -2.53 3.51
N ILE B 40 -8.71 -2.18 4.70
CA ILE B 40 -8.70 -3.10 5.82
C ILE B 40 -9.77 -2.65 6.82
N LYS B 41 -10.51 -3.72 7.25
CA LYS B 41 -11.72 -3.60 8.08
C LYS B 41 -11.79 -4.80 9.09
N ASP B 42 -12.98 -5.27 9.46
CA ASP B 42 -13.37 -6.39 10.36
C ASP B 42 -14.76 -6.92 9.89
N ARG B 43 -15.27 -8.13 10.26
CA ARG B 43 -16.60 -8.74 9.97
C ARG B 43 -16.97 -8.90 8.49
N THR B 44 -16.15 -8.38 7.58
CA THR B 44 -16.57 -8.12 6.17
C THR B 44 -17.15 -6.70 6.01
N SER B 45 -17.19 -5.96 7.15
CA SER B 45 -17.44 -4.49 7.18
C SER B 45 -18.00 -3.96 8.54
N LYS B 46 -17.42 -4.40 9.69
CA LYS B 46 -17.58 -3.68 10.99
C LYS B 46 -17.19 -2.17 10.76
N SER B 47 -16.16 -1.98 9.89
CA SER B 47 -15.90 -0.70 9.20
C SER B 47 -14.95 0.35 9.79
N ARG B 48 -13.68 0.22 9.39
CA ARG B 48 -12.59 1.20 9.48
C ARG B 48 -11.88 1.28 8.11
N GLY B 49 -10.75 1.97 8.04
CA GLY B 49 -9.93 2.07 6.83
C GLY B 49 -8.42 1.92 7.01
N PHE B 50 -7.78 0.83 6.55
CA PHE B 50 -6.30 0.82 6.32
C PHE B 50 -5.83 0.17 5.02
N ALA B 51 -4.80 0.66 4.33
CA ALA B 51 -4.57 0.27 2.93
C ALA B 51 -3.37 -0.59 2.67
N PHE B 52 -3.65 -1.59 1.83
CA PHE B 52 -2.63 -2.42 1.24
C PHE B 52 -2.75 -2.37 -0.29
N ILE B 53 -1.63 -2.24 -1.01
CA ILE B 53 -1.62 -2.27 -2.48
C ILE B 53 -0.51 -3.20 -2.96
N THR B 54 -0.86 -4.03 -3.95
CA THR B 54 0.06 -4.98 -4.59
C THR B 54 0.44 -4.42 -5.96
N PHE B 55 1.74 -4.38 -6.22
CA PHE B 55 2.37 -3.78 -7.40
C PHE B 55 2.87 -4.87 -8.37
N GLU B 56 2.57 -4.72 -9.67
CA GLU B 56 3.14 -5.60 -10.72
C GLU B 56 4.65 -5.92 -10.58
N ASN B 57 5.49 -4.99 -10.08
CA ASN B 57 6.87 -5.31 -9.68
C ASN B 57 7.19 -4.78 -8.27
N PRO B 58 8.11 -5.44 -7.53
CA PRO B 58 8.57 -5.01 -6.20
C PRO B 58 9.26 -3.63 -6.26
N ALA B 59 10.04 -3.46 -7.33
CA ALA B 59 10.57 -2.17 -7.72
C ALA B 59 9.57 -1.05 -7.52
N ASP B 60 8.43 -1.19 -8.19
CA ASP B 60 7.40 -0.18 -8.19
C ASP B 60 6.83 0.15 -6.81
N ALA B 61 6.67 -0.87 -5.97
CA ALA B 61 6.35 -0.63 -4.55
C ALA B 61 7.38 0.28 -3.89
N LYS B 62 8.66 -0.09 -4.03
CA LYS B 62 9.80 0.71 -3.52
C LYS B 62 9.78 2.14 -4.05
N ASN B 63 9.53 2.23 -5.34
CA ASN B 63 9.38 3.50 -6.04
C ASN B 63 8.30 4.39 -5.39
N ALA B 64 7.05 3.93 -5.39
CA ALA B 64 5.95 4.65 -4.76
C ALA B 64 6.21 4.96 -3.28
N ALA B 65 6.85 4.05 -2.54
CA ALA B 65 7.36 4.35 -1.20
C ALA B 65 8.30 5.56 -1.17
N LYS B 66 9.48 5.45 -1.80
CA LYS B 66 10.56 6.46 -1.81
C LYS B 66 10.04 7.80 -2.30
N ASP B 67 9.13 7.76 -3.27
CA ASP B 67 8.33 8.92 -3.65
C ASP B 67 7.54 9.55 -2.49
N MET B 68 6.62 8.73 -1.97
CA MET B 68 5.57 9.19 -1.03
C MET B 68 6.02 9.45 0.41
N ASN B 69 6.03 8.38 1.22
CA ASN B 69 6.70 8.37 2.55
C ASN B 69 6.41 9.43 3.63
N GLY B 70 5.53 10.38 3.35
CA GLY B 70 5.14 11.51 4.20
C GLY B 70 4.69 12.74 3.41
N LYS B 71 3.93 12.46 2.34
CA LYS B 71 3.24 13.52 1.60
C LYS B 71 1.95 13.83 2.37
N SER B 72 1.09 14.68 1.82
CA SER B 72 -0.20 14.95 2.44
C SER B 72 -1.23 15.36 1.40
N LEU B 73 -2.34 14.62 1.41
CA LEU B 73 -3.34 14.65 0.34
C LEU B 73 -4.76 14.16 0.73
N HIS B 74 -4.90 13.49 1.88
CA HIS B 74 -6.20 13.00 2.37
C HIS B 74 -6.92 13.97 3.34
N GLY B 75 -6.21 15.00 3.82
CA GLY B 75 -6.70 15.84 4.93
C GLY B 75 -5.61 16.19 5.94
N LYS B 76 -4.64 15.29 6.21
CA LYS B 76 -3.63 15.49 7.27
C LYS B 76 -2.21 15.08 6.90
N ALA B 77 -2.04 13.82 6.43
CA ALA B 77 -0.72 13.28 5.99
C ALA B 77 -0.71 11.74 6.00
N ILE B 78 0.06 11.20 5.06
CA ILE B 78 0.11 9.76 4.80
C ILE B 78 1.37 9.09 5.35
N LYS B 79 1.18 7.83 5.70
CA LYS B 79 2.27 6.91 5.99
C LYS B 79 2.40 6.00 4.78
N VAL B 80 3.62 5.81 4.29
CA VAL B 80 3.93 4.76 3.31
C VAL B 80 5.09 3.91 3.83
N GLU B 81 4.77 2.65 4.12
CA GLU B 81 5.71 1.63 4.63
C GLU B 81 5.54 0.29 3.90
N GLN B 82 6.59 -0.53 3.79
CA GLN B 82 6.52 -1.76 3.01
C GLN B 82 5.96 -2.87 3.93
N ALA B 83 4.94 -3.58 3.43
CA ALA B 83 4.11 -4.46 4.24
C ALA B 83 4.86 -5.67 4.86
N LYS B 84 4.50 -5.92 6.12
CA LYS B 84 4.92 -7.14 6.83
C LYS B 84 3.77 -8.18 6.76
N LYS B 85 3.83 -9.24 7.58
CA LYS B 85 2.68 -10.15 7.75
C LYS B 85 1.83 -9.67 8.94
N PRO B 86 0.51 -9.92 8.97
CA PRO B 86 -0.33 -9.57 10.12
C PRO B 86 -0.09 -10.53 11.30
N SER B 87 0.20 -11.80 10.98
CA SER B 87 0.47 -12.93 11.89
C SER B 87 0.98 -14.15 11.09
N PHE B 88 0.36 -14.44 9.94
CA PHE B 88 0.68 -15.60 9.09
C PHE B 88 0.67 -15.32 7.58
N GLN B 89 -0.31 -14.57 7.06
CA GLN B 89 -0.46 -14.24 5.62
C GLN B 89 0.73 -13.42 5.06
N SER B 90 1.45 -13.96 4.09
CA SER B 90 2.57 -13.27 3.40
C SER B 90 2.13 -12.07 2.56
N GLY B 91 0.89 -12.07 2.04
CA GLY B 91 0.23 -10.93 1.38
C GLY B 91 -0.19 -11.17 -0.07
N GLY B 92 0.28 -12.23 -0.73
CA GLY B 92 -0.01 -12.53 -2.13
C GLY B 92 0.97 -13.49 -2.82
N ARG B 93 2.20 -13.59 -2.31
CA ARG B 93 3.24 -14.55 -2.73
C ARG B 93 3.98 -15.09 -1.49
N ARG B 94 4.47 -16.33 -1.56
CA ARG B 94 5.13 -17.05 -0.45
C ARG B 94 6.41 -16.34 -0.01
N ARG B 95 6.42 -15.79 1.22
CA ARG B 95 7.58 -15.15 1.87
C ARG B 95 7.54 -15.39 3.39
N PRO B 96 8.44 -16.23 3.96
CA PRO B 96 8.60 -16.34 5.40
C PRO B 96 9.25 -15.07 5.99
N PRO B 97 9.08 -14.78 7.29
CA PRO B 97 9.68 -13.61 7.93
C PRO B 97 11.21 -13.75 8.07
N ALA B 98 11.89 -12.62 8.21
CA ALA B 98 13.35 -12.52 8.34
C ALA B 98 13.75 -11.34 9.25
N SER B 99 15.04 -11.21 9.56
CA SER B 99 15.60 -10.16 10.44
C SER B 99 15.28 -8.72 10.00
N SER B 100 15.06 -8.51 8.69
CA SER B 100 14.59 -7.27 8.05
C SER B 100 15.56 -6.06 8.14
N ARG B 101 15.23 -5.01 7.39
CA ARG B 101 15.89 -3.68 7.40
C ARG B 101 14.90 -2.52 7.19
N ASN B 102 13.67 -2.69 7.70
CA ASN B 102 12.56 -1.75 7.61
C ASN B 102 12.82 -0.41 8.34
N ARG B 103 11.90 0.56 8.17
CA ARG B 103 11.82 1.92 8.76
C ARG B 103 11.60 1.94 10.30
N SER B 104 12.26 1.05 11.05
CA SER B 104 12.20 0.91 12.51
C SER B 104 13.57 0.46 13.07
N PRO B 105 14.03 1.02 14.21
CA PRO B 105 15.37 0.74 14.75
C PRO B 105 15.54 -0.63 15.42
N SER B 106 14.43 -1.31 15.79
CA SER B 106 14.43 -2.51 16.64
C SER B 106 15.19 -2.33 17.97
N GLY B 107 15.57 -3.42 18.64
CA GLY B 107 16.28 -3.42 19.93
C GLY B 107 17.00 -4.74 20.29
N SER B 108 17.22 -5.62 19.31
CA SER B 108 17.90 -6.93 19.46
C SER B 108 19.33 -6.83 20.02
N MET B 1 19.35 -11.13 -0.18
CA MET B 1 19.21 -9.64 -0.24
C MET B 1 17.79 -9.25 -0.63
N VAL B 2 17.31 -8.11 -0.13
CA VAL B 2 16.05 -7.46 -0.55
C VAL B 2 16.20 -5.92 -0.49
N GLU B 3 15.57 -5.20 -1.42
CA GLU B 3 15.75 -3.75 -1.62
C GLU B 3 15.24 -2.85 -0.47
N ALA B 4 14.30 -3.35 0.33
CA ALA B 4 13.77 -2.75 1.56
C ALA B 4 13.28 -3.90 2.48
N ASP B 5 12.65 -3.60 3.62
CA ASP B 5 12.24 -4.66 4.58
C ASP B 5 11.46 -5.84 3.96
N HIS B 6 10.58 -5.55 2.98
CA HIS B 6 9.88 -6.49 2.08
C HIS B 6 8.99 -5.71 1.08
N PRO B 7 9.57 -5.04 0.06
CA PRO B 7 8.81 -4.31 -0.97
C PRO B 7 8.08 -5.28 -1.93
N GLY B 8 7.02 -4.79 -2.55
CA GLY B 8 6.14 -5.54 -3.48
C GLY B 8 4.67 -5.36 -3.10
N LYS B 9 4.39 -5.47 -1.80
CA LYS B 9 3.07 -5.12 -1.24
C LYS B 9 3.28 -4.05 -0.16
N LEU B 10 2.45 -3.02 -0.18
CA LEU B 10 2.72 -1.79 0.55
C LEU B 10 1.55 -1.31 1.40
N PHE B 11 1.83 -0.76 2.58
CA PHE B 11 0.84 -0.28 3.54
C PHE B 11 0.81 1.26 3.51
N ILE B 12 -0.39 1.81 3.21
CA ILE B 12 -0.63 3.25 3.35
C ILE B 12 -1.55 3.38 4.54
N GLY B 13 -1.21 4.35 5.38
CA GLY B 13 -1.88 4.62 6.61
C GLY B 13 -2.56 5.97 6.59
N GLY B 14 -3.86 5.89 6.91
CA GLY B 14 -4.71 7.09 7.09
C GLY B 14 -6.19 6.78 6.94
N LEU B 15 -6.62 6.79 5.70
CA LEU B 15 -7.82 6.07 5.32
C LEU B 15 -9.28 6.30 5.72
N ASN B 16 -10.02 5.75 4.76
CA ASN B 16 -11.40 5.30 4.56
C ASN B 16 -12.56 6.04 5.17
N ARG B 17 -12.34 6.41 6.43
CA ARG B 17 -13.17 7.27 7.26
C ARG B 17 -13.34 8.64 6.61
N GLU B 18 -12.57 8.85 5.53
CA GLU B 18 -12.68 9.92 4.57
C GLU B 18 -12.48 9.46 3.10
N THR B 19 -11.46 8.62 2.81
CA THR B 19 -11.11 8.30 1.38
C THR B 19 -10.50 6.91 1.09
N ASN B 20 -10.39 6.52 -0.20
CA ASN B 20 -10.24 5.08 -0.56
C ASN B 20 -9.48 4.82 -1.87
N GLU B 21 -9.89 3.83 -2.70
CA GLU B 21 -9.18 3.46 -3.96
C GLU B 21 -8.68 4.62 -4.84
N LYS B 22 -9.35 5.78 -4.66
CA LYS B 22 -9.03 6.93 -5.49
C LYS B 22 -7.65 7.36 -5.09
N MET B 23 -7.61 7.65 -3.78
CA MET B 23 -6.41 7.99 -3.11
C MET B 23 -5.37 6.88 -3.32
N LEU B 24 -5.74 5.59 -3.20
CA LEU B 24 -4.77 4.48 -3.35
C LEU B 24 -4.01 4.53 -4.67
N LYS B 25 -4.70 4.29 -5.79
CA LYS B 25 -4.06 4.34 -7.11
C LYS B 25 -3.37 5.66 -7.36
N ALA B 26 -3.93 6.77 -6.86
CA ALA B 26 -3.24 8.04 -6.85
C ALA B 26 -1.86 7.96 -6.17
N VAL B 27 -1.93 7.85 -4.84
CA VAL B 27 -0.76 7.94 -3.95
C VAL B 27 0.36 7.02 -4.36
N PHE B 28 0.02 5.74 -4.39
CA PHE B 28 0.90 4.69 -4.85
C PHE B 28 1.30 4.78 -6.32
N GLY B 29 0.32 4.87 -7.21
CA GLY B 29 0.59 5.04 -8.62
C GLY B 29 1.47 6.21 -8.98
N LYS B 30 1.68 7.18 -8.06
CA LYS B 30 2.60 8.30 -8.33
C LYS B 30 3.94 7.86 -8.92
N HIS B 31 4.40 6.72 -8.40
CA HIS B 31 5.69 6.14 -8.81
C HIS B 31 5.69 4.63 -9.15
N GLY B 32 4.54 3.97 -9.40
CA GLY B 32 4.55 2.60 -9.91
C GLY B 32 3.26 2.17 -10.64
N PRO B 33 3.23 0.92 -11.14
CA PRO B 33 2.14 0.34 -11.92
C PRO B 33 0.86 -0.02 -11.13
N ILE B 34 0.96 -0.99 -10.19
CA ILE B 34 -0.16 -1.36 -9.30
C ILE B 34 -1.04 -2.50 -9.88
N SER B 35 -0.88 -3.70 -9.34
CA SER B 35 -1.48 -4.98 -9.73
C SER B 35 -2.55 -5.46 -8.72
N GLU B 36 -2.58 -4.89 -7.50
CA GLU B 36 -3.68 -5.15 -6.55
C GLU B 36 -3.97 -3.94 -5.68
N VAL B 37 -5.24 -3.77 -5.27
CA VAL B 37 -5.74 -2.63 -4.49
C VAL B 37 -6.65 -3.10 -3.35
N LEU B 38 -6.29 -2.78 -2.10
CA LEU B 38 -6.90 -3.31 -0.87
C LEU B 38 -7.19 -2.24 0.20
N LEU B 39 -8.37 -2.30 0.82
CA LEU B 39 -8.74 -1.53 2.02
C LEU B 39 -9.09 -2.51 3.16
N ILE B 40 -8.59 -2.27 4.37
CA ILE B 40 -8.74 -3.21 5.49
C ILE B 40 -9.77 -2.65 6.48
N LYS B 41 -10.71 -3.55 6.86
CA LYS B 41 -11.85 -3.21 7.73
C LYS B 41 -11.97 -4.24 8.88
N ASP B 42 -13.18 -4.70 9.20
CA ASP B 42 -13.58 -5.52 10.37
C ASP B 42 -15.01 -6.04 10.10
N ARG B 43 -15.38 -7.31 10.40
CA ARG B 43 -16.62 -8.05 9.98
C ARG B 43 -16.89 -8.13 8.48
N THR B 44 -16.10 -7.41 7.68
CA THR B 44 -16.47 -7.09 6.27
C THR B 44 -17.24 -5.75 6.22
N SER B 45 -17.45 -5.13 7.43
CA SER B 45 -17.90 -3.72 7.57
C SER B 45 -18.38 -3.21 8.98
N LYS B 46 -17.94 -3.72 10.18
CA LYS B 46 -18.02 -2.88 11.41
C LYS B 46 -17.37 -1.47 11.10
N SER B 47 -16.36 -1.43 10.19
CA SER B 47 -15.94 -0.21 9.49
C SER B 47 -14.85 0.68 10.09
N ARG B 48 -13.60 0.36 9.69
CA ARG B 48 -12.36 1.08 9.86
C ARG B 48 -11.56 0.82 8.58
N GLY B 49 -10.51 1.59 8.37
CA GLY B 49 -9.76 1.65 7.12
C GLY B 49 -8.24 1.65 7.19
N PHE B 50 -7.60 0.70 6.51
CA PHE B 50 -6.15 0.78 6.19
C PHE B 50 -5.75 0.20 4.83
N ALA B 51 -4.81 0.79 4.08
CA ALA B 51 -4.61 0.44 2.67
C ALA B 51 -3.40 -0.41 2.39
N PHE B 52 -3.61 -1.41 1.56
CA PHE B 52 -2.59 -2.27 1.02
C PHE B 52 -2.56 -2.15 -0.52
N ILE B 53 -1.38 -2.03 -1.18
CA ILE B 53 -1.34 -2.10 -2.66
C ILE B 53 -0.19 -3.01 -3.10
N THR B 54 -0.43 -3.90 -4.06
CA THR B 54 0.63 -4.76 -4.64
C THR B 54 1.00 -4.22 -6.00
N PHE B 55 2.30 -4.16 -6.27
CA PHE B 55 2.94 -3.64 -7.49
C PHE B 55 3.47 -4.76 -8.38
N GLU B 56 3.23 -4.65 -9.69
CA GLU B 56 3.84 -5.55 -10.69
C GLU B 56 5.36 -5.81 -10.50
N ASN B 57 6.12 -4.83 -9.95
CA ASN B 57 7.50 -5.07 -9.50
C ASN B 57 7.76 -4.45 -8.11
N PRO B 58 8.62 -5.08 -7.28
CA PRO B 58 8.99 -4.59 -5.95
C PRO B 58 9.78 -3.27 -6.02
N ALA B 59 10.56 -3.11 -7.10
CA ALA B 59 11.20 -1.84 -7.42
C ALA B 59 10.24 -0.65 -7.29
N ASP B 60 9.21 -0.73 -8.11
CA ASP B 60 8.18 0.29 -8.17
C ASP B 60 7.44 0.53 -6.85
N ALA B 61 7.22 -0.55 -6.09
CA ALA B 61 6.73 -0.42 -4.71
C ALA B 61 7.63 0.47 -3.87
N LYS B 62 8.92 0.15 -3.86
CA LYS B 62 9.96 0.92 -3.15
C LYS B 62 9.97 2.38 -3.60
N ASN B 63 9.88 2.58 -4.91
CA ASN B 63 9.74 3.90 -5.49
C ASN B 63 8.57 4.70 -4.92
N ALA B 64 7.34 4.17 -5.05
CA ALA B 64 6.15 4.81 -4.48
C ALA B 64 6.28 5.06 -2.98
N ALA B 65 6.87 4.11 -2.23
CA ALA B 65 7.25 4.35 -0.84
C ALA B 65 8.17 5.56 -0.66
N LYS B 66 9.36 5.52 -1.25
CA LYS B 66 10.45 6.49 -1.16
C LYS B 66 9.99 7.90 -1.56
N ASP B 67 9.18 7.95 -2.61
CA ASP B 67 8.44 9.15 -2.97
C ASP B 67 7.58 9.70 -1.84
N MET B 68 6.64 8.84 -1.44
CA MET B 68 5.54 9.23 -0.53
C MET B 68 5.94 9.48 0.92
N ASN B 69 6.00 8.38 1.71
CA ASN B 69 6.62 8.36 3.05
C ASN B 69 6.22 9.40 4.14
N GLY B 70 5.30 10.30 3.85
CA GLY B 70 4.85 11.41 4.69
C GLY B 70 4.33 12.60 3.90
N LYS B 71 3.76 12.32 2.71
CA LYS B 71 3.02 13.33 1.97
C LYS B 71 1.66 13.46 2.68
N SER B 72 0.81 14.37 2.24
CA SER B 72 -0.46 14.61 2.88
C SER B 72 -1.47 15.07 1.86
N LEU B 73 -2.59 14.37 1.85
CA LEU B 73 -3.52 14.47 0.72
C LEU B 73 -5.01 14.16 0.96
N HIS B 74 -5.36 13.61 2.13
CA HIS B 74 -6.74 13.63 2.62
C HIS B 74 -6.76 14.67 3.76
N GLY B 75 -7.60 14.54 4.78
CA GLY B 75 -7.50 15.36 6.00
C GLY B 75 -6.32 14.97 6.91
N LYS B 76 -5.37 14.17 6.41
CA LYS B 76 -4.29 13.63 7.21
C LYS B 76 -3.16 13.35 6.22
N ALA B 77 -1.97 13.27 6.79
CA ALA B 77 -0.86 12.70 6.10
C ALA B 77 -1.12 11.21 5.84
N ILE B 78 -0.40 10.74 4.84
CA ILE B 78 -0.27 9.31 4.56
C ILE B 78 1.07 8.83 5.07
N LYS B 79 1.02 7.69 5.74
CA LYS B 79 2.24 6.99 6.18
C LYS B 79 2.47 5.81 5.26
N VAL B 80 3.71 5.63 4.77
CA VAL B 80 4.04 4.56 3.82
C VAL B 80 5.10 3.60 4.37
N GLU B 81 4.70 2.34 4.42
CA GLU B 81 5.35 1.19 5.05
C GLU B 81 5.33 -0.02 4.09
N GLN B 82 6.26 -0.98 4.24
CA GLN B 82 6.34 -2.15 3.37
C GLN B 82 5.78 -3.37 4.11
N ALA B 83 4.86 -4.06 3.42
CA ALA B 83 4.00 -5.05 4.05
C ALA B 83 4.69 -6.35 4.53
N LYS B 84 4.19 -6.81 5.69
CA LYS B 84 4.61 -8.09 6.28
C LYS B 84 3.36 -8.86 6.77
N LYS B 85 3.49 -10.19 6.91
CA LYS B 85 2.34 -11.08 7.22
C LYS B 85 1.52 -10.60 8.44
N PRO B 86 0.17 -10.66 8.42
CA PRO B 86 -0.69 -10.06 9.46
C PRO B 86 -0.56 -10.80 10.80
N SER B 87 -0.76 -12.13 10.76
CA SER B 87 -0.54 -13.11 11.84
C SER B 87 -0.11 -14.45 11.21
N PHE B 88 -0.83 -14.85 10.14
CA PHE B 88 -0.49 -15.95 9.24
C PHE B 88 -1.05 -15.65 7.83
N GLN B 89 -0.39 -16.20 6.80
CA GLN B 89 -0.78 -16.12 5.39
C GLN B 89 -0.07 -17.25 4.61
N SER B 90 -0.68 -17.75 3.53
CA SER B 90 -0.24 -18.95 2.79
C SER B 90 -0.27 -18.82 1.26
N GLY B 91 -0.61 -17.65 0.71
CA GLY B 91 -0.73 -17.41 -0.74
C GLY B 91 -1.04 -15.97 -1.12
N GLY B 92 -1.26 -15.74 -2.42
CA GLY B 92 -1.58 -14.44 -3.03
C GLY B 92 -2.06 -14.56 -4.49
N ARG B 93 -2.41 -13.43 -5.11
CA ARG B 93 -2.98 -13.32 -6.46
C ARG B 93 -2.57 -12.00 -7.13
N ARG B 94 -2.52 -11.97 -8.47
CA ARG B 94 -2.16 -10.79 -9.30
C ARG B 94 -2.71 -10.91 -10.73
N ARG B 95 -2.77 -9.78 -11.46
CA ARG B 95 -3.01 -9.77 -12.92
C ARG B 95 -1.71 -10.10 -13.68
N PRO B 96 -1.78 -10.66 -14.91
CA PRO B 96 -0.60 -10.90 -15.75
C PRO B 96 0.06 -9.57 -16.18
N PRO B 97 1.33 -9.60 -16.64
CA PRO B 97 2.06 -8.39 -17.08
C PRO B 97 1.56 -7.81 -18.42
N ALA B 98 0.66 -8.52 -19.12
CA ALA B 98 0.04 -8.08 -20.38
C ALA B 98 -0.71 -6.74 -20.26
N SER B 99 -0.81 -6.00 -21.36
CA SER B 99 -1.50 -4.71 -21.47
C SER B 99 -1.93 -4.41 -22.91
N SER B 100 -2.83 -3.45 -23.09
CA SER B 100 -3.32 -2.93 -24.38
C SER B 100 -3.83 -1.49 -24.22
N ARG B 101 -3.88 -0.73 -25.32
CA ARG B 101 -4.24 0.71 -25.33
C ARG B 101 -4.96 1.10 -26.64
N ASN B 102 -5.83 2.11 -26.55
CA ASN B 102 -6.55 2.72 -27.67
C ASN B 102 -6.81 4.22 -27.38
N ARG B 103 -6.95 5.03 -28.44
CA ARG B 103 -7.31 6.46 -28.38
C ARG B 103 -8.11 6.88 -29.62
N SER B 104 -8.83 8.01 -29.52
CA SER B 104 -9.68 8.54 -30.60
C SER B 104 -9.72 10.09 -30.58
N PRO B 105 -8.58 10.76 -30.88
CA PRO B 105 -8.53 12.22 -31.02
C PRO B 105 -9.25 12.70 -32.30
N SER B 106 -9.52 14.02 -32.36
CA SER B 106 -10.20 14.70 -33.48
C SER B 106 -11.59 14.12 -33.84
N GLY B 107 -12.13 14.48 -35.00
CA GLY B 107 -13.43 14.04 -35.52
C GLY B 107 -13.75 14.58 -36.92
N SER B 108 -14.93 14.20 -37.44
CA SER B 108 -15.42 14.53 -38.80
C SER B 108 -16.92 14.85 -38.80
N MET B 1 19.93 -2.20 2.32
CA MET B 1 19.08 -3.32 2.84
C MET B 1 17.62 -3.08 2.51
N VAL B 2 16.84 -4.16 2.32
CA VAL B 2 15.37 -4.10 2.09
C VAL B 2 14.63 -3.62 3.35
N GLU B 3 15.07 -4.05 4.54
CA GLU B 3 14.42 -3.80 5.86
C GLU B 3 12.94 -4.24 5.93
N ALA B 4 12.52 -5.10 4.98
CA ALA B 4 11.18 -5.64 4.76
C ALA B 4 11.30 -6.96 3.94
N ASP B 5 10.17 -7.49 3.45
CA ASP B 5 10.15 -8.83 2.85
C ASP B 5 9.98 -8.85 1.32
N HIS B 6 10.08 -7.67 0.68
CA HIS B 6 9.87 -7.43 -0.76
C HIS B 6 8.69 -8.19 -1.42
N PRO B 7 7.46 -8.18 -0.84
CA PRO B 7 6.30 -8.87 -1.43
C PRO B 7 5.69 -8.13 -2.65
N GLY B 8 6.21 -6.95 -3.01
CA GLY B 8 5.61 -6.05 -4.00
C GLY B 8 4.32 -5.37 -3.50
N LYS B 9 4.05 -5.43 -2.19
CA LYS B 9 2.77 -4.98 -1.62
C LYS B 9 2.97 -4.01 -0.45
N LEU B 10 2.18 -2.93 -0.46
CA LEU B 10 2.40 -1.78 0.39
C LEU B 10 1.21 -1.47 1.29
N PHE B 11 1.48 -0.99 2.50
CA PHE B 11 0.49 -0.51 3.48
C PHE B 11 0.52 1.02 3.49
N ILE B 12 -0.65 1.61 3.23
CA ILE B 12 -0.85 3.04 3.44
C ILE B 12 -1.72 3.09 4.66
N GLY B 13 -1.22 3.89 5.57
CA GLY B 13 -1.88 4.23 6.79
C GLY B 13 -2.42 5.63 6.71
N GLY B 14 -3.71 5.63 6.93
CA GLY B 14 -4.49 6.86 7.00
C GLY B 14 -5.90 6.51 6.77
N LEU B 15 -6.34 6.84 5.57
CA LEU B 15 -7.70 6.54 5.11
C LEU B 15 -8.85 7.13 5.87
N ASN B 16 -8.74 7.11 7.18
CA ASN B 16 -9.49 7.74 8.21
C ASN B 16 -11.01 7.65 8.05
N ARG B 17 -11.47 6.60 7.35
CA ARG B 17 -12.86 6.46 6.88
C ARG B 17 -13.33 7.74 6.13
N GLU B 18 -12.40 8.41 5.43
CA GLU B 18 -12.49 9.72 4.83
C GLU B 18 -12.05 9.66 3.36
N THR B 19 -10.85 9.14 3.03
CA THR B 19 -10.49 8.84 1.61
C THR B 19 -10.40 7.34 1.27
N ASN B 20 -10.11 7.00 -0.01
CA ASN B 20 -10.29 5.62 -0.50
C ASN B 20 -9.48 5.32 -1.78
N GLU B 21 -9.84 4.30 -2.57
CA GLU B 21 -9.00 3.85 -3.72
C GLU B 21 -8.61 4.89 -4.82
N LYS B 22 -9.35 5.97 -4.67
CA LYS B 22 -9.02 7.20 -5.39
C LYS B 22 -7.60 7.62 -5.04
N MET B 23 -7.48 7.82 -3.71
CA MET B 23 -6.20 8.08 -3.13
C MET B 23 -5.28 6.93 -3.52
N LEU B 24 -5.82 5.69 -3.55
CA LEU B 24 -4.95 4.54 -3.75
C LEU B 24 -4.10 4.63 -5.02
N LYS B 25 -4.74 4.50 -6.18
CA LYS B 25 -4.05 4.65 -7.45
C LYS B 25 -3.34 5.99 -7.55
N ALA B 26 -3.91 7.05 -6.98
CA ALA B 26 -3.22 8.31 -6.86
C ALA B 26 -1.82 8.17 -6.18
N VAL B 27 -1.87 8.07 -4.86
CA VAL B 27 -0.69 8.11 -3.98
C VAL B 27 0.35 7.11 -4.41
N PHE B 28 -0.06 5.86 -4.49
CA PHE B 28 0.82 4.81 -4.89
C PHE B 28 1.27 4.91 -6.35
N GLY B 29 0.32 5.10 -7.26
CA GLY B 29 0.68 5.33 -8.65
C GLY B 29 1.62 6.48 -8.91
N LYS B 30 1.82 7.37 -7.93
CA LYS B 30 2.80 8.47 -8.07
C LYS B 30 4.13 7.99 -8.66
N HIS B 31 4.59 6.82 -8.18
CA HIS B 31 5.82 6.20 -8.67
C HIS B 31 5.76 4.69 -9.06
N GLY B 32 4.59 4.09 -9.37
CA GLY B 32 4.55 2.74 -9.93
C GLY B 32 3.28 2.40 -10.72
N PRO B 33 3.19 1.17 -11.24
CA PRO B 33 2.08 0.66 -12.06
C PRO B 33 0.78 0.38 -11.26
N ILE B 34 0.80 -0.67 -10.42
CA ILE B 34 -0.34 -1.00 -9.54
C ILE B 34 -1.34 -1.96 -10.22
N SER B 35 -1.32 -3.23 -9.83
CA SER B 35 -2.23 -4.26 -10.34
C SER B 35 -3.07 -4.93 -9.23
N GLU B 36 -2.97 -4.48 -7.96
CA GLU B 36 -3.93 -4.90 -6.92
C GLU B 36 -4.23 -3.76 -5.93
N VAL B 37 -5.50 -3.56 -5.55
CA VAL B 37 -5.94 -2.47 -4.66
C VAL B 37 -6.92 -2.97 -3.58
N LEU B 38 -6.58 -2.73 -2.32
CA LEU B 38 -7.20 -3.29 -1.11
C LEU B 38 -7.44 -2.24 -0.02
N LEU B 39 -8.59 -2.27 0.65
CA LEU B 39 -8.83 -1.54 1.90
C LEU B 39 -9.38 -2.47 2.98
N ILE B 40 -8.86 -2.35 4.20
CA ILE B 40 -9.07 -3.35 5.24
C ILE B 40 -10.05 -2.82 6.28
N LYS B 41 -10.98 -3.74 6.62
CA LYS B 41 -12.10 -3.48 7.55
C LYS B 41 -12.07 -4.51 8.73
N ASP B 42 -13.23 -5.08 9.08
CA ASP B 42 -13.56 -5.93 10.26
C ASP B 42 -14.97 -6.49 9.99
N ARG B 43 -15.33 -7.75 10.32
CA ARG B 43 -16.61 -8.43 9.94
C ARG B 43 -16.93 -8.41 8.44
N THR B 44 -16.04 -7.89 7.59
CA THR B 44 -16.42 -7.58 6.19
C THR B 44 -17.31 -6.32 6.10
N SER B 45 -17.60 -5.74 7.29
CA SER B 45 -18.10 -4.36 7.42
C SER B 45 -18.62 -3.89 8.83
N LYS B 46 -18.01 -4.35 9.95
CA LYS B 46 -18.09 -3.63 11.25
C LYS B 46 -17.61 -2.15 10.96
N SER B 47 -16.55 -2.02 10.12
CA SER B 47 -16.25 -0.78 9.36
C SER B 47 -15.22 0.27 9.83
N ARG B 48 -13.96 0.08 9.38
CA ARG B 48 -12.84 1.04 9.37
C ARG B 48 -12.16 0.98 7.99
N GLY B 49 -11.10 1.74 7.80
CA GLY B 49 -10.27 1.75 6.57
C GLY B 49 -8.74 1.75 6.76
N PHE B 50 -8.02 0.71 6.31
CA PHE B 50 -6.53 0.79 6.14
C PHE B 50 -6.07 0.13 4.84
N ALA B 51 -5.18 0.67 3.99
CA ALA B 51 -5.11 0.19 2.60
C ALA B 51 -3.82 -0.41 2.09
N PHE B 52 -3.98 -1.54 1.39
CA PHE B 52 -2.89 -2.29 0.80
C PHE B 52 -2.83 -2.13 -0.73
N ILE B 53 -1.67 -1.92 -1.37
CA ILE B 53 -1.60 -1.93 -2.86
C ILE B 53 -0.49 -2.86 -3.34
N THR B 54 -0.74 -3.69 -4.36
CA THR B 54 0.31 -4.51 -5.00
C THR B 54 0.67 -3.91 -6.35
N PHE B 55 1.99 -3.82 -6.54
CA PHE B 55 2.70 -3.31 -7.70
C PHE B 55 3.26 -4.49 -8.49
N GLU B 56 3.07 -4.45 -9.81
CA GLU B 56 3.69 -5.42 -10.72
C GLU B 56 5.20 -5.73 -10.48
N ASN B 57 5.99 -4.82 -9.88
CA ASN B 57 7.35 -5.15 -9.41
C ASN B 57 7.64 -4.55 -8.02
N PRO B 58 8.53 -5.18 -7.22
CA PRO B 58 8.96 -4.68 -5.90
C PRO B 58 9.74 -3.37 -6.02
N ALA B 59 10.47 -3.21 -7.11
CA ALA B 59 11.08 -1.94 -7.49
C ALA B 59 10.11 -0.77 -7.34
N ASP B 60 9.01 -0.88 -8.09
CA ASP B 60 8.00 0.14 -8.13
C ASP B 60 7.30 0.41 -6.79
N ALA B 61 7.10 -0.65 -6.01
CA ALA B 61 6.64 -0.52 -4.63
C ALA B 61 7.56 0.39 -3.81
N LYS B 62 8.85 0.06 -3.84
CA LYS B 62 9.92 0.84 -3.20
C LYS B 62 9.96 2.30 -3.66
N ASN B 63 9.81 2.47 -4.96
CA ASN B 63 9.70 3.77 -5.58
C ASN B 63 8.57 4.61 -4.99
N ALA B 64 7.32 4.13 -5.11
CA ALA B 64 6.17 4.78 -4.50
C ALA B 64 6.35 4.99 -2.98
N ALA B 65 6.96 4.05 -2.26
CA ALA B 65 7.39 4.28 -0.88
C ALA B 65 8.31 5.51 -0.74
N LYS B 66 9.48 5.46 -1.36
CA LYS B 66 10.57 6.46 -1.28
C LYS B 66 10.08 7.85 -1.66
N ASP B 67 9.24 7.88 -2.68
CA ASP B 67 8.47 9.08 -3.02
C ASP B 67 7.64 9.62 -1.85
N MET B 68 6.69 8.76 -1.48
CA MET B 68 5.59 9.13 -0.58
C MET B 68 6.00 9.31 0.88
N ASN B 69 6.04 8.20 1.64
CA ASN B 69 6.70 8.14 2.95
C ASN B 69 6.61 9.36 3.89
N GLY B 70 5.39 9.84 4.10
CA GLY B 70 5.06 11.00 4.92
C GLY B 70 4.74 12.29 4.18
N LYS B 71 4.14 12.10 2.99
CA LYS B 71 3.53 13.20 2.27
C LYS B 71 2.08 13.33 2.79
N SER B 72 1.26 14.17 2.18
CA SER B 72 -0.04 14.52 2.74
C SER B 72 -0.95 15.03 1.64
N LEU B 73 -2.18 14.50 1.63
CA LEU B 73 -3.05 14.68 0.46
C LEU B 73 -4.56 14.46 0.65
N HIS B 74 -4.99 13.76 1.70
CA HIS B 74 -6.43 13.56 1.97
C HIS B 74 -6.95 14.58 3.00
N GLY B 75 -6.36 15.78 3.01
CA GLY B 75 -6.52 16.73 4.13
C GLY B 75 -5.78 16.24 5.39
N LYS B 76 -4.88 15.24 5.19
CA LYS B 76 -4.25 14.51 6.29
C LYS B 76 -3.05 13.81 5.66
N ALA B 77 -2.13 13.42 6.51
CA ALA B 77 -0.94 12.74 6.07
C ALA B 77 -1.16 11.26 5.80
N ILE B 78 -0.33 10.77 4.89
CA ILE B 78 -0.18 9.32 4.63
C ILE B 78 1.12 8.81 5.20
N LYS B 79 1.02 7.66 5.84
CA LYS B 79 2.21 6.89 6.23
C LYS B 79 2.34 5.73 5.27
N VAL B 80 3.53 5.55 4.71
CA VAL B 80 3.81 4.55 3.65
C VAL B 80 4.86 3.55 4.13
N GLU B 81 4.44 2.30 4.13
CA GLU B 81 5.09 1.13 4.71
C GLU B 81 5.03 -0.06 3.72
N GLN B 82 6.00 -0.97 3.76
CA GLN B 82 5.98 -2.16 2.91
C GLN B 82 5.49 -3.33 3.78
N ALA B 83 4.44 -4.00 3.30
CA ALA B 83 3.67 -4.95 4.10
C ALA B 83 4.48 -6.11 4.72
N LYS B 84 4.01 -6.60 5.88
CA LYS B 84 4.80 -7.53 6.71
C LYS B 84 4.11 -8.88 6.95
N LYS B 85 3.09 -8.89 7.82
CA LYS B 85 2.45 -10.14 8.29
C LYS B 85 1.19 -9.75 9.09
N PRO B 86 0.01 -10.32 8.81
CA PRO B 86 -1.22 -9.91 9.51
C PRO B 86 -1.38 -10.51 10.90
N SER B 87 -0.97 -11.78 11.10
CA SER B 87 -1.22 -12.58 12.30
C SER B 87 -0.08 -13.56 12.57
N PHE B 88 0.03 -14.02 13.84
CA PHE B 88 1.03 -15.00 14.29
C PHE B 88 0.51 -15.76 15.54
N GLN B 89 0.06 -14.99 16.53
CA GLN B 89 -0.68 -15.45 17.72
C GLN B 89 -1.93 -14.55 17.93
N SER B 90 -1.81 -13.27 17.56
CA SER B 90 -2.89 -12.29 17.39
C SER B 90 -2.50 -11.27 16.31
N GLY B 91 -3.37 -10.29 16.03
CA GLY B 91 -3.18 -9.31 14.95
C GLY B 91 -1.95 -8.40 15.13
N GLY B 92 -1.35 -7.96 14.01
CA GLY B 92 -0.11 -7.18 13.96
C GLY B 92 -0.05 -5.91 14.84
N ARG B 93 -1.20 -5.26 15.09
CA ARG B 93 -1.35 -4.07 15.96
C ARG B 93 -0.91 -4.28 17.43
N ARG B 94 -0.84 -5.54 17.87
CA ARG B 94 -0.61 -6.00 19.26
C ARG B 94 0.34 -7.21 19.26
N ARG B 95 1.04 -7.51 20.37
CA ARG B 95 2.08 -8.56 20.40
C ARG B 95 2.20 -9.25 21.77
N PRO B 96 2.33 -10.60 21.82
CA PRO B 96 2.62 -11.32 23.07
C PRO B 96 4.05 -11.03 23.59
N PRO B 97 4.34 -11.29 24.89
CA PRO B 97 5.66 -11.06 25.48
C PRO B 97 6.72 -12.06 24.97
N ALA B 98 7.99 -11.62 24.99
CA ALA B 98 9.17 -12.40 24.63
C ALA B 98 10.44 -11.82 25.29
N SER B 99 11.57 -12.53 25.18
CA SER B 99 12.88 -12.09 25.71
C SER B 99 14.03 -12.67 24.87
N SER B 100 14.75 -11.80 24.16
CA SER B 100 15.73 -12.15 23.11
C SER B 100 17.01 -12.85 23.58
N ARG B 101 17.27 -12.95 24.89
CA ARG B 101 18.43 -13.66 25.48
C ARG B 101 18.45 -15.18 25.20
N ASN B 102 19.49 -15.86 25.69
CA ASN B 102 19.74 -17.30 25.55
C ASN B 102 18.54 -18.18 25.96
N ARG B 103 18.49 -19.44 25.49
CA ARG B 103 17.36 -20.39 25.55
C ARG B 103 16.94 -20.90 26.96
N SER B 104 17.16 -20.13 28.02
CA SER B 104 16.66 -20.41 29.38
C SER B 104 15.12 -20.43 29.46
N PRO B 105 14.53 -21.13 30.45
CA PRO B 105 13.09 -21.11 30.69
C PRO B 105 12.60 -19.74 31.22
N SER B 106 11.29 -19.52 31.20
CA SER B 106 10.62 -18.30 31.69
C SER B 106 9.20 -18.61 32.21
N GLY B 107 8.60 -17.67 32.93
CA GLY B 107 7.28 -17.82 33.56
C GLY B 107 6.87 -16.61 34.43
N SER B 108 5.75 -16.75 35.15
CA SER B 108 5.14 -15.73 36.02
C SER B 108 4.48 -16.35 37.24
N MET B 1 18.93 -5.70 -1.49
CA MET B 1 17.91 -6.55 -0.80
C MET B 1 16.53 -5.90 -0.85
N VAL B 2 15.48 -6.65 -0.49
CA VAL B 2 14.09 -6.15 -0.39
C VAL B 2 13.88 -5.22 0.83
N GLU B 3 14.76 -5.33 1.84
CA GLU B 3 14.95 -4.43 3.02
C GLU B 3 13.80 -4.31 4.04
N ALA B 4 12.59 -4.80 3.74
CA ALA B 4 11.42 -4.67 4.64
C ALA B 4 10.63 -5.99 4.82
N ASP B 5 10.24 -6.62 3.72
CA ASP B 5 9.67 -7.98 3.74
C ASP B 5 9.64 -8.51 2.29
N HIS B 6 9.53 -9.81 2.07
CA HIS B 6 9.61 -10.41 0.73
C HIS B 6 8.60 -9.88 -0.33
N PRO B 7 7.31 -9.66 -0.04
CA PRO B 7 6.33 -9.33 -1.08
C PRO B 7 6.37 -7.85 -1.54
N GLY B 8 5.93 -7.61 -2.78
CA GLY B 8 5.74 -6.28 -3.39
C GLY B 8 4.46 -5.58 -2.91
N LYS B 9 4.25 -5.54 -1.60
CA LYS B 9 2.96 -5.11 -1.00
C LYS B 9 3.21 -3.96 -0.02
N LEU B 10 2.37 -2.93 -0.11
CA LEU B 10 2.60 -1.66 0.61
C LEU B 10 1.46 -1.31 1.54
N PHE B 11 1.77 -0.74 2.69
CA PHE B 11 0.84 -0.26 3.70
C PHE B 11 0.80 1.27 3.61
N ILE B 12 -0.41 1.80 3.33
CA ILE B 12 -0.66 3.22 3.44
C ILE B 12 -1.48 3.34 4.69
N GLY B 13 -0.99 4.23 5.53
CA GLY B 13 -1.62 4.56 6.77
C GLY B 13 -2.22 5.93 6.66
N GLY B 14 -3.53 5.88 6.89
CA GLY B 14 -4.35 7.06 6.93
C GLY B 14 -5.74 6.65 6.75
N LEU B 15 -6.22 6.93 5.55
CA LEU B 15 -7.58 6.57 5.13
C LEU B 15 -8.71 7.20 5.87
N ASN B 16 -8.52 7.35 7.16
CA ASN B 16 -9.22 8.14 8.12
C ASN B 16 -10.76 8.06 8.05
N ARG B 17 -11.27 6.94 7.51
CA ARG B 17 -12.67 6.72 7.10
C ARG B 17 -13.19 7.90 6.27
N GLU B 18 -12.30 8.45 5.44
CA GLU B 18 -12.41 9.70 4.71
C GLU B 18 -12.06 9.51 3.22
N THR B 19 -10.90 8.89 2.91
CA THR B 19 -10.49 8.65 1.49
C THR B 19 -10.55 7.18 1.02
N ASN B 20 -10.22 6.90 -0.26
CA ASN B 20 -10.59 5.62 -0.89
C ASN B 20 -9.64 5.01 -1.94
N GLU B 21 -10.07 3.89 -2.56
CA GLU B 21 -9.37 3.28 -3.72
C GLU B 21 -8.81 4.27 -4.77
N LYS B 22 -9.56 5.36 -4.95
CA LYS B 22 -9.10 6.50 -5.76
C LYS B 22 -7.76 7.02 -5.29
N MET B 23 -7.70 7.45 -4.02
CA MET B 23 -6.43 7.82 -3.45
C MET B 23 -5.40 6.70 -3.51
N LEU B 24 -5.80 5.44 -3.31
CA LEU B 24 -4.84 4.33 -3.34
C LEU B 24 -4.06 4.31 -4.67
N LYS B 25 -4.75 4.12 -5.80
CA LYS B 25 -4.10 4.21 -7.11
C LYS B 25 -3.39 5.53 -7.33
N ALA B 26 -3.94 6.64 -6.83
CA ALA B 26 -3.24 7.91 -6.82
C ALA B 26 -1.84 7.83 -6.14
N VAL B 27 -1.90 7.76 -4.81
CA VAL B 27 -0.72 7.86 -3.94
C VAL B 27 0.34 6.85 -4.32
N PHE B 28 -0.04 5.60 -4.35
CA PHE B 28 0.82 4.53 -4.78
C PHE B 28 1.24 4.59 -6.25
N GLY B 29 0.27 4.70 -7.16
CA GLY B 29 0.59 4.85 -8.58
C GLY B 29 1.49 6.01 -8.93
N LYS B 30 1.68 6.97 -8.00
CA LYS B 30 2.65 8.05 -8.18
C LYS B 30 3.97 7.59 -8.81
N HIS B 31 4.45 6.44 -8.34
CA HIS B 31 5.71 5.86 -8.80
C HIS B 31 5.69 4.34 -9.12
N GLY B 32 4.54 3.69 -9.38
CA GLY B 32 4.53 2.32 -9.89
C GLY B 32 3.23 1.91 -10.62
N PRO B 33 3.16 0.66 -11.09
CA PRO B 33 2.04 0.09 -11.84
C PRO B 33 0.79 -0.20 -11.00
N ILE B 34 0.87 -1.20 -10.11
CA ILE B 34 -0.22 -1.56 -9.18
C ILE B 34 -1.18 -2.59 -9.80
N SER B 35 -1.09 -3.85 -9.37
CA SER B 35 -1.91 -4.95 -9.84
C SER B 35 -2.97 -5.39 -8.83
N GLU B 36 -2.91 -4.95 -7.56
CA GLU B 36 -4.01 -5.22 -6.60
C GLU B 36 -4.21 -4.10 -5.58
N VAL B 37 -5.45 -3.91 -5.12
CA VAL B 37 -5.89 -2.79 -4.25
C VAL B 37 -6.77 -3.30 -3.10
N LEU B 38 -6.42 -2.93 -1.87
CA LEU B 38 -6.95 -3.40 -0.58
C LEU B 38 -7.21 -2.22 0.37
N LEU B 39 -8.36 -2.24 1.03
CA LEU B 39 -8.79 -1.33 2.10
C LEU B 39 -9.25 -2.25 3.25
N ILE B 40 -8.74 -2.04 4.47
CA ILE B 40 -8.89 -3.01 5.53
C ILE B 40 -9.95 -2.49 6.49
N LYS B 41 -10.88 -3.44 6.80
CA LYS B 41 -12.02 -3.21 7.69
C LYS B 41 -12.06 -4.35 8.76
N ASP B 42 -13.26 -4.81 9.16
CA ASP B 42 -13.58 -5.71 10.28
C ASP B 42 -15.00 -6.25 10.01
N ARG B 43 -15.41 -7.49 10.32
CA ARG B 43 -16.69 -8.20 9.89
C ARG B 43 -16.97 -8.24 8.38
N THR B 44 -16.16 -7.56 7.56
CA THR B 44 -16.54 -7.21 6.17
C THR B 44 -17.23 -5.82 6.12
N SER B 45 -17.36 -5.21 7.33
CA SER B 45 -17.71 -3.78 7.51
C SER B 45 -18.32 -3.37 8.89
N LYS B 46 -17.83 -3.93 10.02
CA LYS B 46 -17.96 -3.27 11.36
C LYS B 46 -17.47 -1.78 11.16
N SER B 47 -16.41 -1.63 10.32
CA SER B 47 -16.10 -0.37 9.61
C SER B 47 -15.03 0.62 10.11
N ARG B 48 -13.79 0.40 9.63
CA ARG B 48 -12.66 1.32 9.61
C ARG B 48 -11.83 1.04 8.35
N GLY B 49 -10.78 1.82 8.14
CA GLY B 49 -10.00 1.89 6.89
C GLY B 49 -8.48 1.91 7.02
N PHE B 50 -7.77 0.87 6.53
CA PHE B 50 -6.30 0.95 6.30
C PHE B 50 -5.83 0.33 4.99
N ALA B 51 -4.86 0.86 4.24
CA ALA B 51 -4.63 0.44 2.85
C ALA B 51 -3.46 -0.43 2.57
N PHE B 52 -3.72 -1.44 1.75
CA PHE B 52 -2.67 -2.20 1.14
C PHE B 52 -2.68 -2.15 -0.40
N ILE B 53 -1.52 -1.96 -1.07
CA ILE B 53 -1.49 -2.08 -2.55
C ILE B 53 -0.36 -3.02 -2.99
N THR B 54 -0.65 -3.91 -3.94
CA THR B 54 0.35 -4.82 -4.52
C THR B 54 0.73 -4.33 -5.91
N PHE B 55 2.04 -4.26 -6.12
CA PHE B 55 2.73 -3.78 -7.33
C PHE B 55 3.27 -4.96 -8.13
N GLU B 56 3.07 -4.92 -9.46
CA GLU B 56 3.75 -5.85 -10.37
C GLU B 56 5.24 -6.13 -10.10
N ASN B 57 6.01 -5.19 -9.50
CA ASN B 57 7.36 -5.48 -8.99
C ASN B 57 7.62 -4.85 -7.60
N PRO B 58 8.48 -5.47 -6.77
CA PRO B 58 8.90 -4.93 -5.46
C PRO B 58 9.72 -3.64 -5.62
N ALA B 59 10.45 -3.55 -6.74
CA ALA B 59 11.08 -2.30 -7.15
C ALA B 59 10.14 -1.10 -7.08
N ASP B 60 9.09 -1.20 -7.90
CA ASP B 60 8.10 -0.17 -8.02
C ASP B 60 7.37 0.16 -6.71
N ALA B 61 7.13 -0.88 -5.90
CA ALA B 61 6.64 -0.70 -4.55
C ALA B 61 7.53 0.24 -3.72
N LYS B 62 8.82 -0.12 -3.67
CA LYS B 62 9.88 0.65 -3.00
C LYS B 62 9.96 2.10 -3.51
N ASN B 63 9.89 2.24 -4.84
CA ASN B 63 9.83 3.53 -5.49
C ASN B 63 8.69 4.40 -4.99
N ALA B 64 7.45 3.93 -5.15
CA ALA B 64 6.28 4.63 -4.62
C ALA B 64 6.39 4.88 -3.10
N ALA B 65 6.95 3.95 -2.32
CA ALA B 65 7.27 4.19 -0.92
C ALA B 65 8.19 5.41 -0.72
N LYS B 66 9.40 5.35 -1.27
CA LYS B 66 10.49 6.34 -1.18
C LYS B 66 10.04 7.71 -1.65
N ASP B 67 9.27 7.72 -2.73
CA ASP B 67 8.58 8.93 -3.20
C ASP B 67 7.71 9.57 -2.12
N MET B 68 6.71 8.77 -1.75
CA MET B 68 5.58 9.25 -0.92
C MET B 68 5.91 9.56 0.55
N ASN B 69 6.00 8.48 1.35
CA ASN B 69 6.59 8.53 2.71
C ASN B 69 6.20 9.57 3.79
N GLY B 70 5.29 10.50 3.52
CA GLY B 70 4.85 11.54 4.46
C GLY B 70 4.28 12.78 3.78
N LYS B 71 3.57 12.55 2.67
CA LYS B 71 2.81 13.62 2.01
C LYS B 71 1.43 13.66 2.67
N SER B 72 0.54 14.47 2.13
CA SER B 72 -0.80 14.63 2.68
C SER B 72 -1.72 15.11 1.58
N LEU B 73 -2.87 14.42 1.47
CA LEU B 73 -3.75 14.57 0.31
C LEU B 73 -5.23 14.20 0.52
N HIS B 74 -5.68 13.99 1.76
CA HIS B 74 -7.09 13.69 2.07
C HIS B 74 -7.73 14.44 3.25
N GLY B 75 -6.98 15.27 3.98
CA GLY B 75 -7.47 15.86 5.25
C GLY B 75 -6.79 15.34 6.52
N LYS B 76 -5.65 14.64 6.42
CA LYS B 76 -4.82 14.31 7.60
C LYS B 76 -3.36 14.13 7.21
N ALA B 77 -3.12 13.10 6.38
CA ALA B 77 -1.76 12.70 5.94
C ALA B 77 -1.71 11.22 5.55
N ILE B 78 -0.68 10.89 4.77
CA ILE B 78 -0.33 9.51 4.46
C ILE B 78 1.04 9.13 5.00
N LYS B 79 1.08 7.95 5.58
CA LYS B 79 2.35 7.30 5.94
C LYS B 79 2.50 6.09 5.03
N VAL B 80 3.70 5.89 4.48
CA VAL B 80 3.95 4.83 3.49
C VAL B 80 5.07 3.89 3.92
N GLU B 81 4.74 2.61 4.00
CA GLU B 81 5.58 1.52 4.49
C GLU B 81 5.49 0.29 3.56
N GLN B 82 6.56 -0.48 3.38
CA GLN B 82 6.47 -1.76 2.66
C GLN B 82 6.04 -2.82 3.70
N ALA B 83 4.86 -3.37 3.48
CA ALA B 83 4.08 -4.17 4.42
C ALA B 83 4.85 -5.39 5.01
N LYS B 84 4.43 -5.81 6.21
CA LYS B 84 5.22 -6.77 7.01
C LYS B 84 4.40 -7.96 7.53
N LYS B 85 3.50 -8.31 6.63
CA LYS B 85 2.44 -9.32 6.90
C LYS B 85 1.57 -9.05 8.15
N PRO B 86 0.44 -9.77 8.35
CA PRO B 86 -0.41 -9.58 9.52
C PRO B 86 0.08 -10.29 10.80
N SER B 87 1.26 -10.90 10.75
CA SER B 87 1.96 -11.51 11.91
C SER B 87 3.12 -10.65 12.43
N PHE B 88 3.49 -9.55 11.74
CA PHE B 88 4.60 -8.63 12.07
C PHE B 88 5.93 -9.33 12.45
N GLN B 89 6.21 -10.46 11.79
CA GLN B 89 7.33 -11.36 12.06
C GLN B 89 8.66 -10.92 11.41
N SER B 90 9.68 -11.77 11.48
CA SER B 90 10.96 -11.58 10.76
C SER B 90 10.78 -11.44 9.24
N GLY B 91 11.72 -10.76 8.58
CA GLY B 91 11.78 -10.61 7.12
C GLY B 91 12.47 -9.30 6.69
N GLY B 92 12.95 -9.26 5.44
CA GLY B 92 13.57 -8.08 4.81
C GLY B 92 15.03 -8.31 4.38
N ARG B 93 15.78 -9.13 5.13
CA ARG B 93 17.18 -9.54 4.84
C ARG B 93 17.25 -10.65 3.78
N ARG B 94 16.67 -10.39 2.60
CA ARG B 94 16.54 -11.31 1.46
C ARG B 94 16.61 -10.54 0.14
N ARG B 95 17.06 -11.18 -0.94
CA ARG B 95 16.92 -10.64 -2.30
C ARG B 95 15.44 -10.64 -2.74
N PRO B 96 15.04 -9.76 -3.66
CA PRO B 96 13.73 -9.84 -4.31
C PRO B 96 13.70 -10.93 -5.40
N PRO B 97 12.53 -11.25 -5.97
CA PRO B 97 12.44 -12.04 -7.20
C PRO B 97 13.08 -11.29 -8.39
N ALA B 98 13.35 -12.00 -9.49
CA ALA B 98 14.14 -11.49 -10.61
C ALA B 98 13.52 -11.82 -12.00
N SER B 99 14.02 -11.14 -13.03
CA SER B 99 13.49 -11.15 -14.41
C SER B 99 14.61 -11.03 -15.45
N SER B 100 14.28 -11.28 -16.72
CA SER B 100 15.21 -11.20 -17.87
C SER B 100 14.50 -10.71 -19.15
N ARG B 101 15.29 -10.32 -20.16
CA ARG B 101 14.82 -9.75 -21.44
C ARG B 101 15.79 -10.11 -22.59
N ASN B 102 15.29 -10.08 -23.82
CA ASN B 102 16.05 -10.30 -25.06
C ASN B 102 15.56 -9.37 -26.19
N ARG B 103 16.38 -9.19 -27.24
CA ARG B 103 16.11 -8.31 -28.40
C ARG B 103 16.67 -8.93 -29.69
N SER B 104 16.02 -8.64 -30.82
CA SER B 104 16.37 -9.15 -32.16
C SER B 104 16.26 -8.04 -33.23
N PRO B 105 17.02 -8.12 -34.34
CA PRO B 105 16.91 -7.20 -35.46
C PRO B 105 15.64 -7.40 -36.30
N SER B 106 15.38 -6.48 -37.23
CA SER B 106 14.20 -6.45 -38.11
C SER B 106 14.58 -6.01 -39.54
N GLY B 107 13.67 -6.20 -40.50
CA GLY B 107 13.84 -5.76 -41.90
C GLY B 107 12.72 -6.18 -42.86
N SER B 108 12.04 -7.30 -42.59
CA SER B 108 10.96 -7.92 -43.39
C SER B 108 11.23 -7.94 -44.91
N MET B 1 14.10 -15.10 3.79
CA MET B 1 13.53 -13.82 4.30
C MET B 1 14.01 -12.65 3.46
N VAL B 2 13.08 -11.79 2.99
CA VAL B 2 13.37 -10.62 2.12
C VAL B 2 13.12 -9.26 2.79
N GLU B 3 12.81 -9.27 4.09
CA GLU B 3 12.55 -8.10 4.95
C GLU B 3 11.62 -7.07 4.27
N ALA B 4 12.10 -5.85 4.01
CA ALA B 4 11.36 -4.74 3.39
C ALA B 4 12.17 -4.20 2.21
N ASP B 5 12.19 -4.99 1.13
CA ASP B 5 12.97 -4.68 -0.07
C ASP B 5 12.42 -5.37 -1.33
N HIS B 6 11.87 -6.59 -1.18
CA HIS B 6 11.37 -7.43 -2.27
C HIS B 6 9.88 -7.90 -2.19
N PRO B 7 9.02 -7.57 -1.19
CA PRO B 7 7.68 -8.16 -1.11
C PRO B 7 6.67 -7.59 -2.13
N GLY B 8 6.91 -6.38 -2.67
CA GLY B 8 6.02 -5.68 -3.60
C GLY B 8 4.64 -5.35 -3.04
N LYS B 9 4.52 -5.33 -1.71
CA LYS B 9 3.22 -5.19 -1.03
C LYS B 9 3.42 -4.02 -0.10
N LEU B 10 2.53 -3.05 -0.19
CA LEU B 10 2.81 -1.75 0.36
C LEU B 10 1.60 -1.20 1.15
N PHE B 11 1.86 -0.63 2.34
CA PHE B 11 0.88 -0.21 3.35
C PHE B 11 0.75 1.31 3.32
N ILE B 12 -0.50 1.80 3.14
CA ILE B 12 -0.80 3.21 3.27
C ILE B 12 -1.67 3.29 4.50
N GLY B 13 -1.21 4.14 5.40
CA GLY B 13 -1.82 4.37 6.67
C GLY B 13 -2.49 5.73 6.67
N GLY B 14 -3.76 5.65 7.04
CA GLY B 14 -4.60 6.82 7.18
C GLY B 14 -6.01 6.44 7.00
N LEU B 15 -6.48 6.73 5.80
CA LEU B 15 -7.82 6.36 5.37
C LEU B 15 -8.99 6.94 6.11
N ASN B 16 -8.84 7.16 7.40
CA ASN B 16 -9.68 7.89 8.29
C ASN B 16 -11.20 7.66 8.09
N ARG B 17 -11.55 6.48 7.55
CA ARG B 17 -12.88 6.11 7.02
C ARG B 17 -13.49 7.30 6.22
N GLU B 18 -12.64 7.90 5.38
CA GLU B 18 -12.79 9.15 4.64
C GLU B 18 -12.32 8.91 3.20
N THR B 19 -11.07 8.43 3.08
CA THR B 19 -10.47 8.12 1.77
C THR B 19 -10.56 6.65 1.32
N ASN B 20 -10.32 6.36 0.03
CA ASN B 20 -10.55 5.01 -0.53
C ASN B 20 -9.75 4.66 -1.81
N GLU B 21 -10.16 3.64 -2.58
CA GLU B 21 -9.43 3.21 -3.82
C GLU B 21 -8.91 4.33 -4.75
N LYS B 22 -9.60 5.47 -4.62
CA LYS B 22 -9.28 6.63 -5.44
C LYS B 22 -7.88 7.07 -5.07
N MET B 23 -7.80 7.39 -3.75
CA MET B 23 -6.54 7.74 -3.16
C MET B 23 -5.57 6.58 -3.45
N LEU B 24 -6.01 5.31 -3.33
CA LEU B 24 -5.07 4.18 -3.45
C LEU B 24 -4.31 4.22 -4.77
N LYS B 25 -4.96 3.96 -5.91
CA LYS B 25 -4.29 4.04 -7.22
C LYS B 25 -3.63 5.38 -7.46
N ALA B 26 -4.20 6.48 -6.97
CA ALA B 26 -3.52 7.77 -6.99
C ALA B 26 -2.12 7.71 -6.32
N VAL B 27 -2.19 7.58 -4.99
CA VAL B 27 -1.02 7.67 -4.10
C VAL B 27 0.06 6.71 -4.52
N PHE B 28 -0.27 5.43 -4.49
CA PHE B 28 0.60 4.38 -4.95
C PHE B 28 1.02 4.48 -6.41
N GLY B 29 0.03 4.60 -7.30
CA GLY B 29 0.32 4.80 -8.70
C GLY B 29 1.20 5.98 -9.04
N LYS B 30 1.40 6.93 -8.10
CA LYS B 30 2.27 8.10 -8.34
C LYS B 30 3.61 7.69 -8.96
N HIS B 31 4.15 6.58 -8.45
CA HIS B 31 5.42 6.02 -8.95
C HIS B 31 5.43 4.50 -9.26
N GLY B 32 4.28 3.82 -9.51
CA GLY B 32 4.30 2.45 -10.00
C GLY B 32 3.01 2.00 -10.72
N PRO B 33 2.99 0.74 -11.19
CA PRO B 33 1.90 0.14 -11.94
C PRO B 33 0.66 -0.22 -11.10
N ILE B 34 0.80 -1.22 -10.21
CA ILE B 34 -0.28 -1.63 -9.29
C ILE B 34 -1.17 -2.72 -9.90
N SER B 35 -1.00 -3.97 -9.47
CA SER B 35 -1.75 -5.13 -9.91
C SER B 35 -2.77 -5.63 -8.87
N GLU B 36 -2.73 -5.13 -7.63
CA GLU B 36 -3.77 -5.43 -6.64
C GLU B 36 -4.05 -4.28 -5.67
N VAL B 37 -5.30 -4.16 -5.20
CA VAL B 37 -5.81 -3.05 -4.39
C VAL B 37 -6.65 -3.61 -3.22
N LEU B 38 -6.30 -3.23 -1.99
CA LEU B 38 -6.85 -3.75 -0.73
C LEU B 38 -7.16 -2.62 0.27
N LEU B 39 -8.32 -2.71 0.91
CA LEU B 39 -8.75 -1.88 2.04
C LEU B 39 -9.09 -2.81 3.22
N ILE B 40 -8.60 -2.51 4.42
CA ILE B 40 -8.67 -3.44 5.55
C ILE B 40 -9.76 -2.96 6.52
N LYS B 41 -10.62 -3.94 6.90
CA LYS B 41 -11.83 -3.69 7.71
C LYS B 41 -11.92 -4.76 8.85
N ASP B 42 -13.13 -5.26 9.15
CA ASP B 42 -13.51 -6.11 10.30
C ASP B 42 -14.94 -6.65 10.05
N ARG B 43 -15.32 -7.89 10.39
CA ARG B 43 -16.61 -8.56 10.01
C ARG B 43 -16.92 -8.59 8.52
N THR B 44 -16.05 -8.04 7.67
CA THR B 44 -16.42 -7.75 6.27
C THR B 44 -17.31 -6.49 6.17
N SER B 45 -17.54 -5.86 7.36
CA SER B 45 -18.05 -4.48 7.48
C SER B 45 -18.55 -3.99 8.88
N LYS B 46 -17.97 -4.48 9.99
CA LYS B 46 -18.01 -3.74 11.29
C LYS B 46 -17.49 -2.29 10.99
N SER B 47 -16.45 -2.21 10.11
CA SER B 47 -16.10 -0.98 9.37
C SER B 47 -15.10 0.06 9.91
N ARG B 48 -13.81 -0.14 9.56
CA ARG B 48 -12.73 0.83 9.60
C ARG B 48 -11.83 0.60 8.37
N GLY B 49 -10.79 1.40 8.20
CA GLY B 49 -9.99 1.48 6.96
C GLY B 49 -8.45 1.51 7.05
N PHE B 50 -7.77 0.50 6.51
CA PHE B 50 -6.29 0.61 6.22
C PHE B 50 -5.86 0.07 4.85
N ALA B 51 -4.95 0.69 4.10
CA ALA B 51 -4.74 0.35 2.69
C ALA B 51 -3.49 -0.46 2.41
N PHE B 52 -3.69 -1.47 1.57
CA PHE B 52 -2.66 -2.36 1.08
C PHE B 52 -2.68 -2.38 -0.47
N ILE B 53 -1.54 -2.29 -1.14
CA ILE B 53 -1.46 -2.37 -2.61
C ILE B 53 -0.32 -3.28 -3.04
N THR B 54 -0.56 -4.16 -4.03
CA THR B 54 0.50 -4.98 -4.64
C THR B 54 0.86 -4.40 -5.99
N PHE B 55 2.18 -4.25 -6.20
CA PHE B 55 2.81 -3.71 -7.39
C PHE B 55 3.43 -4.83 -8.23
N GLU B 56 3.23 -4.78 -9.56
CA GLU B 56 3.94 -5.66 -10.51
C GLU B 56 5.46 -5.83 -10.25
N ASN B 57 6.16 -4.84 -9.70
CA ASN B 57 7.54 -5.02 -9.19
C ASN B 57 7.73 -4.39 -7.79
N PRO B 58 8.59 -4.97 -6.94
CA PRO B 58 8.92 -4.44 -5.61
C PRO B 58 9.63 -3.10 -5.68
N ALA B 59 10.46 -2.95 -6.71
CA ALA B 59 11.02 -1.66 -7.09
C ALA B 59 10.00 -0.53 -7.01
N ASP B 60 8.95 -0.73 -7.80
CA ASP B 60 7.90 0.25 -7.93
C ASP B 60 7.15 0.57 -6.64
N ALA B 61 6.95 -0.45 -5.81
CA ALA B 61 6.43 -0.26 -4.46
C ALA B 61 7.31 0.73 -3.68
N LYS B 62 8.60 0.42 -3.61
CA LYS B 62 9.62 1.26 -2.96
C LYS B 62 9.67 2.68 -3.52
N ASN B 63 9.61 2.78 -4.84
CA ASN B 63 9.51 4.05 -5.54
C ASN B 63 8.33 4.90 -5.08
N ALA B 64 7.11 4.35 -5.18
CA ALA B 64 5.92 4.99 -4.63
C ALA B 64 6.06 5.32 -3.13
N ALA B 65 6.69 4.45 -2.34
CA ALA B 65 7.06 4.79 -0.96
C ALA B 65 7.93 6.06 -0.85
N LYS B 66 9.09 6.04 -1.49
CA LYS B 66 10.11 7.11 -1.52
C LYS B 66 9.53 8.43 -1.99
N ASP B 67 8.69 8.35 -3.02
CA ASP B 67 7.87 9.49 -3.45
C ASP B 67 6.99 10.08 -2.33
N MET B 68 6.12 9.19 -1.87
CA MET B 68 4.97 9.57 -1.03
C MET B 68 5.31 9.95 0.41
N ASN B 69 5.41 8.94 1.29
CA ASN B 69 6.00 9.09 2.63
C ASN B 69 5.44 10.17 3.61
N GLY B 70 4.28 10.76 3.29
CA GLY B 70 3.69 11.94 3.96
C GLY B 70 3.42 13.10 3.02
N LYS B 71 3.15 12.75 1.76
CA LYS B 71 2.83 13.73 0.71
C LYS B 71 1.67 14.67 1.05
N SER B 72 0.60 14.10 1.66
CA SER B 72 -0.51 14.87 2.27
C SER B 72 -1.73 14.82 1.36
N LEU B 73 -2.92 14.56 1.94
CA LEU B 73 -4.09 14.24 1.11
C LEU B 73 -5.48 14.53 1.65
N HIS B 74 -5.77 13.97 2.82
CA HIS B 74 -7.14 13.81 3.30
C HIS B 74 -7.35 14.53 4.65
N GLY B 75 -7.52 13.81 5.76
CA GLY B 75 -7.51 14.42 7.09
C GLY B 75 -6.22 15.19 7.37
N LYS B 76 -5.07 14.61 6.96
CA LYS B 76 -3.78 15.32 6.97
C LYS B 76 -2.81 14.51 6.11
N ALA B 77 -1.95 13.72 6.76
CA ALA B 77 -0.90 12.98 6.06
C ALA B 77 -1.22 11.50 5.86
N ILE B 78 -0.51 10.95 4.87
CA ILE B 78 -0.48 9.50 4.61
C ILE B 78 0.85 8.95 5.10
N LYS B 79 0.82 7.77 5.70
CA LYS B 79 2.03 7.05 6.09
C LYS B 79 2.26 5.93 5.10
N VAL B 80 3.43 5.89 4.49
CA VAL B 80 3.80 4.86 3.49
C VAL B 80 4.93 3.97 3.98
N GLU B 81 4.62 2.68 4.07
CA GLU B 81 5.44 1.60 4.64
C GLU B 81 5.44 0.36 3.72
N GLN B 82 6.50 -0.44 3.70
CA GLN B 82 6.59 -1.65 2.86
C GLN B 82 6.21 -2.83 3.76
N ALA B 83 5.10 -3.48 3.38
CA ALA B 83 4.35 -4.42 4.19
C ALA B 83 5.13 -5.65 4.69
N LYS B 84 4.58 -6.24 5.76
CA LYS B 84 5.16 -7.42 6.42
C LYS B 84 4.07 -8.46 6.71
N LYS B 85 4.36 -9.42 7.59
CA LYS B 85 3.36 -10.40 8.03
C LYS B 85 2.25 -9.74 8.89
N PRO B 86 1.04 -10.31 8.96
CA PRO B 86 -0.01 -9.86 9.88
C PRO B 86 0.11 -10.44 11.31
N SER B 87 1.09 -11.30 11.57
CA SER B 87 1.42 -11.85 12.89
C SER B 87 2.89 -12.26 12.96
N PHE B 88 3.51 -12.23 14.14
CA PHE B 88 4.94 -12.47 14.39
C PHE B 88 5.88 -11.74 13.40
N GLN B 89 5.51 -10.51 13.00
CA GLN B 89 6.29 -9.67 12.09
C GLN B 89 7.62 -9.18 12.70
N SER B 90 8.51 -8.65 11.86
CA SER B 90 9.83 -8.15 12.24
C SER B 90 10.25 -6.93 11.38
N GLY B 91 11.39 -6.32 11.71
CA GLY B 91 11.90 -5.11 11.09
C GLY B 91 13.18 -4.59 11.77
N GLY B 92 13.59 -3.37 11.43
CA GLY B 92 14.76 -2.70 12.00
C GLY B 92 14.75 -1.17 11.78
N ARG B 93 15.67 -0.48 12.46
CA ARG B 93 15.80 0.99 12.49
C ARG B 93 17.26 1.40 12.75
N ARG B 94 17.68 2.54 12.21
CA ARG B 94 18.99 3.16 12.42
C ARG B 94 18.87 4.70 12.36
N ARG B 95 19.71 5.41 13.12
CA ARG B 95 19.76 6.88 13.19
C ARG B 95 21.23 7.37 13.17
N PRO B 96 21.91 7.34 12.01
CA PRO B 96 23.30 7.75 11.90
C PRO B 96 23.46 9.28 12.10
N PRO B 97 24.68 9.77 12.42
CA PRO B 97 24.97 11.20 12.48
C PRO B 97 24.94 11.87 11.10
N ALA B 98 24.84 13.21 11.08
CA ALA B 98 24.78 14.05 9.88
C ALA B 98 25.45 15.41 10.11
N SER B 99 25.67 16.16 9.02
CA SER B 99 26.37 17.46 9.00
C SER B 99 25.72 18.44 8.02
N SER B 100 25.94 19.74 8.22
CA SER B 100 25.43 20.83 7.38
C SER B 100 26.36 22.07 7.44
N ARG B 101 26.04 23.11 6.65
CA ARG B 101 26.84 24.33 6.46
C ARG B 101 25.95 25.55 6.16
N ASN B 102 26.46 26.74 6.44
CA ASN B 102 25.85 28.04 6.09
C ASN B 102 26.92 29.07 5.67
N ARG B 103 26.49 30.15 4.99
CA ARG B 103 27.35 31.21 4.44
C ARG B 103 26.61 32.56 4.41
N SER B 104 27.35 33.66 4.37
CA SER B 104 26.86 35.04 4.25
C SER B 104 27.62 35.75 3.12
N PRO B 105 26.95 36.55 2.26
CA PRO B 105 27.56 37.08 1.04
C PRO B 105 28.77 37.99 1.32
N SER B 106 29.84 37.78 0.55
CA SER B 106 31.17 38.39 0.75
C SER B 106 32.04 38.33 -0.52
N GLY B 107 33.16 39.05 -0.52
CA GLY B 107 34.12 39.11 -1.64
C GLY B 107 35.40 39.87 -1.29
N SER B 108 36.31 39.97 -2.27
CA SER B 108 37.63 40.64 -2.17
C SER B 108 38.07 41.22 -3.52
N MET B 1 18.55 0.40 -1.26
CA MET B 1 17.94 -0.95 -1.25
C MET B 1 16.42 -0.88 -1.03
N VAL B 2 15.71 -2.02 -1.05
CA VAL B 2 14.23 -2.10 -1.07
C VAL B 2 13.53 -1.79 0.27
N GLU B 3 14.28 -1.70 1.38
CA GLU B 3 13.79 -1.49 2.76
C GLU B 3 12.65 -2.47 3.16
N ALA B 4 12.71 -3.70 2.63
CA ALA B 4 11.70 -4.77 2.72
C ALA B 4 12.32 -6.15 2.36
N ASP B 5 11.48 -7.13 2.03
CA ASP B 5 11.94 -8.45 1.54
C ASP B 5 11.43 -8.73 0.11
N HIS B 6 11.53 -7.71 -0.76
CA HIS B 6 10.97 -7.68 -2.13
C HIS B 6 9.50 -8.18 -2.25
N PRO B 7 8.55 -7.79 -1.38
CA PRO B 7 7.19 -8.35 -1.38
C PRO B 7 6.30 -7.84 -2.52
N GLY B 8 6.66 -6.73 -3.17
CA GLY B 8 5.77 -6.03 -4.11
C GLY B 8 4.51 -5.45 -3.47
N LYS B 9 4.47 -5.34 -2.13
CA LYS B 9 3.22 -5.03 -1.41
C LYS B 9 3.43 -3.97 -0.32
N LEU B 10 2.52 -3.00 -0.27
CA LEU B 10 2.70 -1.78 0.54
C LEU B 10 1.58 -1.57 1.55
N PHE B 11 1.90 -1.07 2.75
CA PHE B 11 0.92 -0.60 3.75
C PHE B 11 0.92 0.93 3.75
N ILE B 12 -0.28 1.49 3.70
CA ILE B 12 -0.46 2.94 3.83
C ILE B 12 -1.37 3.14 5.01
N GLY B 13 -0.87 4.06 5.81
CA GLY B 13 -1.52 4.51 6.99
C GLY B 13 -2.14 5.88 6.78
N GLY B 14 -3.45 5.92 6.92
CA GLY B 14 -4.15 7.23 7.02
C GLY B 14 -5.42 7.50 6.26
N LEU B 15 -5.95 6.44 5.74
CA LEU B 15 -7.32 6.36 5.28
C LEU B 15 -8.31 7.10 6.13
N ASN B 16 -8.11 6.97 7.45
CA ASN B 16 -8.81 7.66 8.49
C ASN B 16 -10.35 7.57 8.37
N ARG B 17 -10.83 6.55 7.64
CA ARG B 17 -12.21 6.43 7.13
C ARG B 17 -12.66 7.70 6.37
N GLU B 18 -11.72 8.55 5.93
CA GLU B 18 -11.96 9.81 5.27
C GLU B 18 -11.56 9.74 3.78
N THR B 19 -10.40 9.15 3.40
CA THR B 19 -10.10 8.84 1.98
C THR B 19 -10.27 7.36 1.55
N ASN B 20 -10.04 7.01 0.26
CA ASN B 20 -10.48 5.70 -0.30
C ASN B 20 -9.61 5.06 -1.41
N GLU B 21 -10.10 3.95 -1.99
CA GLU B 21 -9.46 3.27 -3.16
C GLU B 21 -8.99 4.20 -4.31
N LYS B 22 -9.77 5.29 -4.47
CA LYS B 22 -9.38 6.38 -5.36
C LYS B 22 -7.99 6.88 -5.01
N MET B 23 -7.86 7.33 -3.76
CA MET B 23 -6.58 7.74 -3.26
C MET B 23 -5.53 6.65 -3.40
N LEU B 24 -5.88 5.39 -3.13
CA LEU B 24 -4.91 4.30 -3.23
C LEU B 24 -4.25 4.29 -4.63
N LYS B 25 -5.00 4.06 -5.70
CA LYS B 25 -4.45 4.15 -7.06
C LYS B 25 -3.77 5.49 -7.36
N ALA B 26 -4.31 6.59 -6.83
CA ALA B 26 -3.68 7.89 -6.91
C ALA B 26 -2.23 7.87 -6.35
N VAL B 27 -2.18 7.87 -5.01
CA VAL B 27 -0.93 7.99 -4.25
C VAL B 27 0.10 6.99 -4.72
N PHE B 28 -0.26 5.72 -4.66
CA PHE B 28 0.63 4.68 -5.12
C PHE B 28 0.97 4.73 -6.59
N GLY B 29 -0.05 4.83 -7.44
CA GLY B 29 0.19 4.99 -8.87
C GLY B 29 1.04 6.18 -9.25
N LYS B 30 1.26 7.15 -8.34
CA LYS B 30 2.15 8.29 -8.60
C LYS B 30 3.50 7.83 -9.19
N HIS B 31 4.02 6.73 -8.64
CA HIS B 31 5.29 6.16 -9.10
C HIS B 31 5.31 4.63 -9.35
N GLY B 32 4.18 3.94 -9.58
CA GLY B 32 4.21 2.55 -10.02
C GLY B 32 2.95 2.10 -10.77
N PRO B 33 2.95 0.84 -11.25
CA PRO B 33 1.87 0.22 -12.01
C PRO B 33 0.61 -0.07 -11.16
N ILE B 34 0.73 -1.07 -10.25
CA ILE B 34 -0.38 -1.46 -9.35
C ILE B 34 -1.34 -2.43 -10.06
N SER B 35 -1.25 -3.71 -9.72
CA SER B 35 -2.19 -4.74 -10.18
C SER B 35 -3.33 -4.92 -9.18
N GLU B 36 -3.08 -4.69 -7.86
CA GLU B 36 -4.06 -5.06 -6.83
C GLU B 36 -4.19 -4.03 -5.69
N VAL B 37 -5.42 -3.84 -5.19
CA VAL B 37 -5.82 -2.76 -4.27
C VAL B 37 -6.69 -3.28 -3.12
N LEU B 38 -6.33 -2.95 -1.88
CA LEU B 38 -6.91 -3.48 -0.63
C LEU B 38 -7.20 -2.38 0.41
N LEU B 39 -8.38 -2.45 1.03
CA LEU B 39 -8.76 -1.65 2.21
C LEU B 39 -9.13 -2.60 3.36
N ILE B 40 -8.60 -2.35 4.55
CA ILE B 40 -8.69 -3.31 5.66
C ILE B 40 -9.74 -2.84 6.66
N LYS B 41 -10.55 -3.84 7.05
CA LYS B 41 -11.80 -3.63 7.81
C LYS B 41 -11.81 -4.62 9.03
N ASP B 42 -12.92 -5.32 9.25
CA ASP B 42 -13.32 -6.17 10.40
C ASP B 42 -14.73 -6.73 10.08
N ARG B 43 -15.12 -7.98 10.46
CA ARG B 43 -16.43 -8.65 10.07
C ARG B 43 -16.75 -8.69 8.57
N THR B 44 -15.85 -8.27 7.68
CA THR B 44 -16.25 -7.99 6.29
C THR B 44 -17.21 -6.77 6.22
N SER B 45 -17.21 -6.03 7.36
CA SER B 45 -17.70 -4.65 7.46
C SER B 45 -18.30 -4.14 8.80
N LYS B 46 -17.72 -4.44 10.00
CA LYS B 46 -17.97 -3.61 11.21
C LYS B 46 -17.54 -2.14 10.84
N SER B 47 -16.46 -2.02 10.01
CA SER B 47 -16.14 -0.79 9.26
C SER B 47 -15.08 0.17 9.82
N ARG B 48 -13.82 -0.07 9.38
CA ARG B 48 -12.63 0.78 9.45
C ARG B 48 -11.91 0.71 8.10
N GLY B 49 -10.85 1.50 7.96
CA GLY B 49 -10.03 1.61 6.75
C GLY B 49 -8.51 1.63 6.95
N PHE B 50 -7.77 0.61 6.50
CA PHE B 50 -6.29 0.72 6.30
C PHE B 50 -5.78 0.11 4.99
N ALA B 51 -4.74 0.65 4.33
CA ALA B 51 -4.49 0.33 2.92
C ALA B 51 -3.33 -0.57 2.62
N PHE B 52 -3.60 -1.52 1.72
CA PHE B 52 -2.60 -2.41 1.16
C PHE B 52 -2.59 -2.31 -0.38
N ILE B 53 -1.43 -2.22 -1.07
CA ILE B 53 -1.43 -2.27 -2.56
C ILE B 53 -0.34 -3.18 -3.10
N THR B 54 -0.67 -4.00 -4.09
CA THR B 54 0.27 -4.92 -4.75
C THR B 54 0.66 -4.38 -6.14
N PHE B 55 1.97 -4.25 -6.34
CA PHE B 55 2.65 -3.71 -7.51
C PHE B 55 3.24 -4.85 -8.32
N GLU B 56 3.06 -4.79 -9.65
CA GLU B 56 3.70 -5.73 -10.58
C GLU B 56 5.21 -6.00 -10.31
N ASN B 57 5.98 -5.05 -9.76
CA ASN B 57 7.35 -5.33 -9.26
C ASN B 57 7.62 -4.66 -7.89
N PRO B 58 8.53 -5.24 -7.06
CA PRO B 58 8.96 -4.69 -5.76
C PRO B 58 9.68 -3.35 -5.92
N ALA B 59 10.45 -3.23 -7.01
CA ALA B 59 11.00 -1.96 -7.45
C ALA B 59 9.98 -0.84 -7.38
N ASP B 60 8.92 -1.02 -8.16
CA ASP B 60 7.86 -0.04 -8.27
C ASP B 60 7.13 0.27 -6.96
N ALA B 61 6.97 -0.75 -6.12
CA ALA B 61 6.48 -0.56 -4.75
C ALA B 61 7.34 0.45 -3.99
N LYS B 62 8.63 0.17 -3.94
CA LYS B 62 9.68 1.03 -3.33
C LYS B 62 9.68 2.44 -3.92
N ASN B 63 9.54 2.49 -5.23
CA ASN B 63 9.41 3.74 -5.96
C ASN B 63 8.25 4.59 -5.43
N ALA B 64 7.02 4.07 -5.51
CA ALA B 64 5.86 4.75 -4.94
C ALA B 64 6.00 5.06 -3.43
N ALA B 65 6.64 4.18 -2.67
CA ALA B 65 7.03 4.49 -1.29
C ALA B 65 7.90 5.75 -1.18
N LYS B 66 9.13 5.67 -1.67
CA LYS B 66 10.19 6.71 -1.60
C LYS B 66 9.71 8.04 -2.16
N ASP B 67 8.88 7.97 -3.20
CA ASP B 67 8.11 9.13 -3.67
C ASP B 67 7.26 9.76 -2.57
N MET B 68 6.32 8.93 -2.11
CA MET B 68 5.21 9.38 -1.24
C MET B 68 5.61 9.66 0.21
N ASN B 69 5.67 8.61 1.04
CA ASN B 69 6.35 8.65 2.35
C ASN B 69 6.27 9.93 3.21
N GLY B 70 5.04 10.38 3.49
CA GLY B 70 4.75 11.58 4.29
C GLY B 70 4.31 12.80 3.48
N LYS B 71 3.70 12.50 2.33
CA LYS B 71 2.97 13.52 1.57
C LYS B 71 1.59 13.65 2.22
N SER B 72 0.71 14.45 1.64
CA SER B 72 -0.58 14.75 2.25
C SER B 72 -1.55 15.22 1.19
N LEU B 73 -2.72 14.58 1.22
CA LEU B 73 -3.72 14.64 0.17
C LEU B 73 -5.11 14.14 0.59
N HIS B 74 -5.16 13.28 1.62
CA HIS B 74 -6.42 12.72 2.12
C HIS B 74 -7.33 13.79 2.75
N GLY B 75 -6.69 14.82 3.32
CA GLY B 75 -7.34 15.75 4.24
C GLY B 75 -6.45 16.06 5.45
N LYS B 76 -5.51 15.15 5.79
CA LYS B 76 -4.56 15.37 6.91
C LYS B 76 -3.15 14.92 6.54
N ALA B 77 -3.01 13.65 6.10
CA ALA B 77 -1.71 13.07 5.70
C ALA B 77 -1.83 11.58 5.31
N ILE B 78 -0.73 11.12 4.71
CA ILE B 78 -0.50 9.67 4.47
C ILE B 78 0.89 9.28 4.96
N LYS B 79 0.99 8.06 5.48
CA LYS B 79 2.28 7.44 5.82
C LYS B 79 2.44 6.16 5.00
N VAL B 80 3.62 5.95 4.42
CA VAL B 80 3.90 4.85 3.48
C VAL B 80 5.02 3.92 3.98
N GLU B 81 4.68 2.64 4.04
CA GLU B 81 5.40 1.52 4.64
C GLU B 81 5.36 0.30 3.69
N GLN B 82 6.30 -0.64 3.78
CA GLN B 82 6.27 -1.86 2.98
C GLN B 82 5.81 -3.02 3.85
N ALA B 83 4.87 -3.79 3.32
CA ALA B 83 4.12 -4.79 4.09
C ALA B 83 4.96 -5.97 4.62
N LYS B 84 4.47 -6.62 5.68
CA LYS B 84 5.22 -7.68 6.38
C LYS B 84 4.41 -8.96 6.59
N LYS B 85 3.22 -8.82 7.24
CA LYS B 85 2.30 -9.94 7.58
C LYS B 85 1.47 -9.56 8.82
N PRO B 86 0.23 -10.07 8.98
CA PRO B 86 -0.66 -9.65 10.06
C PRO B 86 -0.46 -10.39 11.40
N SER B 87 -0.82 -9.73 12.51
CA SER B 87 -0.70 -10.23 13.89
C SER B 87 -1.71 -11.35 14.19
N PHE B 88 -1.30 -12.38 14.96
CA PHE B 88 -2.13 -13.53 15.37
C PHE B 88 -2.86 -14.25 14.20
N GLN B 89 -2.31 -14.13 12.98
CA GLN B 89 -2.90 -14.55 11.70
C GLN B 89 -1.80 -15.07 10.74
N SER B 90 -2.19 -15.61 9.60
CA SER B 90 -1.29 -16.20 8.59
C SER B 90 -1.75 -15.95 7.14
N GLY B 91 -0.81 -16.11 6.20
CA GLY B 91 -1.02 -15.88 4.76
C GLY B 91 0.30 -15.73 3.99
N GLY B 92 0.21 -15.49 2.68
CA GLY B 92 1.37 -15.35 1.79
C GLY B 92 1.07 -14.69 0.43
N ARG B 93 0.05 -13.83 0.36
CA ARG B 93 -0.45 -13.16 -0.85
C ARG B 93 0.45 -12.00 -1.34
N ARG B 94 1.74 -12.27 -1.53
CA ARG B 94 2.78 -11.31 -1.97
C ARG B 94 3.73 -11.92 -3.02
N ARG B 95 4.57 -11.10 -3.65
CA ARG B 95 5.45 -11.50 -4.77
C ARG B 95 6.86 -11.93 -4.31
N PRO B 96 7.55 -12.79 -5.07
CA PRO B 96 8.93 -13.23 -4.78
C PRO B 96 9.98 -12.16 -5.18
N PRO B 97 11.25 -12.30 -4.75
CA PRO B 97 12.37 -11.46 -5.15
C PRO B 97 12.46 -11.19 -6.67
N ALA B 98 12.59 -9.90 -7.01
CA ALA B 98 12.75 -9.37 -8.36
C ALA B 98 13.39 -7.97 -8.31
N SER B 99 13.78 -7.43 -9.47
CA SER B 99 14.37 -6.10 -9.62
C SER B 99 13.97 -5.42 -10.94
N SER B 100 13.82 -4.10 -10.90
CA SER B 100 13.47 -3.21 -12.03
C SER B 100 13.78 -1.75 -11.63
N ARG B 101 13.45 -0.77 -12.48
CA ARG B 101 13.67 0.67 -12.23
C ARG B 101 12.61 1.55 -12.94
N ASN B 102 12.31 2.70 -12.33
CA ASN B 102 11.49 3.77 -12.88
C ASN B 102 12.15 5.13 -12.61
N ARG B 103 12.51 5.85 -13.69
CA ARG B 103 13.26 7.11 -13.67
C ARG B 103 12.95 7.97 -14.90
N SER B 104 12.99 9.29 -14.77
CA SER B 104 12.92 10.23 -15.90
C SER B 104 14.31 10.44 -16.55
N PRO B 105 14.37 10.73 -17.88
CA PRO B 105 15.62 11.12 -18.54
C PRO B 105 16.05 12.53 -18.15
N SER B 106 17.33 12.88 -18.43
CA SER B 106 17.93 14.18 -18.13
C SER B 106 19.05 14.56 -19.12
N GLY B 107 19.38 15.86 -19.18
CA GLY B 107 20.40 16.43 -20.06
C GLY B 107 20.36 17.96 -20.13
N SER B 108 21.23 18.55 -20.95
CA SER B 108 21.32 20.00 -21.22
C SER B 108 21.81 20.28 -22.65
N MET B 1 20.20 -11.40 -0.17
CA MET B 1 19.10 -10.87 0.67
C MET B 1 18.25 -9.85 -0.12
N VAL B 2 17.18 -9.31 0.47
CA VAL B 2 16.26 -8.32 -0.13
C VAL B 2 16.01 -7.18 0.87
N GLU B 3 16.01 -5.94 0.39
CA GLU B 3 16.03 -4.69 1.20
C GLU B 3 14.88 -4.52 2.21
N ALA B 4 13.73 -5.15 1.97
CA ALA B 4 12.55 -5.15 2.86
C ALA B 4 11.99 -6.57 3.10
N ASP B 5 12.81 -7.59 2.85
CA ASP B 5 12.35 -9.00 2.86
C ASP B 5 11.13 -9.24 1.96
N HIS B 6 11.38 -9.42 0.66
CA HIS B 6 10.40 -9.78 -0.36
C HIS B 6 9.17 -8.85 -0.45
N PRO B 7 9.37 -7.53 -0.73
CA PRO B 7 8.28 -6.56 -0.93
C PRO B 7 7.49 -6.80 -2.24
N GLY B 8 6.52 -5.91 -2.50
CA GLY B 8 5.52 -6.01 -3.58
C GLY B 8 4.12 -5.58 -3.12
N LYS B 9 3.94 -5.55 -1.78
CA LYS B 9 2.67 -5.16 -1.16
C LYS B 9 2.92 -4.04 -0.14
N LEU B 10 2.08 -3.02 -0.17
CA LEU B 10 2.34 -1.76 0.56
C LEU B 10 1.19 -1.35 1.47
N PHE B 11 1.51 -0.81 2.65
CA PHE B 11 0.57 -0.32 3.66
C PHE B 11 0.55 1.21 3.61
N ILE B 12 -0.64 1.80 3.38
CA ILE B 12 -0.83 3.22 3.52
C ILE B 12 -1.67 3.37 4.78
N GLY B 13 -1.19 4.28 5.59
CA GLY B 13 -1.72 4.55 6.89
C GLY B 13 -2.29 5.96 6.94
N GLY B 14 -3.57 5.95 7.28
CA GLY B 14 -4.35 7.15 7.46
C GLY B 14 -5.78 6.82 7.37
N LEU B 15 -6.34 7.02 6.19
CA LEU B 15 -7.70 6.59 5.87
C LEU B 15 -8.84 7.17 6.65
N ASN B 16 -8.68 7.36 7.94
CA ASN B 16 -9.52 8.09 8.83
C ASN B 16 -11.03 7.81 8.67
N ARG B 17 -11.37 6.63 8.14
CA ARG B 17 -12.70 6.24 7.63
C ARG B 17 -13.34 7.38 6.80
N GLU B 18 -12.53 7.99 5.93
CA GLU B 18 -12.74 9.21 5.18
C GLU B 18 -12.27 8.98 3.73
N THR B 19 -11.04 8.48 3.58
CA THR B 19 -10.47 8.22 2.26
C THR B 19 -10.52 6.76 1.77
N ASN B 20 -10.28 6.52 0.46
CA ASN B 20 -10.53 5.21 -0.17
C ASN B 20 -9.75 4.90 -1.46
N GLU B 21 -10.17 3.89 -2.25
CA GLU B 21 -9.51 3.52 -3.54
C GLU B 21 -9.02 4.68 -4.44
N LYS B 22 -9.68 5.83 -4.25
CA LYS B 22 -9.35 6.99 -5.07
C LYS B 22 -7.94 7.38 -4.72
N MET B 23 -7.85 7.65 -3.40
CA MET B 23 -6.59 7.96 -2.81
C MET B 23 -5.62 6.82 -3.13
N LEU B 24 -6.03 5.55 -3.00
CA LEU B 24 -5.10 4.42 -3.16
C LEU B 24 -4.37 4.46 -4.51
N LYS B 25 -5.10 4.26 -5.61
CA LYS B 25 -4.49 4.31 -6.95
C LYS B 25 -3.78 5.63 -7.19
N ALA B 26 -4.31 6.74 -6.68
CA ALA B 26 -3.60 8.01 -6.70
C ALA B 26 -2.19 7.91 -6.05
N VAL B 27 -2.23 7.78 -4.73
CA VAL B 27 -1.05 7.84 -3.87
C VAL B 27 0.01 6.87 -4.32
N PHE B 28 -0.33 5.60 -4.27
CA PHE B 28 0.52 4.54 -4.75
C PHE B 28 0.89 4.61 -6.22
N GLY B 29 -0.12 4.74 -7.10
CA GLY B 29 0.14 4.91 -8.51
C GLY B 29 1.03 6.08 -8.88
N LYS B 30 1.27 7.03 -7.96
CA LYS B 30 2.16 8.16 -8.23
C LYS B 30 3.49 7.71 -8.88
N HIS B 31 4.01 6.59 -8.38
CA HIS B 31 5.24 5.98 -8.92
C HIS B 31 5.19 4.46 -9.22
N GLY B 32 4.03 3.82 -9.47
CA GLY B 32 3.99 2.45 -9.96
C GLY B 32 2.69 2.06 -10.70
N PRO B 33 2.62 0.82 -11.21
CA PRO B 33 1.51 0.28 -11.98
C PRO B 33 0.26 -0.05 -11.14
N ILE B 34 0.37 -1.04 -10.24
CA ILE B 34 -0.72 -1.43 -9.33
C ILE B 34 -1.63 -2.52 -9.94
N SER B 35 -1.47 -3.76 -9.47
CA SER B 35 -2.20 -4.96 -9.90
C SER B 35 -3.28 -5.37 -8.89
N GLU B 36 -3.25 -4.86 -7.65
CA GLU B 36 -4.33 -5.13 -6.68
C GLU B 36 -4.51 -4.01 -5.65
N VAL B 37 -5.74 -3.80 -5.19
CA VAL B 37 -6.17 -2.65 -4.37
C VAL B 37 -7.04 -3.13 -3.19
N LEU B 38 -6.63 -2.79 -1.96
CA LEU B 38 -7.17 -3.33 -0.71
C LEU B 38 -7.43 -2.26 0.36
N LEU B 39 -8.58 -2.34 1.03
CA LEU B 39 -8.94 -1.56 2.22
C LEU B 39 -9.26 -2.56 3.36
N ILE B 40 -8.72 -2.36 4.57
CA ILE B 40 -8.84 -3.34 5.64
C ILE B 40 -9.83 -2.83 6.69
N LYS B 41 -10.70 -3.78 7.08
CA LYS B 41 -11.84 -3.52 7.97
C LYS B 41 -11.78 -4.49 9.18
N ASP B 42 -12.90 -5.19 9.42
CA ASP B 42 -13.30 -6.03 10.57
C ASP B 42 -14.69 -6.60 10.22
N ARG B 43 -15.07 -7.85 10.54
CA ARG B 43 -16.33 -8.53 10.10
C ARG B 43 -16.61 -8.50 8.58
N THR B 44 -15.69 -8.00 7.75
CA THR B 44 -16.05 -7.68 6.35
C THR B 44 -17.00 -6.46 6.24
N SER B 45 -17.14 -5.79 7.41
CA SER B 45 -17.67 -4.41 7.51
C SER B 45 -18.30 -3.97 8.87
N LYS B 46 -17.78 -4.48 10.02
CA LYS B 46 -17.96 -3.80 11.33
C LYS B 46 -17.49 -2.30 11.15
N SER B 47 -16.43 -2.12 10.32
CA SER B 47 -16.07 -0.80 9.75
C SER B 47 -15.00 0.04 10.47
N ARG B 48 -13.75 -0.18 10.03
CA ARG B 48 -12.47 0.50 10.27
C ARG B 48 -11.74 0.46 8.90
N GLY B 49 -10.73 1.30 8.73
CA GLY B 49 -10.08 1.59 7.42
C GLY B 49 -8.55 1.67 7.37
N PHE B 50 -7.85 0.70 6.76
CA PHE B 50 -6.41 0.87 6.40
C PHE B 50 -6.00 0.31 5.03
N ALA B 51 -5.08 0.91 4.29
CA ALA B 51 -4.90 0.59 2.87
C ALA B 51 -3.71 -0.27 2.52
N PHE B 52 -3.96 -1.24 1.66
CA PHE B 52 -2.98 -2.15 1.10
C PHE B 52 -2.95 -2.08 -0.43
N ILE B 53 -1.79 -2.03 -1.10
CA ILE B 53 -1.76 -2.10 -2.59
C ILE B 53 -0.67 -3.06 -3.06
N THR B 54 -0.99 -3.90 -4.05
CA THR B 54 -0.03 -4.82 -4.68
C THR B 54 0.37 -4.28 -6.05
N PHE B 55 1.68 -4.24 -6.29
CA PHE B 55 2.33 -3.73 -7.49
C PHE B 55 2.83 -4.88 -8.37
N GLU B 56 2.59 -4.79 -9.68
CA GLU B 56 3.21 -5.71 -10.66
C GLU B 56 4.70 -6.02 -10.43
N ASN B 57 5.52 -5.13 -9.86
CA ASN B 57 6.89 -5.46 -9.42
C ASN B 57 7.24 -4.86 -8.04
N PRO B 58 8.17 -5.48 -7.28
CA PRO B 58 8.70 -4.96 -6.01
C PRO B 58 9.46 -3.64 -6.18
N ALA B 59 10.12 -3.50 -7.32
CA ALA B 59 10.68 -2.23 -7.76
C ALA B 59 9.70 -1.08 -7.58
N ASP B 60 8.59 -1.22 -8.28
CA ASP B 60 7.54 -0.23 -8.28
C ASP B 60 6.90 0.06 -6.91
N ALA B 61 6.77 -0.99 -6.09
CA ALA B 61 6.38 -0.82 -4.69
C ALA B 61 7.31 0.14 -3.94
N LYS B 62 8.61 -0.17 -4.02
CA LYS B 62 9.70 0.64 -3.46
C LYS B 62 9.66 2.08 -3.98
N ASN B 63 9.46 2.20 -5.28
CA ASN B 63 9.32 3.49 -5.95
C ASN B 63 8.22 4.35 -5.35
N ALA B 64 6.98 3.85 -5.38
CA ALA B 64 5.86 4.51 -4.73
C ALA B 64 6.10 4.77 -3.22
N ALA B 65 6.73 3.84 -2.50
CA ALA B 65 7.18 4.10 -1.13
C ALA B 65 8.09 5.34 -1.00
N LYS B 66 9.22 5.31 -1.71
CA LYS B 66 10.29 6.32 -1.74
C LYS B 66 9.75 7.69 -2.12
N ASP B 67 8.88 7.70 -3.14
CA ASP B 67 8.12 8.89 -3.50
C ASP B 67 7.30 9.49 -2.35
N MET B 68 6.37 8.65 -1.93
CA MET B 68 5.25 9.07 -1.07
C MET B 68 5.61 9.43 0.37
N ASN B 69 5.68 8.39 1.23
CA ASN B 69 6.28 8.49 2.57
C ASN B 69 5.83 9.56 3.60
N GLY B 70 4.87 10.42 3.24
CA GLY B 70 4.38 11.56 4.01
C GLY B 70 3.98 12.77 3.15
N LYS B 71 3.49 12.48 1.94
CA LYS B 71 3.09 13.54 0.99
C LYS B 71 1.95 14.42 1.52
N SER B 72 0.92 13.76 2.09
CA SER B 72 -0.15 14.43 2.85
C SER B 72 -1.25 14.92 1.92
N LEU B 73 -2.39 14.25 2.02
CA LEU B 73 -3.42 14.39 0.97
C LEU B 73 -4.92 14.17 1.27
N HIS B 74 -5.34 13.83 2.50
CA HIS B 74 -6.77 13.80 2.91
C HIS B 74 -7.06 14.78 4.07
N GLY B 75 -6.28 15.86 4.18
CA GLY B 75 -6.27 16.70 5.39
C GLY B 75 -5.46 16.03 6.51
N LYS B 76 -4.66 15.02 6.13
CA LYS B 76 -3.84 14.25 7.06
C LYS B 76 -2.69 13.71 6.21
N ALA B 77 -1.59 13.42 6.87
CA ALA B 77 -0.50 12.71 6.25
C ALA B 77 -0.85 11.24 6.01
N ILE B 78 -0.19 10.71 4.99
CA ILE B 78 -0.15 9.27 4.72
C ILE B 78 1.21 8.75 5.15
N LYS B 79 1.18 7.63 5.82
CA LYS B 79 2.41 6.91 6.17
C LYS B 79 2.50 5.71 5.24
N VAL B 80 3.62 5.61 4.55
CA VAL B 80 3.87 4.56 3.55
C VAL B 80 4.94 3.58 4.05
N GLU B 81 4.51 2.32 4.12
CA GLU B 81 5.19 1.18 4.74
C GLU B 81 5.13 -0.06 3.82
N GLN B 82 6.11 -0.96 3.91
CA GLN B 82 6.20 -2.15 3.06
C GLN B 82 5.75 -3.35 3.89
N ALA B 83 4.65 -3.95 3.43
CA ALA B 83 3.87 -4.94 4.18
C ALA B 83 4.63 -6.20 4.62
N LYS B 84 4.12 -6.87 5.67
CA LYS B 84 4.88 -7.95 6.32
C LYS B 84 4.05 -9.12 6.88
N LYS B 85 3.26 -8.88 7.92
CA LYS B 85 2.61 -9.97 8.67
C LYS B 85 1.37 -9.50 9.44
N PRO B 86 0.19 -10.13 9.25
CA PRO B 86 -0.98 -9.92 10.12
C PRO B 86 -0.98 -10.84 11.36
N SER B 87 -0.37 -12.03 11.25
CA SER B 87 -0.39 -13.11 12.25
C SER B 87 0.67 -14.20 12.01
N PHE B 88 0.97 -14.51 10.75
CA PHE B 88 1.95 -15.52 10.33
C PHE B 88 2.92 -14.98 9.26
N GLN B 89 2.40 -14.61 8.08
CA GLN B 89 3.12 -13.87 7.01
C GLN B 89 2.13 -13.39 5.93
N SER B 90 2.49 -12.37 5.17
CA SER B 90 1.79 -11.92 3.95
C SER B 90 2.72 -11.10 3.04
N GLY B 91 2.26 -10.69 1.85
CA GLY B 91 3.08 -10.06 0.81
C GLY B 91 2.34 -9.85 -0.51
N GLY B 92 3.08 -9.83 -1.62
CA GLY B 92 2.54 -9.76 -2.99
C GLY B 92 3.59 -10.05 -4.05
N ARG B 93 3.20 -10.79 -5.10
CA ARG B 93 4.07 -11.38 -6.15
C ARG B 93 5.40 -11.94 -5.59
N ARG B 94 6.51 -11.79 -6.33
CA ARG B 94 7.88 -12.19 -6.00
C ARG B 94 8.89 -11.37 -6.82
N ARG B 95 10.20 -11.51 -6.53
CA ARG B 95 11.32 -10.94 -7.30
C ARG B 95 11.27 -11.40 -8.78
N PRO B 96 11.06 -10.50 -9.76
CA PRO B 96 11.06 -10.85 -11.19
C PRO B 96 12.39 -11.48 -11.68
N PRO B 97 12.36 -12.27 -12.78
CA PRO B 97 13.57 -12.76 -13.45
C PRO B 97 14.31 -11.63 -14.22
N ALA B 98 15.50 -11.96 -14.73
CA ALA B 98 16.33 -11.07 -15.57
C ALA B 98 17.03 -11.86 -16.69
N SER B 99 17.42 -11.16 -17.77
CA SER B 99 18.04 -11.73 -18.97
C SER B 99 18.85 -10.67 -19.75
N SER B 100 19.34 -11.03 -20.94
CA SER B 100 20.10 -10.17 -21.87
C SER B 100 19.73 -10.44 -23.33
N ARG B 101 20.13 -9.53 -24.23
CA ARG B 101 19.80 -9.50 -25.67
C ARG B 101 21.03 -9.27 -26.55
N ASN B 102 22.23 -9.60 -26.05
CA ASN B 102 23.54 -9.34 -26.66
C ASN B 102 23.77 -9.95 -28.07
N ARG B 103 22.97 -10.95 -28.48
CA ARG B 103 23.03 -11.63 -29.79
C ARG B 103 22.60 -10.68 -30.93
N SER B 104 23.52 -9.87 -31.44
CA SER B 104 23.30 -8.90 -32.51
C SER B 104 22.93 -9.54 -33.86
N PRO B 105 22.36 -8.78 -34.82
CA PRO B 105 22.14 -9.24 -36.20
C PRO B 105 23.43 -9.27 -37.06
N SER B 106 24.58 -8.84 -36.53
CA SER B 106 25.92 -8.72 -37.15
C SER B 106 26.06 -7.89 -38.44
N GLY B 107 24.96 -7.55 -39.11
CA GLY B 107 24.91 -6.73 -40.34
C GLY B 107 23.59 -6.78 -41.10
N SER B 108 22.79 -7.84 -40.89
CA SER B 108 21.44 -8.03 -41.49
C SER B 108 20.44 -6.92 -41.14
N MET B 1 17.88 -8.40 -4.45
CA MET B 1 17.61 -7.43 -3.37
C MET B 1 16.13 -7.49 -2.94
N VAL B 2 15.88 -7.60 -1.63
CA VAL B 2 14.52 -7.75 -1.02
C VAL B 2 14.36 -6.89 0.24
N GLU B 3 14.95 -5.69 0.27
CA GLU B 3 14.83 -4.74 1.39
C GLU B 3 13.36 -4.33 1.62
N ALA B 4 12.82 -4.67 2.80
CA ALA B 4 11.42 -4.51 3.23
C ALA B 4 10.34 -5.26 2.41
N ASP B 5 10.64 -5.72 1.19
CA ASP B 5 9.59 -6.23 0.29
C ASP B 5 10.09 -7.35 -0.66
N HIS B 6 9.14 -8.14 -1.14
CA HIS B 6 9.27 -9.27 -2.05
C HIS B 6 7.98 -9.51 -2.85
N PRO B 7 6.77 -9.56 -2.25
CA PRO B 7 5.52 -9.63 -3.00
C PRO B 7 5.16 -8.33 -3.74
N GLY B 8 5.81 -7.20 -3.43
CA GLY B 8 5.49 -5.89 -3.99
C GLY B 8 4.22 -5.31 -3.37
N LYS B 9 4.09 -5.40 -2.05
CA LYS B 9 2.82 -5.09 -1.35
C LYS B 9 3.03 -4.02 -0.27
N LEU B 10 2.11 -3.05 -0.26
CA LEU B 10 2.29 -1.80 0.49
C LEU B 10 1.14 -1.47 1.43
N PHE B 11 1.44 -0.94 2.61
CA PHE B 11 0.48 -0.39 3.58
C PHE B 11 0.54 1.16 3.56
N ILE B 12 -0.64 1.78 3.40
CA ILE B 12 -0.80 3.22 3.53
C ILE B 12 -1.65 3.41 4.76
N GLY B 13 -1.18 4.34 5.57
CA GLY B 13 -1.73 4.63 6.86
C GLY B 13 -2.34 6.01 6.86
N GLY B 14 -3.62 5.96 7.18
CA GLY B 14 -4.44 7.15 7.35
C GLY B 14 -5.87 6.79 7.31
N LEU B 15 -6.44 7.03 6.14
CA LEU B 15 -7.81 6.64 5.84
C LEU B 15 -8.93 7.23 6.63
N ASN B 16 -8.69 7.54 7.89
CA ASN B 16 -9.47 8.36 8.76
C ASN B 16 -11.00 8.14 8.73
N ARG B 17 -11.44 6.92 8.38
CA ARG B 17 -12.84 6.58 8.04
C ARG B 17 -13.46 7.61 7.05
N GLU B 18 -12.62 8.09 6.12
CA GLU B 18 -12.81 9.24 5.24
C GLU B 18 -12.45 8.90 3.78
N THR B 19 -11.20 8.47 3.51
CA THR B 19 -10.74 8.20 2.11
C THR B 19 -10.58 6.71 1.79
N ASN B 20 -10.40 6.39 0.49
CA ASN B 20 -10.57 4.99 0.02
C ASN B 20 -9.82 4.72 -1.30
N GLU B 21 -10.21 3.71 -2.10
CA GLU B 21 -9.45 3.31 -3.32
C GLU B 21 -9.11 4.39 -4.40
N LYS B 22 -9.86 5.45 -4.17
CA LYS B 22 -9.60 6.71 -4.88
C LYS B 22 -8.17 7.12 -4.65
N MET B 23 -7.98 7.29 -3.33
CA MET B 23 -6.68 7.54 -2.77
C MET B 23 -5.77 6.44 -3.23
N LEU B 24 -6.27 5.19 -3.25
CA LEU B 24 -5.39 4.07 -3.51
C LEU B 24 -4.62 4.20 -4.83
N LYS B 25 -5.33 4.03 -5.95
CA LYS B 25 -4.71 4.18 -7.26
C LYS B 25 -4.04 5.53 -7.42
N ALA B 26 -4.62 6.57 -6.82
CA ALA B 26 -3.95 7.85 -6.72
C ALA B 26 -2.52 7.76 -6.13
N VAL B 27 -2.50 7.69 -4.80
CA VAL B 27 -1.27 7.79 -3.99
C VAL B 27 -0.22 6.81 -4.46
N PHE B 28 -0.62 5.55 -4.51
CA PHE B 28 0.26 4.50 -4.94
C PHE B 28 0.64 4.59 -6.42
N GLY B 29 -0.35 4.74 -7.30
CA GLY B 29 -0.05 4.95 -8.70
C GLY B 29 0.85 6.13 -9.01
N LYS B 30 1.05 7.05 -8.06
CA LYS B 30 1.99 8.18 -8.24
C LYS B 30 3.32 7.74 -8.87
N HIS B 31 3.83 6.59 -8.39
CA HIS B 31 5.08 6.01 -8.90
C HIS B 31 5.05 4.49 -9.20
N GLY B 32 3.91 3.84 -9.49
CA GLY B 32 3.91 2.45 -9.95
C GLY B 32 2.64 2.02 -10.70
N PRO B 33 2.61 0.75 -11.17
CA PRO B 33 1.54 0.15 -11.96
C PRO B 33 0.25 -0.16 -11.17
N ILE B 34 0.28 -1.14 -10.25
CA ILE B 34 -0.87 -1.45 -9.37
C ILE B 34 -1.83 -2.50 -9.97
N SER B 35 -1.77 -3.74 -9.46
CA SER B 35 -2.59 -4.87 -9.90
C SER B 35 -3.61 -5.32 -8.84
N GLU B 36 -3.44 -4.93 -7.56
CA GLU B 36 -4.39 -5.28 -6.50
C GLU B 36 -4.62 -4.14 -5.51
N VAL B 37 -5.87 -3.98 -5.05
CA VAL B 37 -6.30 -2.83 -4.26
C VAL B 37 -7.17 -3.26 -3.07
N LEU B 38 -6.75 -2.86 -1.87
CA LEU B 38 -7.23 -3.32 -0.55
C LEU B 38 -7.48 -2.18 0.45
N LEU B 39 -8.55 -2.28 1.23
CA LEU B 39 -8.78 -1.46 2.43
C LEU B 39 -9.20 -2.42 3.57
N ILE B 40 -8.63 -2.22 4.75
CA ILE B 40 -8.68 -3.22 5.83
C ILE B 40 -9.69 -2.77 6.86
N LYS B 41 -10.49 -3.80 7.25
CA LYS B 41 -11.67 -3.62 8.11
C LYS B 41 -11.67 -4.68 9.25
N ASP B 42 -12.84 -5.27 9.51
CA ASP B 42 -13.25 -6.12 10.65
C ASP B 42 -14.64 -6.69 10.31
N ARG B 43 -15.04 -7.93 10.65
CA ARG B 43 -16.29 -8.60 10.16
C ARG B 43 -16.48 -8.63 8.64
N THR B 44 -15.50 -8.15 7.87
CA THR B 44 -15.73 -7.89 6.43
C THR B 44 -16.61 -6.63 6.22
N SER B 45 -17.00 -6.00 7.36
CA SER B 45 -17.52 -4.62 7.39
C SER B 45 -18.15 -4.10 8.73
N LYS B 46 -17.67 -4.55 9.91
CA LYS B 46 -17.86 -3.77 11.18
C LYS B 46 -17.39 -2.30 10.87
N SER B 47 -16.26 -2.21 10.13
CA SER B 47 -15.90 -1.00 9.38
C SER B 47 -15.03 0.10 10.00
N ARG B 48 -13.71 -0.08 9.79
CA ARG B 48 -12.62 0.87 9.92
C ARG B 48 -11.96 1.01 8.54
N GLY B 49 -10.86 1.73 8.46
CA GLY B 49 -10.07 1.88 7.24
C GLY B 49 -8.54 1.82 7.35
N PHE B 50 -7.87 0.81 6.80
CA PHE B 50 -6.38 0.90 6.51
C PHE B 50 -5.97 0.38 5.14
N ALA B 51 -5.11 1.03 4.37
CA ALA B 51 -5.02 0.78 2.92
C ALA B 51 -3.83 -0.05 2.46
N PHE B 52 -4.09 -1.00 1.56
CA PHE B 52 -3.12 -1.98 1.11
C PHE B 52 -3.07 -2.03 -0.44
N ILE B 53 -1.90 -2.02 -1.10
CA ILE B 53 -1.85 -2.16 -2.58
C ILE B 53 -0.76 -3.13 -3.03
N THR B 54 -1.05 -4.03 -3.98
CA THR B 54 -0.01 -4.85 -4.63
C THR B 54 0.27 -4.34 -6.03
N PHE B 55 1.57 -4.23 -6.32
CA PHE B 55 2.18 -3.74 -7.56
C PHE B 55 2.72 -4.90 -8.40
N GLU B 56 2.45 -4.85 -9.71
CA GLU B 56 3.07 -5.77 -10.68
C GLU B 56 4.58 -6.06 -10.48
N ASN B 57 5.37 -5.11 -9.95
CA ASN B 57 6.76 -5.40 -9.51
C ASN B 57 7.06 -4.77 -8.12
N PRO B 58 7.95 -5.40 -7.32
CA PRO B 58 8.39 -4.89 -6.02
C PRO B 58 9.19 -3.59 -6.14
N ALA B 59 9.95 -3.48 -7.24
CA ALA B 59 10.58 -2.22 -7.62
C ALA B 59 9.64 -1.02 -7.51
N ASP B 60 8.57 -1.12 -8.29
CA ASP B 60 7.57 -0.08 -8.37
C ASP B 60 6.83 0.21 -7.06
N ALA B 61 6.62 -0.84 -6.25
CA ALA B 61 6.13 -0.67 -4.88
C ALA B 61 7.04 0.28 -4.09
N LYS B 62 8.32 -0.07 -4.09
CA LYS B 62 9.41 0.68 -3.45
C LYS B 62 9.49 2.12 -3.94
N ASN B 63 9.35 2.28 -5.25
CA ASN B 63 9.26 3.58 -5.88
C ASN B 63 8.12 4.44 -5.31
N ALA B 64 6.88 3.97 -5.43
CA ALA B 64 5.73 4.66 -4.86
C ALA B 64 5.89 4.91 -3.34
N ALA B 65 6.48 3.97 -2.60
CA ALA B 65 6.89 4.22 -1.21
C ALA B 65 7.82 5.44 -1.08
N LYS B 66 9.00 5.38 -1.70
CA LYS B 66 10.09 6.37 -1.66
C LYS B 66 9.62 7.75 -2.08
N ASP B 67 8.78 7.77 -3.12
CA ASP B 67 8.05 8.97 -3.51
C ASP B 67 7.21 9.57 -2.37
N MET B 68 6.29 8.73 -1.92
CA MET B 68 5.22 9.15 -0.99
C MET B 68 5.68 9.44 0.44
N ASN B 69 5.77 8.36 1.25
CA ASN B 69 6.43 8.39 2.57
C ASN B 69 6.07 9.44 3.65
N GLY B 70 5.14 10.34 3.36
CA GLY B 70 4.72 11.47 4.20
C GLY B 70 4.16 12.65 3.40
N LYS B 71 3.57 12.33 2.23
CA LYS B 71 2.78 13.31 1.49
C LYS B 71 1.43 13.43 2.20
N SER B 72 0.53 14.28 1.72
CA SER B 72 -0.71 14.58 2.43
C SER B 72 -1.80 14.95 1.47
N LEU B 73 -2.92 14.25 1.60
CA LEU B 73 -3.95 14.27 0.53
C LEU B 73 -5.41 13.94 0.89
N HIS B 74 -5.72 13.68 2.15
CA HIS B 74 -7.11 13.60 2.65
C HIS B 74 -7.30 14.53 3.86
N GLY B 75 -6.79 15.76 3.75
CA GLY B 75 -6.66 16.68 4.91
C GLY B 75 -5.73 16.14 6.00
N LYS B 76 -4.92 15.13 5.65
CA LYS B 76 -4.08 14.41 6.60
C LYS B 76 -3.01 13.75 5.76
N ALA B 77 -1.91 13.49 6.41
CA ALA B 77 -0.82 12.79 5.80
C ALA B 77 -1.09 11.30 5.67
N ILE B 78 -0.38 10.76 4.69
CA ILE B 78 -0.26 9.30 4.50
C ILE B 78 1.12 8.87 4.99
N LYS B 79 1.13 7.78 5.72
CA LYS B 79 2.38 7.10 6.06
C LYS B 79 2.48 5.85 5.20
N VAL B 80 3.63 5.64 4.55
CA VAL B 80 3.84 4.54 3.60
C VAL B 80 4.86 3.53 4.13
N GLU B 81 4.46 2.27 4.06
CA GLU B 81 5.08 1.09 4.62
C GLU B 81 5.12 -0.06 3.61
N GLN B 82 6.16 -0.88 3.62
CA GLN B 82 6.26 -2.05 2.75
C GLN B 82 5.96 -3.27 3.64
N ALA B 83 4.84 -3.90 3.29
CA ALA B 83 4.14 -4.88 4.13
C ALA B 83 4.95 -6.08 4.64
N LYS B 84 4.49 -6.68 5.76
CA LYS B 84 5.27 -7.71 6.47
C LYS B 84 4.40 -8.86 7.04
N LYS B 85 3.64 -8.62 8.12
CA LYS B 85 2.95 -9.70 8.87
C LYS B 85 1.70 -9.15 9.62
N PRO B 86 0.56 -9.88 9.62
CA PRO B 86 -0.62 -9.54 10.42
C PRO B 86 -0.74 -10.28 11.77
N SER B 87 0.11 -11.30 12.03
CA SER B 87 0.07 -12.12 13.25
C SER B 87 1.35 -12.95 13.42
N PHE B 88 1.50 -13.61 14.57
CA PHE B 88 2.54 -14.61 14.82
C PHE B 88 2.40 -15.82 13.87
N GLN B 89 3.52 -16.42 13.48
CA GLN B 89 3.68 -17.51 12.49
C GLN B 89 3.23 -17.18 11.04
N SER B 90 2.17 -16.39 10.86
CA SER B 90 1.50 -16.07 9.59
C SER B 90 0.99 -17.31 8.80
N GLY B 91 0.38 -17.08 7.63
CA GLY B 91 -0.36 -18.10 6.88
C GLY B 91 0.47 -18.92 5.87
N GLY B 92 1.60 -18.39 5.38
CA GLY B 92 2.48 -19.06 4.42
C GLY B 92 3.47 -18.15 3.69
N ARG B 93 4.28 -18.75 2.81
CA ARG B 93 5.29 -18.10 1.98
C ARG B 93 4.69 -17.02 1.05
N ARG B 94 5.32 -15.84 0.99
CA ARG B 94 4.90 -14.70 0.13
C ARG B 94 5.25 -14.94 -1.34
N ARG B 95 4.50 -14.30 -2.25
CA ARG B 95 4.69 -14.36 -3.71
C ARG B 95 4.26 -13.04 -4.37
N PRO B 96 4.97 -12.55 -5.42
CA PRO B 96 4.49 -11.44 -6.24
C PRO B 96 3.19 -11.80 -7.00
N PRO B 97 2.44 -10.81 -7.52
CA PRO B 97 1.22 -11.04 -8.29
C PRO B 97 1.50 -11.68 -9.67
N ALA B 98 0.43 -12.06 -10.39
CA ALA B 98 0.51 -12.46 -11.79
C ALA B 98 0.93 -11.27 -12.68
N SER B 99 2.09 -11.37 -13.34
CA SER B 99 2.71 -10.32 -14.16
C SER B 99 3.37 -10.91 -15.40
N SER B 100 3.15 -10.28 -16.55
CA SER B 100 3.73 -10.66 -17.86
C SER B 100 3.67 -9.49 -18.86
N ARG B 101 4.30 -9.63 -20.03
CA ARG B 101 4.27 -8.64 -21.12
C ARG B 101 2.85 -8.48 -21.71
N ASN B 102 2.56 -7.28 -22.21
CA ASN B 102 1.37 -6.94 -23.00
C ASN B 102 1.78 -6.12 -24.25
N ARG B 103 1.02 -6.24 -25.34
CA ARG B 103 1.33 -5.73 -26.69
C ARG B 103 2.81 -5.95 -27.09
N SER B 104 3.15 -7.20 -27.37
CA SER B 104 4.47 -7.62 -27.89
C SER B 104 4.95 -6.80 -29.11
N PRO B 105 6.27 -6.62 -29.29
CA PRO B 105 6.81 -5.79 -30.38
C PRO B 105 6.69 -6.43 -31.77
N SER B 106 6.82 -5.60 -32.81
CA SER B 106 6.88 -6.00 -34.23
C SER B 106 7.60 -4.93 -35.06
N GLY B 107 8.01 -5.27 -36.28
CA GLY B 107 8.70 -4.36 -37.22
C GLY B 107 9.09 -5.02 -38.55
N SER B 108 9.66 -4.20 -39.45
CA SER B 108 10.07 -4.57 -40.83
C SER B 108 11.39 -3.93 -41.22
N MET B 1 16.03 -7.27 5.98
CA MET B 1 15.51 -8.64 5.68
C MET B 1 14.62 -8.59 4.44
N VAL B 2 14.86 -9.47 3.46
CA VAL B 2 14.19 -9.48 2.13
C VAL B 2 12.64 -9.48 2.19
N GLU B 3 12.08 -10.04 3.26
CA GLU B 3 10.65 -10.08 3.60
C GLU B 3 9.93 -8.70 3.56
N ALA B 4 10.66 -7.60 3.76
CA ALA B 4 10.14 -6.23 3.69
C ALA B 4 11.02 -5.29 2.85
N ASP B 5 11.65 -5.89 1.82
CA ASP B 5 12.52 -5.15 0.90
C ASP B 5 12.31 -5.56 -0.58
N HIS B 6 11.81 -6.78 -0.81
CA HIS B 6 11.43 -7.32 -2.13
C HIS B 6 9.99 -7.91 -2.26
N PRO B 7 9.02 -7.79 -1.29
CA PRO B 7 7.70 -8.42 -1.44
C PRO B 7 6.80 -7.70 -2.48
N GLY B 8 7.07 -6.42 -2.77
CA GLY B 8 6.26 -5.61 -3.68
C GLY B 8 4.87 -5.23 -3.16
N LYS B 9 4.65 -5.37 -1.84
CA LYS B 9 3.35 -5.03 -1.22
C LYS B 9 3.54 -3.98 -0.12
N LEU B 10 2.73 -2.93 -0.20
CA LEU B 10 2.93 -1.72 0.59
C LEU B 10 1.80 -1.45 1.58
N PHE B 11 2.14 -0.83 2.72
CA PHE B 11 1.22 -0.32 3.74
C PHE B 11 1.14 1.21 3.60
N ILE B 12 -0.10 1.73 3.43
CA ILE B 12 -0.34 3.15 3.54
C ILE B 12 -1.13 3.29 4.81
N GLY B 13 -0.64 4.22 5.61
CA GLY B 13 -1.23 4.56 6.88
C GLY B 13 -1.88 5.92 6.78
N GLY B 14 -3.17 5.84 7.07
CA GLY B 14 -4.03 6.99 7.16
C GLY B 14 -5.43 6.55 7.05
N LEU B 15 -5.98 6.80 5.88
CA LEU B 15 -7.34 6.38 5.53
C LEU B 15 -8.50 6.93 6.33
N ASN B 16 -8.25 7.12 7.60
CA ASN B 16 -8.91 7.83 8.64
C ASN B 16 -10.45 7.79 8.65
N ARG B 17 -11.04 6.77 8.02
CA ARG B 17 -12.47 6.70 7.70
C ARG B 17 -12.93 7.98 6.97
N GLU B 18 -12.05 8.42 6.07
CA GLU B 18 -12.00 9.68 5.31
C GLU B 18 -11.91 9.38 3.83
N THR B 19 -10.82 8.67 3.51
CA THR B 19 -10.50 8.33 2.10
C THR B 19 -10.45 6.82 1.76
N ASN B 20 -10.27 6.47 0.47
CA ASN B 20 -10.57 5.11 -0.02
C ASN B 20 -9.74 4.59 -1.23
N GLU B 21 -10.18 3.46 -1.81
CA GLU B 21 -9.52 2.84 -2.99
C GLU B 21 -9.10 3.80 -4.13
N LYS B 22 -9.88 4.90 -4.25
CA LYS B 22 -9.53 6.03 -5.12
C LYS B 22 -8.14 6.50 -4.82
N MET B 23 -8.03 6.96 -3.58
CA MET B 23 -6.77 7.39 -3.04
C MET B 23 -5.69 6.34 -3.12
N LEU B 24 -6.01 5.07 -2.84
CA LEU B 24 -5.01 4.01 -2.88
C LEU B 24 -4.32 3.98 -4.24
N LYS B 25 -5.07 3.75 -5.33
CA LYS B 25 -4.53 3.83 -6.69
C LYS B 25 -3.86 5.16 -6.98
N ALA B 26 -4.41 6.26 -6.47
CA ALA B 26 -3.77 7.57 -6.56
C ALA B 26 -2.33 7.59 -5.96
N VAL B 27 -2.28 7.56 -4.63
CA VAL B 27 -1.04 7.72 -3.86
C VAL B 27 -0.01 6.72 -4.30
N PHE B 28 -0.34 5.44 -4.16
CA PHE B 28 0.53 4.39 -4.62
C PHE B 28 0.87 4.42 -6.11
N GLY B 29 -0.15 4.48 -6.96
CA GLY B 29 0.08 4.61 -8.39
C GLY B 29 0.91 5.79 -8.83
N LYS B 30 1.12 6.79 -7.96
CA LYS B 30 1.95 7.97 -8.32
C LYS B 30 3.25 7.58 -9.03
N HIS B 31 3.90 6.52 -8.53
CA HIS B 31 5.13 6.00 -9.16
C HIS B 31 5.15 4.48 -9.51
N GLY B 32 4.03 3.76 -9.65
CA GLY B 32 4.05 2.35 -10.05
C GLY B 32 2.75 1.85 -10.72
N PRO B 33 2.75 0.59 -11.17
CA PRO B 33 1.65 -0.05 -11.88
C PRO B 33 0.41 -0.36 -11.00
N ILE B 34 0.53 -1.34 -10.09
CA ILE B 34 -0.57 -1.70 -9.15
C ILE B 34 -1.50 -2.78 -9.73
N SER B 35 -1.36 -4.01 -9.23
CA SER B 35 -2.15 -5.18 -9.58
C SER B 35 -3.05 -5.66 -8.44
N GLU B 36 -2.87 -5.16 -7.21
CA GLU B 36 -3.72 -5.56 -6.08
C GLU B 36 -3.98 -4.38 -5.15
N VAL B 37 -5.24 -4.18 -4.75
CA VAL B 37 -5.71 -3.02 -3.99
C VAL B 37 -6.54 -3.48 -2.79
N LEU B 38 -6.10 -3.15 -1.58
CA LEU B 38 -6.64 -3.63 -0.31
C LEU B 38 -6.83 -2.51 0.71
N LEU B 39 -7.96 -2.49 1.40
CA LEU B 39 -8.20 -1.65 2.58
C LEU B 39 -8.70 -2.52 3.73
N ILE B 40 -8.18 -2.31 4.94
CA ILE B 40 -8.35 -3.26 6.03
C ILE B 40 -9.39 -2.72 6.98
N LYS B 41 -10.29 -3.69 7.27
CA LYS B 41 -11.53 -3.47 8.04
C LYS B 41 -11.60 -4.58 9.13
N ASP B 42 -12.81 -5.04 9.46
CA ASP B 42 -13.24 -5.91 10.55
C ASP B 42 -14.63 -6.47 10.16
N ARG B 43 -15.04 -7.70 10.48
CA ARG B 43 -16.31 -8.36 10.02
C ARG B 43 -16.56 -8.35 8.50
N THR B 44 -15.62 -7.93 7.65
CA THR B 44 -15.97 -7.65 6.23
C THR B 44 -16.86 -6.40 6.09
N SER B 45 -16.95 -5.66 7.24
CA SER B 45 -17.40 -4.26 7.29
C SER B 45 -18.05 -3.74 8.60
N LYS B 46 -17.60 -4.22 9.78
CA LYS B 46 -17.80 -3.47 11.07
C LYS B 46 -17.31 -1.99 10.82
N SER B 47 -16.20 -1.86 10.05
CA SER B 47 -15.81 -0.59 9.39
C SER B 47 -14.77 0.32 10.06
N ARG B 48 -13.50 0.07 9.70
CA ARG B 48 -12.24 0.77 9.97
C ARG B 48 -11.39 0.65 8.70
N GLY B 49 -10.35 1.48 8.56
CA GLY B 49 -9.57 1.66 7.32
C GLY B 49 -8.03 1.71 7.43
N PHE B 50 -7.31 0.69 6.92
CA PHE B 50 -5.83 0.81 6.67
C PHE B 50 -5.38 0.17 5.35
N ALA B 51 -4.47 0.73 4.55
CA ALA B 51 -4.30 0.30 3.15
C ALA B 51 -3.09 -0.55 2.85
N PHE B 52 -3.36 -1.59 2.06
CA PHE B 52 -2.33 -2.41 1.46
C PHE B 52 -2.37 -2.35 -0.09
N ILE B 53 -1.24 -2.22 -0.82
CA ILE B 53 -1.30 -2.34 -2.31
C ILE B 53 -0.15 -3.20 -2.84
N THR B 54 -0.41 -4.13 -3.77
CA THR B 54 0.65 -4.89 -4.45
C THR B 54 0.85 -4.35 -5.85
N PHE B 55 2.14 -4.20 -6.17
CA PHE B 55 2.70 -3.74 -7.42
C PHE B 55 3.26 -4.93 -8.19
N GLU B 56 2.96 -4.99 -9.49
CA GLU B 56 3.57 -5.97 -10.40
C GLU B 56 5.10 -6.18 -10.26
N ASN B 57 5.87 -5.17 -9.81
CA ASN B 57 7.28 -5.37 -9.43
C ASN B 57 7.62 -4.66 -8.09
N PRO B 58 8.58 -5.20 -7.31
CA PRO B 58 9.06 -4.62 -6.06
C PRO B 58 9.77 -3.27 -6.27
N ALA B 59 10.45 -3.15 -7.42
CA ALA B 59 10.97 -1.87 -7.89
C ALA B 59 9.97 -0.73 -7.71
N ASP B 60 8.84 -0.90 -8.40
CA ASP B 60 7.80 0.09 -8.42
C ASP B 60 7.16 0.38 -7.05
N ALA B 61 7.06 -0.65 -6.22
CA ALA B 61 6.68 -0.48 -4.81
C ALA B 61 7.60 0.51 -4.10
N LYS B 62 8.90 0.25 -4.22
CA LYS B 62 10.00 1.10 -3.70
C LYS B 62 9.89 2.52 -4.23
N ASN B 63 9.64 2.62 -5.52
CA ASN B 63 9.42 3.88 -6.19
C ASN B 63 8.29 4.73 -5.59
N ALA B 64 7.08 4.17 -5.52
CA ALA B 64 5.97 4.82 -4.83
C ALA B 64 6.32 5.16 -3.36
N ALA B 65 6.99 4.25 -2.64
CA ALA B 65 7.54 4.56 -1.31
C ALA B 65 8.50 5.76 -1.27
N LYS B 66 9.46 5.81 -2.18
CA LYS B 66 10.44 6.90 -2.40
C LYS B 66 9.73 8.22 -2.64
N ASP B 67 8.81 8.17 -3.60
CA ASP B 67 7.99 9.32 -3.96
C ASP B 67 7.21 9.94 -2.79
N MET B 68 6.28 9.11 -2.34
CA MET B 68 5.19 9.54 -1.44
C MET B 68 5.59 9.93 -0.01
N ASN B 69 5.75 8.89 0.82
CA ASN B 69 6.43 8.97 2.14
C ASN B 69 6.02 10.01 3.22
N GLY B 70 5.03 10.85 2.97
CA GLY B 70 4.59 11.90 3.90
C GLY B 70 3.95 13.11 3.24
N LYS B 71 3.22 12.82 2.16
CA LYS B 71 2.34 13.79 1.55
C LYS B 71 1.01 13.73 2.32
N SER B 72 0.02 14.48 1.88
CA SER B 72 -1.24 14.60 2.59
C SER B 72 -2.35 15.01 1.63
N LEU B 73 -3.42 14.23 1.64
CA LEU B 73 -4.44 14.31 0.59
C LEU B 73 -5.88 13.94 1.00
N HIS B 74 -6.15 13.80 2.31
CA HIS B 74 -7.50 13.49 2.83
C HIS B 74 -7.82 14.11 4.21
N GLY B 75 -7.13 15.18 4.60
CA GLY B 75 -7.39 15.85 5.89
C GLY B 75 -6.72 15.19 7.10
N LYS B 76 -5.66 14.38 6.88
CA LYS B 76 -4.80 13.90 7.97
C LYS B 76 -3.37 13.83 7.45
N ALA B 77 -3.15 12.86 6.55
CA ALA B 77 -1.83 12.58 5.96
C ALA B 77 -1.76 11.12 5.51
N ILE B 78 -0.79 10.83 4.64
CA ILE B 78 -0.41 9.45 4.31
C ILE B 78 1.04 9.18 4.63
N LYS B 79 1.23 8.00 5.20
CA LYS B 79 2.57 7.47 5.43
C LYS B 79 2.77 6.14 4.71
N VAL B 80 3.92 6.00 4.06
CA VAL B 80 4.21 4.90 3.13
C VAL B 80 5.36 4.02 3.63
N GLU B 81 5.03 2.75 3.80
CA GLU B 81 5.81 1.70 4.45
C GLU B 81 5.75 0.42 3.59
N GLN B 82 6.80 -0.42 3.57
CA GLN B 82 6.72 -1.70 2.85
C GLN B 82 6.27 -2.77 3.85
N ALA B 83 5.17 -3.44 3.52
CA ALA B 83 4.41 -4.28 4.44
C ALA B 83 5.17 -5.48 5.03
N LYS B 84 4.72 -5.90 6.21
CA LYS B 84 5.27 -7.07 6.92
C LYS B 84 4.21 -8.17 7.07
N LYS B 85 4.56 -9.28 7.71
CA LYS B 85 3.56 -10.26 8.18
C LYS B 85 2.67 -9.58 9.25
N PRO B 86 1.37 -9.94 9.34
CA PRO B 86 0.45 -9.28 10.25
C PRO B 86 0.70 -9.62 11.72
N SER B 87 0.35 -8.70 12.61
CA SER B 87 0.31 -8.92 14.07
C SER B 87 -0.92 -9.73 14.54
N PHE B 88 -1.76 -10.18 13.61
CA PHE B 88 -2.98 -10.97 13.82
C PHE B 88 -3.14 -11.98 12.67
N GLN B 89 -3.29 -13.26 12.99
CA GLN B 89 -3.33 -14.38 12.02
C GLN B 89 -4.55 -15.32 12.22
N SER B 90 -5.37 -15.09 13.26
CA SER B 90 -6.52 -15.95 13.59
C SER B 90 -7.70 -15.81 12.61
N GLY B 91 -7.78 -14.70 11.87
CA GLY B 91 -8.87 -14.40 10.93
C GLY B 91 -8.59 -13.28 9.92
N GLY B 92 -7.31 -13.01 9.61
CA GLY B 92 -6.92 -11.96 8.66
C GLY B 92 -7.40 -12.25 7.21
N ARG B 93 -7.55 -11.19 6.40
CA ARG B 93 -8.21 -11.24 5.07
C ARG B 93 -7.35 -10.63 3.95
N ARG B 94 -7.64 -11.02 2.71
CA ARG B 94 -6.88 -10.70 1.49
C ARG B 94 -7.77 -10.82 0.24
N ARG B 95 -7.35 -10.21 -0.87
CA ARG B 95 -7.88 -10.19 -2.27
C ARG B 95 -8.46 -8.81 -2.63
N PRO B 96 -8.40 -8.37 -3.90
CA PRO B 96 -8.93 -7.06 -4.32
C PRO B 96 -10.48 -7.05 -4.38
N PRO B 97 -11.11 -5.85 -4.34
CA PRO B 97 -12.56 -5.70 -4.48
C PRO B 97 -13.04 -5.96 -5.92
N ALA B 98 -14.37 -6.05 -6.09
CA ALA B 98 -15.04 -6.13 -7.39
C ALA B 98 -16.35 -5.30 -7.37
N SER B 99 -16.54 -4.47 -8.39
CA SER B 99 -17.59 -3.44 -8.48
C SER B 99 -18.03 -3.21 -9.93
N SER B 100 -19.13 -2.47 -10.13
CA SER B 100 -19.58 -1.97 -11.44
C SER B 100 -20.28 -0.60 -11.31
N ARG B 101 -20.37 0.11 -12.44
CA ARG B 101 -20.99 1.44 -12.59
C ARG B 101 -21.84 1.54 -13.87
N ASN B 102 -22.20 0.39 -14.46
CA ASN B 102 -23.06 0.30 -15.64
C ASN B 102 -24.47 0.88 -15.38
N ARG B 103 -25.11 1.41 -16.44
CA ARG B 103 -26.43 2.08 -16.43
C ARG B 103 -26.69 2.93 -15.17
N SER B 104 -25.75 3.83 -14.87
CA SER B 104 -25.79 4.72 -13.69
C SER B 104 -27.14 5.46 -13.57
N PRO B 105 -27.77 5.52 -12.37
CA PRO B 105 -29.11 6.07 -12.20
C PRO B 105 -29.18 7.59 -12.37
N SER B 106 -30.37 8.09 -12.70
CA SER B 106 -30.71 9.51 -12.88
C SER B 106 -32.19 9.79 -12.59
N GLY B 107 -32.56 11.07 -12.47
CA GLY B 107 -33.92 11.52 -12.15
C GLY B 107 -34.07 13.04 -12.04
N SER B 108 -35.28 13.49 -11.65
CA SER B 108 -35.64 14.91 -11.45
C SER B 108 -36.65 15.07 -10.29
N MET B 1 12.07 -18.09 5.05
CA MET B 1 12.01 -16.69 5.53
C MET B 1 12.02 -15.73 4.32
N VAL B 2 11.08 -14.77 4.29
CA VAL B 2 10.98 -13.72 3.25
C VAL B 2 10.82 -12.35 3.92
N GLU B 3 11.81 -11.48 3.78
CA GLU B 3 11.85 -10.15 4.40
C GLU B 3 10.86 -9.14 3.78
N ALA B 4 10.59 -8.02 4.47
CA ALA B 4 9.86 -6.86 3.96
C ALA B 4 10.68 -6.07 2.92
N ASP B 5 10.83 -6.68 1.75
CA ASP B 5 11.54 -6.07 0.61
C ASP B 5 11.11 -6.76 -0.70
N HIS B 6 10.97 -8.09 -0.66
CA HIS B 6 10.52 -8.94 -1.76
C HIS B 6 9.04 -8.81 -2.17
N PRO B 7 8.05 -8.63 -1.25
CA PRO B 7 6.63 -8.55 -1.65
C PRO B 7 6.29 -7.17 -2.21
N GLY B 8 5.67 -7.12 -3.39
CA GLY B 8 5.22 -5.87 -4.01
C GLY B 8 3.87 -5.40 -3.48
N LYS B 9 3.67 -5.48 -2.17
CA LYS B 9 2.36 -5.21 -1.56
C LYS B 9 2.67 -4.24 -0.44
N LEU B 10 1.92 -3.15 -0.46
CA LEU B 10 2.35 -1.94 0.20
C LEU B 10 1.21 -1.28 1.01
N PHE B 11 1.50 -0.80 2.23
CA PHE B 11 0.52 -0.33 3.24
C PHE B 11 0.53 1.21 3.29
N ILE B 12 -0.66 1.81 3.13
CA ILE B 12 -0.84 3.24 3.30
C ILE B 12 -1.72 3.39 4.53
N GLY B 13 -1.22 4.26 5.38
CA GLY B 13 -1.77 4.54 6.67
C GLY B 13 -2.31 5.96 6.73
N GLY B 14 -3.61 5.95 6.98
CA GLY B 14 -4.36 7.18 7.19
C GLY B 14 -5.82 6.91 7.07
N LEU B 15 -6.34 7.14 5.88
CA LEU B 15 -7.73 6.78 5.54
C LEU B 15 -8.84 7.48 6.27
N ASN B 16 -8.59 7.80 7.51
CA ASN B 16 -9.32 8.65 8.40
C ASN B 16 -10.86 8.47 8.37
N ARG B 17 -11.29 7.27 7.92
CA ARG B 17 -12.66 6.93 7.55
C ARG B 17 -13.30 8.06 6.71
N GLU B 18 -12.50 8.54 5.76
CA GLU B 18 -12.65 9.73 4.94
C GLU B 18 -12.32 9.43 3.47
N THR B 19 -11.10 8.95 3.17
CA THR B 19 -10.68 8.69 1.77
C THR B 19 -10.43 7.21 1.44
N ASN B 20 -10.20 6.87 0.16
CA ASN B 20 -10.23 5.47 -0.30
C ASN B 20 -9.45 5.23 -1.60
N GLU B 21 -9.88 4.31 -2.50
CA GLU B 21 -9.12 3.95 -3.72
C GLU B 21 -8.65 5.11 -4.62
N LYS B 22 -9.28 6.24 -4.32
CA LYS B 22 -9.04 7.46 -5.08
C LYS B 22 -7.62 7.86 -4.76
N MET B 23 -7.50 8.03 -3.44
CA MET B 23 -6.23 8.19 -2.80
C MET B 23 -5.32 7.01 -3.19
N LEU B 24 -5.77 5.74 -3.16
CA LEU B 24 -4.85 4.62 -3.41
C LEU B 24 -4.11 4.75 -4.74
N LYS B 25 -4.81 4.64 -5.88
CA LYS B 25 -4.18 4.80 -7.18
C LYS B 25 -3.44 6.12 -7.32
N ALA B 26 -3.95 7.20 -6.72
CA ALA B 26 -3.21 8.43 -6.62
C ALA B 26 -1.81 8.22 -5.97
N VAL B 27 -1.87 8.06 -4.65
CA VAL B 27 -0.68 8.04 -3.78
C VAL B 27 0.35 7.04 -4.23
N PHE B 28 -0.07 5.80 -4.35
CA PHE B 28 0.76 4.73 -4.86
C PHE B 28 1.19 4.87 -6.31
N GLY B 29 0.27 5.17 -7.23
CA GLY B 29 0.65 5.46 -8.61
C GLY B 29 1.67 6.57 -8.78
N LYS B 30 1.89 7.37 -7.72
CA LYS B 30 2.95 8.40 -7.73
C LYS B 30 4.34 7.98 -8.21
N HIS B 31 4.61 6.68 -8.18
CA HIS B 31 5.83 6.15 -8.77
C HIS B 31 5.73 4.71 -9.35
N GLY B 32 4.55 4.10 -9.54
CA GLY B 32 4.47 2.72 -10.01
C GLY B 32 3.19 2.37 -10.79
N PRO B 33 3.11 1.12 -11.24
CA PRO B 33 2.03 0.61 -12.09
C PRO B 33 0.70 0.36 -11.35
N ILE B 34 0.67 -0.67 -10.47
CA ILE B 34 -0.50 -0.94 -9.61
C ILE B 34 -1.51 -1.91 -10.28
N SER B 35 -1.55 -3.17 -9.85
CA SER B 35 -2.46 -4.20 -10.38
C SER B 35 -3.40 -4.79 -9.31
N GLU B 36 -3.35 -4.33 -8.05
CA GLU B 36 -4.40 -4.68 -7.06
C GLU B 36 -4.62 -3.57 -6.02
N VAL B 37 -5.86 -3.34 -5.60
CA VAL B 37 -6.32 -2.20 -4.78
C VAL B 37 -7.24 -2.67 -3.64
N LEU B 38 -6.83 -2.43 -2.39
CA LEU B 38 -7.40 -3.00 -1.16
C LEU B 38 -7.61 -2.00 -0.01
N LEU B 39 -8.77 -2.07 0.65
CA LEU B 39 -9.11 -1.32 1.87
C LEU B 39 -9.47 -2.33 2.98
N ILE B 40 -8.96 -2.15 4.19
CA ILE B 40 -9.06 -3.18 5.24
C ILE B 40 -9.93 -2.71 6.41
N LYS B 41 -10.80 -3.66 6.82
CA LYS B 41 -11.88 -3.40 7.79
C LYS B 41 -11.75 -4.31 9.04
N ASP B 42 -12.84 -5.02 9.35
CA ASP B 42 -13.22 -5.82 10.53
C ASP B 42 -14.59 -6.44 10.20
N ARG B 43 -14.94 -7.69 10.57
CA ARG B 43 -16.18 -8.41 10.13
C ARG B 43 -16.43 -8.43 8.62
N THR B 44 -15.49 -7.97 7.80
CA THR B 44 -15.79 -7.71 6.36
C THR B 44 -16.70 -6.49 6.16
N SER B 45 -17.06 -5.86 7.31
CA SER B 45 -17.60 -4.48 7.35
C SER B 45 -18.24 -3.99 8.69
N LYS B 46 -17.75 -4.43 9.86
CA LYS B 46 -17.96 -3.70 11.15
C LYS B 46 -17.55 -2.20 10.90
N SER B 47 -16.46 -2.00 10.12
CA SER B 47 -16.13 -0.71 9.49
C SER B 47 -15.08 0.19 10.18
N ARG B 48 -13.81 -0.03 9.76
CA ARG B 48 -12.54 0.68 9.95
C ARG B 48 -11.83 0.61 8.57
N GLY B 49 -10.81 1.43 8.35
CA GLY B 49 -10.19 1.70 7.05
C GLY B 49 -8.65 1.79 7.01
N PHE B 50 -7.96 0.80 6.42
CA PHE B 50 -6.51 0.96 6.08
C PHE B 50 -6.11 0.40 4.71
N ALA B 51 -5.15 0.99 4.00
CA ALA B 51 -4.95 0.71 2.58
C ALA B 51 -3.78 -0.18 2.22
N PHE B 52 -4.07 -1.10 1.32
CA PHE B 52 -3.15 -2.02 0.68
C PHE B 52 -3.15 -1.82 -0.85
N ILE B 53 -2.00 -1.78 -1.50
CA ILE B 53 -1.91 -1.84 -2.97
C ILE B 53 -0.84 -2.84 -3.38
N THR B 54 -1.16 -3.67 -4.38
CA THR B 54 -0.20 -4.59 -4.97
C THR B 54 0.23 -4.05 -6.33
N PHE B 55 1.56 -4.00 -6.51
CA PHE B 55 2.29 -3.47 -7.65
C PHE B 55 2.82 -4.63 -8.50
N GLU B 56 2.67 -4.50 -9.82
CA GLU B 56 3.31 -5.43 -10.78
C GLU B 56 4.80 -5.77 -10.49
N ASN B 57 5.57 -4.86 -9.86
CA ASN B 57 6.90 -5.21 -9.34
C ASN B 57 7.12 -4.65 -7.92
N PRO B 58 7.90 -5.34 -7.06
CA PRO B 58 8.24 -4.89 -5.71
C PRO B 58 9.14 -3.65 -5.71
N ALA B 59 9.98 -3.56 -6.74
CA ALA B 59 10.72 -2.35 -7.05
C ALA B 59 9.83 -1.11 -6.94
N ASP B 60 8.81 -1.13 -7.78
CA ASP B 60 7.86 -0.04 -7.87
C ASP B 60 7.10 0.26 -6.58
N ALA B 61 6.78 -0.78 -5.80
CA ALA B 61 6.25 -0.61 -4.45
C ALA B 61 7.20 0.24 -3.59
N LYS B 62 8.45 -0.20 -3.51
CA LYS B 62 9.53 0.50 -2.78
C LYS B 62 9.72 1.94 -3.27
N ASN B 63 9.71 2.09 -4.58
CA ASN B 63 9.74 3.39 -5.24
C ASN B 63 8.61 4.33 -4.78
N ALA B 64 7.36 3.92 -4.99
CA ALA B 64 6.20 4.66 -4.49
C ALA B 64 6.26 4.90 -2.98
N ALA B 65 6.75 3.94 -2.19
CA ALA B 65 7.06 4.17 -0.78
C ALA B 65 8.02 5.33 -0.54
N LYS B 66 9.24 5.23 -1.08
CA LYS B 66 10.35 6.17 -0.97
C LYS B 66 9.97 7.56 -1.42
N ASP B 67 9.21 7.62 -2.52
CA ASP B 67 8.56 8.85 -2.96
C ASP B 67 7.69 9.48 -1.87
N MET B 68 6.70 8.69 -1.51
CA MET B 68 5.58 9.14 -0.66
C MET B 68 5.93 9.43 0.80
N ASN B 69 6.01 8.34 1.58
CA ASN B 69 6.59 8.36 2.94
C ASN B 69 6.19 9.40 4.02
N GLY B 70 5.28 10.31 3.72
CA GLY B 70 4.90 11.46 4.56
C GLY B 70 4.41 12.70 3.82
N LYS B 71 3.76 12.47 2.67
CA LYS B 71 3.03 13.52 1.97
C LYS B 71 1.65 13.66 2.64
N SER B 72 0.76 14.49 2.11
CA SER B 72 -0.56 14.69 2.69
C SER B 72 -1.54 15.22 1.66
N LEU B 73 -2.63 14.47 1.52
CA LEU B 73 -3.60 14.61 0.45
C LEU B 73 -5.06 14.29 0.84
N HIS B 74 -5.31 14.11 2.14
CA HIS B 74 -6.65 14.03 2.76
C HIS B 74 -6.71 14.81 4.10
N GLY B 75 -5.89 15.86 4.27
CA GLY B 75 -5.93 16.70 5.49
C GLY B 75 -5.51 15.99 6.79
N LYS B 76 -4.62 15.00 6.69
CA LYS B 76 -4.14 14.22 7.86
C LYS B 76 -2.73 13.65 7.68
N ALA B 77 -2.41 13.28 6.43
CA ALA B 77 -1.08 12.78 6.03
C ALA B 77 -1.03 11.26 5.92
N ILE B 78 -0.07 10.79 5.13
CA ILE B 78 0.05 9.37 4.79
C ILE B 78 1.37 8.81 5.29
N LYS B 79 1.27 7.63 5.88
CA LYS B 79 2.45 6.82 6.19
C LYS B 79 2.53 5.68 5.20
N VAL B 80 3.72 5.45 4.62
CA VAL B 80 3.94 4.36 3.65
C VAL B 80 4.96 3.35 4.13
N GLU B 81 4.51 2.10 4.20
CA GLU B 81 5.18 0.93 4.78
C GLU B 81 5.06 -0.30 3.86
N GLN B 82 5.96 -1.28 3.93
CA GLN B 82 5.98 -2.42 3.01
C GLN B 82 5.41 -3.65 3.74
N ALA B 83 4.37 -4.24 3.15
CA ALA B 83 3.53 -5.22 3.84
C ALA B 83 4.19 -6.55 4.25
N LYS B 84 3.51 -7.19 5.21
CA LYS B 84 3.84 -8.56 5.64
C LYS B 84 2.54 -9.32 5.95
N LYS B 85 2.62 -10.60 6.35
CA LYS B 85 1.45 -11.33 6.89
C LYS B 85 0.76 -10.58 8.05
N PRO B 86 -0.54 -10.81 8.32
CA PRO B 86 -1.31 -10.03 9.31
C PRO B 86 -0.86 -10.34 10.75
N SER B 87 -0.64 -9.28 11.55
CA SER B 87 -0.08 -9.40 12.91
C SER B 87 -0.39 -8.17 13.78
N PHE B 88 -0.90 -8.44 14.99
CA PHE B 88 -1.17 -7.43 16.04
C PHE B 88 0.09 -6.75 16.59
N GLN B 89 1.29 -7.17 16.19
CA GLN B 89 2.59 -6.70 16.68
C GLN B 89 3.47 -6.10 15.54
N SER B 90 2.82 -5.64 14.45
CA SER B 90 3.44 -5.02 13.27
C SER B 90 4.32 -5.99 12.44
N GLY B 91 4.99 -5.49 11.39
CA GLY B 91 5.79 -6.30 10.47
C GLY B 91 6.71 -5.51 9.53
N GLY B 92 7.18 -4.32 9.92
CA GLY B 92 8.03 -3.46 9.07
C GLY B 92 8.90 -2.48 9.85
N ARG B 93 9.70 -1.70 9.10
CA ARG B 93 10.74 -0.80 9.63
C ARG B 93 10.91 0.44 8.74
N ARG B 94 9.82 1.18 8.48
CA ARG B 94 9.85 2.50 7.82
C ARG B 94 10.96 3.38 8.41
N ARG B 95 11.78 3.97 7.52
CA ARG B 95 12.97 4.77 7.84
C ARG B 95 13.06 5.92 6.83
N PRO B 96 13.19 7.20 7.28
CA PRO B 96 13.17 8.35 6.37
C PRO B 96 14.40 8.40 5.44
N PRO B 97 14.32 9.12 4.30
CA PRO B 97 15.45 9.31 3.38
C PRO B 97 16.59 10.12 4.00
N ALA B 98 17.76 10.11 3.35
CA ALA B 98 18.96 10.85 3.78
C ALA B 98 18.68 12.36 3.98
N SER B 99 19.06 12.88 5.16
CA SER B 99 18.84 14.28 5.56
C SER B 99 19.82 14.68 6.70
N SER B 100 19.75 15.93 7.14
CA SER B 100 20.62 16.55 8.16
C SER B 100 19.83 17.43 9.14
N ARG B 101 20.42 17.72 10.31
CA ARG B 101 19.82 18.51 11.41
C ARG B 101 20.90 19.34 12.10
N ASN B 102 20.58 20.59 12.43
CA ASN B 102 21.50 21.58 13.00
C ASN B 102 20.87 22.30 14.22
N ARG B 103 21.67 23.07 14.97
CA ARG B 103 21.19 23.89 16.10
C ARG B 103 20.25 25.02 15.62
N SER B 104 19.28 25.41 16.45
CA SER B 104 18.43 26.59 16.22
C SER B 104 19.28 27.89 16.21
N PRO B 105 19.01 28.87 15.33
CA PRO B 105 19.73 30.16 15.33
C PRO B 105 19.40 31.02 16.57
N SER B 106 20.24 32.03 16.83
CA SER B 106 20.09 32.98 17.95
C SER B 106 20.58 34.39 17.61
N GLY B 107 20.10 35.39 18.34
CA GLY B 107 20.42 36.81 18.15
C GLY B 107 19.58 37.75 19.05
N SER B 108 19.80 39.06 18.88
CA SER B 108 19.16 40.15 19.67
C SER B 108 18.77 41.34 18.80
#